data_4Y0L
# 
_entry.id   4Y0L 
# 
_audit_conform.dict_name       mmcif_pdbx.dic 
_audit_conform.dict_version    5.387 
_audit_conform.dict_location   http://mmcif.pdb.org/dictionaries/ascii/mmcif_pdbx.dic 
# 
loop_
_database_2.database_id 
_database_2.database_code 
_database_2.pdbx_database_accession 
_database_2.pdbx_DOI 
PDB   4Y0L         pdb_00004y0l 10.2210/pdb4y0l/pdb 
WWPDB D_1000205497 ?            ?                   
# 
loop_
_pdbx_audit_revision_history.ordinal 
_pdbx_audit_revision_history.data_content_type 
_pdbx_audit_revision_history.major_revision 
_pdbx_audit_revision_history.minor_revision 
_pdbx_audit_revision_history.revision_date 
1 'Structure model' 1 0 2015-08-12 
2 'Structure model' 1 1 2015-09-02 
3 'Structure model' 1 2 2024-02-28 
# 
_pdbx_audit_revision_details.ordinal             1 
_pdbx_audit_revision_details.revision_ordinal    1 
_pdbx_audit_revision_details.data_content_type   'Structure model' 
_pdbx_audit_revision_details.provider            repository 
_pdbx_audit_revision_details.type                'Initial release' 
_pdbx_audit_revision_details.description         ? 
_pdbx_audit_revision_details.details             ? 
# 
loop_
_pdbx_audit_revision_group.ordinal 
_pdbx_audit_revision_group.revision_ordinal 
_pdbx_audit_revision_group.data_content_type 
_pdbx_audit_revision_group.group 
1 2 'Structure model' 'Database references'  
2 2 'Structure model' Other                  
3 3 'Structure model' 'Data collection'      
4 3 'Structure model' 'Database references'  
5 3 'Structure model' 'Derived calculations' 
# 
loop_
_pdbx_audit_revision_category.ordinal 
_pdbx_audit_revision_category.revision_ordinal 
_pdbx_audit_revision_category.data_content_type 
_pdbx_audit_revision_category.category 
1 3 'Structure model' chem_comp_atom              
2 3 'Structure model' chem_comp_bond              
3 3 'Structure model' database_2                  
4 3 'Structure model' diffrn_radiation_wavelength 
5 3 'Structure model' pdbx_struct_oper_list       
# 
loop_
_pdbx_audit_revision_item.ordinal 
_pdbx_audit_revision_item.revision_ordinal 
_pdbx_audit_revision_item.data_content_type 
_pdbx_audit_revision_item.item 
1 3 'Structure model' '_database_2.pdbx_DOI'                      
2 3 'Structure model' '_database_2.pdbx_database_accession'       
3 3 'Structure model' '_pdbx_struct_oper_list.symmetry_operation' 
# 
_pdbx_database_status.status_code                     REL 
_pdbx_database_status.status_code_sf                  REL 
_pdbx_database_status.status_code_mr                  ? 
_pdbx_database_status.entry_id                        4Y0L 
_pdbx_database_status.recvd_initial_deposition_date   2015-02-06 
_pdbx_database_status.SG_entry                        N 
_pdbx_database_status.deposit_site                    RCSB 
_pdbx_database_status.process_site                    RCSB 
_pdbx_database_status.status_code_cs                  ? 
_pdbx_database_status.methods_development_category    ? 
_pdbx_database_status.pdb_format_compatible           Y 
_pdbx_database_status.status_code_nmr_data            ? 
# 
loop_
_audit_author.name 
_audit_author.pdbx_ordinal 
'Torres, R.'     1 
'Chim, N.'       2 
'Goulding, C.W.' 3 
# 
_citation.abstract                  ? 
_citation.abstract_id_CAS           ? 
_citation.book_id_ISBN              ? 
_citation.book_publisher            ? 
_citation.book_publisher_city       ? 
_citation.book_title                ? 
_citation.coordinate_linkage        ? 
_citation.country                   UK 
_citation.database_id_Medline       ? 
_citation.details                   ? 
_citation.id                        primary 
_citation.journal_abbrev            Chem.Biol. 
_citation.journal_id_ASTM           CBOLE2 
_citation.journal_id_CSD            2050 
_citation.journal_id_ISSN           1074-5521 
_citation.journal_full              ? 
_citation.journal_issue             ? 
_citation.journal_volume            22 
_citation.language                  ? 
_citation.page_first                1098 
_citation.page_last                 1107 
_citation.title                     
'The Structure and Interactions of Periplasmic Domains of Crucial MmpL Membrane Proteins from Mycobacterium tuberculosis.' 
_citation.year                      2015 
_citation.database_id_CSD           ? 
_citation.pdbx_database_id_DOI      10.1016/j.chembiol.2015.07.013 
_citation.pdbx_database_id_PubMed   26278184 
_citation.unpublished_flag          ? 
# 
loop_
_citation_author.citation_id 
_citation_author.name 
_citation_author.ordinal 
_citation_author.identifier_ORCID 
primary 'Chim, N.'         1 ? 
primary 'Torres, R.'       2 ? 
primary 'Liu, Y.'          3 ? 
primary 'Capri, J.'        4 ? 
primary 'Batot, G.'        5 ? 
primary 'Whitelegge, J.P.' 6 ? 
primary 'Goulding, C.W.'   7 ? 
# 
loop_
_entity.id 
_entity.type 
_entity.src_method 
_entity.pdbx_description 
_entity.formula_weight 
_entity.pdbx_number_of_molecules 
_entity.pdbx_ec 
_entity.pdbx_mutation 
_entity.pdbx_fragment 
_entity.details 
1 polymer     man 'Putative membrane protein mmpL11' 9176.288 1  ? ? 'UNP residues 424-511' ? 
2 non-polymer syn 'IODIDE ION'                       126.904  9  ? ? ?                      ? 
3 non-polymer syn 'SULFATE ION'                      96.063   1  ? ? ?                      ? 
4 water       nat water                              18.015   16 ? ? ?                      ? 
# 
_entity_poly.entity_id                      1 
_entity_poly.type                           'polypeptide(L)' 
_entity_poly.nstd_linkage                   no 
_entity_poly.nstd_monomer                   no 
_entity_poly.pdbx_seq_one_letter_code       
;PVQVLVRFDAGGASAPEHSQTIAAIRHRIAQAPNVVSVAPPRFADDNGSALLSAVLSVDPEDLGARDTITWMRTQLPRVA
GAAQVDVG
;
_entity_poly.pdbx_seq_one_letter_code_can   
;PVQVLVRFDAGGASAPEHSQTIAAIRHRIAQAPNVVSVAPPRFADDNGSALLSAVLSVDPEDLGARDTITWMRTQLPRVA
GAAQVDVG
;
_entity_poly.pdbx_strand_id                 A 
_entity_poly.pdbx_target_identifier         ? 
# 
loop_
_pdbx_entity_nonpoly.entity_id 
_pdbx_entity_nonpoly.name 
_pdbx_entity_nonpoly.comp_id 
2 'IODIDE ION'  IOD 
3 'SULFATE ION' SO4 
4 water         HOH 
# 
loop_
_entity_poly_seq.entity_id 
_entity_poly_seq.num 
_entity_poly_seq.mon_id 
_entity_poly_seq.hetero 
1 1  PRO n 
1 2  VAL n 
1 3  GLN n 
1 4  VAL n 
1 5  LEU n 
1 6  VAL n 
1 7  ARG n 
1 8  PHE n 
1 9  ASP n 
1 10 ALA n 
1 11 GLY n 
1 12 GLY n 
1 13 ALA n 
1 14 SER n 
1 15 ALA n 
1 16 PRO n 
1 17 GLU n 
1 18 HIS n 
1 19 SER n 
1 20 GLN n 
1 21 THR n 
1 22 ILE n 
1 23 ALA n 
1 24 ALA n 
1 25 ILE n 
1 26 ARG n 
1 27 HIS n 
1 28 ARG n 
1 29 ILE n 
1 30 ALA n 
1 31 GLN n 
1 32 ALA n 
1 33 PRO n 
1 34 ASN n 
1 35 VAL n 
1 36 VAL n 
1 37 SER n 
1 38 VAL n 
1 39 ALA n 
1 40 PRO n 
1 41 PRO n 
1 42 ARG n 
1 43 PHE n 
1 44 ALA n 
1 45 ASP n 
1 46 ASP n 
1 47 ASN n 
1 48 GLY n 
1 49 SER n 
1 50 ALA n 
1 51 LEU n 
1 52 LEU n 
1 53 SER n 
1 54 ALA n 
1 55 VAL n 
1 56 LEU n 
1 57 SER n 
1 58 VAL n 
1 59 ASP n 
1 60 PRO n 
1 61 GLU n 
1 62 ASP n 
1 63 LEU n 
1 64 GLY n 
1 65 ALA n 
1 66 ARG n 
1 67 ASP n 
1 68 THR n 
1 69 ILE n 
1 70 THR n 
1 71 TRP n 
1 72 MET n 
1 73 ARG n 
1 74 THR n 
1 75 GLN n 
1 76 LEU n 
1 77 PRO n 
1 78 ARG n 
1 79 VAL n 
1 80 ALA n 
1 81 GLY n 
1 82 ALA n 
1 83 ALA n 
1 84 GLN n 
1 85 VAL n 
1 86 ASP n 
1 87 VAL n 
1 88 GLY n 
# 
_entity_src_gen.entity_id                          1 
_entity_src_gen.pdbx_src_id                        1 
_entity_src_gen.pdbx_alt_source_flag               sample 
_entity_src_gen.pdbx_seq_type                      'Biological sequence' 
_entity_src_gen.pdbx_beg_seq_num                   1 
_entity_src_gen.pdbx_end_seq_num                   88 
_entity_src_gen.gene_src_common_name               ? 
_entity_src_gen.gene_src_genus                     ? 
_entity_src_gen.pdbx_gene_src_gene                 'mmpL11, Rv0202c, MTV033.10c' 
_entity_src_gen.gene_src_species                   ? 
_entity_src_gen.gene_src_strain                    'ATCC 25618 / H37Rv' 
_entity_src_gen.gene_src_tissue                    ? 
_entity_src_gen.gene_src_tissue_fraction           ? 
_entity_src_gen.gene_src_details                   ? 
_entity_src_gen.pdbx_gene_src_fragment             ? 
_entity_src_gen.pdbx_gene_src_scientific_name      'Mycobacterium tuberculosis' 
_entity_src_gen.pdbx_gene_src_ncbi_taxonomy_id     83332 
_entity_src_gen.pdbx_gene_src_variant              ? 
_entity_src_gen.pdbx_gene_src_cell_line            ? 
_entity_src_gen.pdbx_gene_src_atcc                 ? 
_entity_src_gen.pdbx_gene_src_organ                ? 
_entity_src_gen.pdbx_gene_src_organelle            ? 
_entity_src_gen.pdbx_gene_src_cell                 ? 
_entity_src_gen.pdbx_gene_src_cellular_location    ? 
_entity_src_gen.host_org_common_name               ? 
_entity_src_gen.pdbx_host_org_scientific_name      'Escherichia coli' 
_entity_src_gen.pdbx_host_org_ncbi_taxonomy_id     469008 
_entity_src_gen.host_org_genus                     ? 
_entity_src_gen.pdbx_host_org_gene                 ? 
_entity_src_gen.pdbx_host_org_organ                ? 
_entity_src_gen.host_org_species                   ? 
_entity_src_gen.pdbx_host_org_tissue               ? 
_entity_src_gen.pdbx_host_org_tissue_fraction      ? 
_entity_src_gen.pdbx_host_org_strain               'BL21(DE3)' 
_entity_src_gen.pdbx_host_org_variant              ? 
_entity_src_gen.pdbx_host_org_cell_line            ? 
_entity_src_gen.pdbx_host_org_atcc                 ? 
_entity_src_gen.pdbx_host_org_culture_collection   ? 
_entity_src_gen.pdbx_host_org_cell                 ? 
_entity_src_gen.pdbx_host_org_organelle            ? 
_entity_src_gen.pdbx_host_org_cellular_location    ? 
_entity_src_gen.pdbx_host_org_vector_type          ? 
_entity_src_gen.pdbx_host_org_vector               ? 
_entity_src_gen.host_org_details                   ? 
_entity_src_gen.expression_system_id               ? 
_entity_src_gen.plasmid_name                       ? 
_entity_src_gen.plasmid_details                    ? 
_entity_src_gen.pdbx_description                   ? 
# 
loop_
_chem_comp.id 
_chem_comp.type 
_chem_comp.mon_nstd_flag 
_chem_comp.name 
_chem_comp.pdbx_synonyms 
_chem_comp.formula 
_chem_comp.formula_weight 
ALA 'L-peptide linking' y ALANINE         ? 'C3 H7 N O2'     89.093  
ARG 'L-peptide linking' y ARGININE        ? 'C6 H15 N4 O2 1' 175.209 
ASN 'L-peptide linking' y ASPARAGINE      ? 'C4 H8 N2 O3'    132.118 
ASP 'L-peptide linking' y 'ASPARTIC ACID' ? 'C4 H7 N O4'     133.103 
GLN 'L-peptide linking' y GLUTAMINE       ? 'C5 H10 N2 O3'   146.144 
GLU 'L-peptide linking' y 'GLUTAMIC ACID' ? 'C5 H9 N O4'     147.129 
GLY 'peptide linking'   y GLYCINE         ? 'C2 H5 N O2'     75.067  
HIS 'L-peptide linking' y HISTIDINE       ? 'C6 H10 N3 O2 1' 156.162 
HOH non-polymer         . WATER           ? 'H2 O'           18.015  
ILE 'L-peptide linking' y ISOLEUCINE      ? 'C6 H13 N O2'    131.173 
IOD non-polymer         . 'IODIDE ION'    ? 'I -1'           126.904 
LEU 'L-peptide linking' y LEUCINE         ? 'C6 H13 N O2'    131.173 
MET 'L-peptide linking' y METHIONINE      ? 'C5 H11 N O2 S'  149.211 
PHE 'L-peptide linking' y PHENYLALANINE   ? 'C9 H11 N O2'    165.189 
PRO 'L-peptide linking' y PROLINE         ? 'C5 H9 N O2'     115.130 
SER 'L-peptide linking' y SERINE          ? 'C3 H7 N O3'     105.093 
SO4 non-polymer         . 'SULFATE ION'   ? 'O4 S -2'        96.063  
THR 'L-peptide linking' y THREONINE       ? 'C4 H9 N O3'     119.119 
TRP 'L-peptide linking' y TRYPTOPHAN      ? 'C11 H12 N2 O2'  204.225 
VAL 'L-peptide linking' y VALINE          ? 'C5 H11 N O2'    117.146 
# 
loop_
_pdbx_poly_seq_scheme.asym_id 
_pdbx_poly_seq_scheme.entity_id 
_pdbx_poly_seq_scheme.seq_id 
_pdbx_poly_seq_scheme.mon_id 
_pdbx_poly_seq_scheme.ndb_seq_num 
_pdbx_poly_seq_scheme.pdb_seq_num 
_pdbx_poly_seq_scheme.auth_seq_num 
_pdbx_poly_seq_scheme.pdb_mon_id 
_pdbx_poly_seq_scheme.auth_mon_id 
_pdbx_poly_seq_scheme.pdb_strand_id 
_pdbx_poly_seq_scheme.pdb_ins_code 
_pdbx_poly_seq_scheme.hetero 
A 1 1  PRO 1  424 424 PRO PRO A . n 
A 1 2  VAL 2  425 425 VAL VAL A . n 
A 1 3  GLN 3  426 426 GLN GLN A . n 
A 1 4  VAL 4  427 427 VAL VAL A . n 
A 1 5  LEU 5  428 428 LEU LEU A . n 
A 1 6  VAL 6  429 429 VAL VAL A . n 
A 1 7  ARG 7  430 430 ARG ARG A . n 
A 1 8  PHE 8  431 431 PHE PHE A . n 
A 1 9  ASP 9  432 432 ASP ASP A . n 
A 1 10 ALA 10 433 433 ALA ALA A . n 
A 1 11 GLY 11 434 434 GLY GLY A . n 
A 1 12 GLY 12 435 435 GLY GLY A . n 
A 1 13 ALA 13 436 436 ALA ALA A . n 
A 1 14 SER 14 437 437 SER SER A . n 
A 1 15 ALA 15 438 438 ALA ALA A . n 
A 1 16 PRO 16 439 439 PRO PRO A . n 
A 1 17 GLU 17 440 440 GLU GLU A . n 
A 1 18 HIS 18 441 441 HIS HIS A . n 
A 1 19 SER 19 442 442 SER SER A . n 
A 1 20 GLN 20 443 443 GLN GLN A . n 
A 1 21 THR 21 444 444 THR THR A . n 
A 1 22 ILE 22 445 445 ILE ILE A . n 
A 1 23 ALA 23 446 446 ALA ALA A . n 
A 1 24 ALA 24 447 447 ALA ALA A . n 
A 1 25 ILE 25 448 448 ILE ILE A . n 
A 1 26 ARG 26 449 449 ARG ARG A . n 
A 1 27 HIS 27 450 450 HIS HIS A . n 
A 1 28 ARG 28 451 451 ARG ARG A . n 
A 1 29 ILE 29 452 452 ILE ILE A . n 
A 1 30 ALA 30 453 453 ALA ALA A . n 
A 1 31 GLN 31 454 454 GLN GLN A . n 
A 1 32 ALA 32 455 455 ALA ALA A . n 
A 1 33 PRO 33 456 456 PRO PRO A . n 
A 1 34 ASN 34 457 457 ASN ASN A . n 
A 1 35 VAL 35 458 458 VAL VAL A . n 
A 1 36 VAL 36 459 459 VAL VAL A . n 
A 1 37 SER 37 460 460 SER SER A . n 
A 1 38 VAL 38 461 461 VAL VAL A . n 
A 1 39 ALA 39 462 462 ALA ALA A . n 
A 1 40 PRO 40 463 463 PRO PRO A . n 
A 1 41 PRO 41 464 464 PRO PRO A . n 
A 1 42 ARG 42 465 465 ARG ARG A . n 
A 1 43 PHE 43 466 466 PHE PHE A . n 
A 1 44 ALA 44 467 467 ALA ALA A . n 
A 1 45 ASP 45 468 468 ASP ASP A . n 
A 1 46 ASP 46 469 469 ASP ASP A . n 
A 1 47 ASN 47 470 470 ASN ASN A . n 
A 1 48 GLY 48 471 471 GLY GLY A . n 
A 1 49 SER 49 472 472 SER SER A . n 
A 1 50 ALA 50 473 473 ALA ALA A . n 
A 1 51 LEU 51 474 474 LEU LEU A . n 
A 1 52 LEU 52 475 475 LEU LEU A . n 
A 1 53 SER 53 476 476 SER SER A . n 
A 1 54 ALA 54 477 477 ALA ALA A . n 
A 1 55 VAL 55 478 478 VAL VAL A . n 
A 1 56 LEU 56 479 479 LEU LEU A . n 
A 1 57 SER 57 480 ?   ?   ?   A . n 
A 1 58 VAL 58 481 ?   ?   ?   A . n 
A 1 59 ASP 59 482 ?   ?   ?   A . n 
A 1 60 PRO 60 483 ?   ?   ?   A . n 
A 1 61 GLU 61 484 ?   ?   ?   A . n 
A 1 62 ASP 62 485 ?   ?   ?   A . n 
A 1 63 LEU 63 486 ?   ?   ?   A . n 
A 1 64 GLY 64 487 ?   ?   ?   A . n 
A 1 65 ALA 65 488 488 ALA ALA A . n 
A 1 66 ARG 66 489 489 ARG ALA A . n 
A 1 67 ASP 67 490 490 ASP ASP A . n 
A 1 68 THR 68 491 491 THR THR A . n 
A 1 69 ILE 69 492 492 ILE ILE A . n 
A 1 70 THR 70 493 493 THR THR A . n 
A 1 71 TRP 71 494 494 TRP TRP A . n 
A 1 72 MET 72 495 495 MET MET A . n 
A 1 73 ARG 73 496 496 ARG ARG A . n 
A 1 74 THR 74 497 497 THR THR A . n 
A 1 75 GLN 75 498 498 GLN GLN A . n 
A 1 76 LEU 76 499 499 LEU LEU A . n 
A 1 77 PRO 77 500 500 PRO PRO A . n 
A 1 78 ARG 78 501 501 ARG ARG A . n 
A 1 79 VAL 79 502 502 VAL VAL A . n 
A 1 80 ALA 80 503 503 ALA ALA A . n 
A 1 81 GLY 81 504 504 GLY GLY A . n 
A 1 82 ALA 82 505 505 ALA ALA A . n 
A 1 83 ALA 83 506 506 ALA ALA A . n 
A 1 84 GLN 84 507 507 GLN GLN A . n 
A 1 85 VAL 85 508 508 VAL VAL A . n 
A 1 86 ASP 86 509 509 ASP ASP A . n 
A 1 87 VAL 87 510 510 VAL VAL A . n 
A 1 88 GLY 88 511 511 GLY GLY A . n 
# 
loop_
_pdbx_nonpoly_scheme.asym_id 
_pdbx_nonpoly_scheme.entity_id 
_pdbx_nonpoly_scheme.mon_id 
_pdbx_nonpoly_scheme.ndb_seq_num 
_pdbx_nonpoly_scheme.pdb_seq_num 
_pdbx_nonpoly_scheme.auth_seq_num 
_pdbx_nonpoly_scheme.pdb_mon_id 
_pdbx_nonpoly_scheme.auth_mon_id 
_pdbx_nonpoly_scheme.pdb_strand_id 
_pdbx_nonpoly_scheme.pdb_ins_code 
B 2 IOD 1  601 1  IOD IOD A . 
C 2 IOD 1  602 2  IOD IOD A . 
D 2 IOD 1  603 3  IOD IOD A . 
E 2 IOD 1  604 4  IOD IOD A . 
F 2 IOD 1  605 5  IOD IOD A . 
G 2 IOD 1  606 6  IOD IOD A . 
H 2 IOD 1  607 7  IOD IOD A . 
I 2 IOD 1  608 8  IOD IOD A . 
J 2 IOD 1  609 9  IOD IOD A . 
K 3 SO4 1  610 1  SO4 SO4 A . 
L 4 HOH 1  701 8  HOH HOH A . 
L 4 HOH 2  702 7  HOH HOH A . 
L 4 HOH 3  703 9  HOH HOH A . 
L 4 HOH 4  704 2  HOH HOH A . 
L 4 HOH 5  705 3  HOH HOH A . 
L 4 HOH 6  706 10 HOH HOH A . 
L 4 HOH 7  707 13 HOH HOH A . 
L 4 HOH 8  708 14 HOH HOH A . 
L 4 HOH 9  709 6  HOH HOH A . 
L 4 HOH 10 710 1  HOH HOH A . 
L 4 HOH 11 711 11 HOH HOH A . 
L 4 HOH 12 712 12 HOH HOH A . 
L 4 HOH 13 713 17 HOH HOH A . 
L 4 HOH 14 714 18 HOH HOH A . 
L 4 HOH 15 715 22 HOH HOH A . 
L 4 HOH 16 716 23 HOH HOH A . 
# 
loop_
_pdbx_unobs_or_zero_occ_atoms.id 
_pdbx_unobs_or_zero_occ_atoms.PDB_model_num 
_pdbx_unobs_or_zero_occ_atoms.polymer_flag 
_pdbx_unobs_or_zero_occ_atoms.occupancy_flag 
_pdbx_unobs_or_zero_occ_atoms.auth_asym_id 
_pdbx_unobs_or_zero_occ_atoms.auth_comp_id 
_pdbx_unobs_or_zero_occ_atoms.auth_seq_id 
_pdbx_unobs_or_zero_occ_atoms.PDB_ins_code 
_pdbx_unobs_or_zero_occ_atoms.auth_atom_id 
_pdbx_unobs_or_zero_occ_atoms.label_alt_id 
_pdbx_unobs_or_zero_occ_atoms.label_asym_id 
_pdbx_unobs_or_zero_occ_atoms.label_comp_id 
_pdbx_unobs_or_zero_occ_atoms.label_seq_id 
_pdbx_unobs_or_zero_occ_atoms.label_atom_id 
1 1 Y 1 A ARG 489 ? CG  ? A ARG 66 CG  
2 1 Y 1 A ARG 489 ? CD  ? A ARG 66 CD  
3 1 Y 1 A ARG 489 ? NE  ? A ARG 66 NE  
4 1 Y 1 A ARG 489 ? CZ  ? A ARG 66 CZ  
5 1 Y 1 A ARG 489 ? NH1 ? A ARG 66 NH1 
6 1 Y 1 A ARG 489 ? NH2 ? A ARG 66 NH2 
# 
loop_
_software.citation_id 
_software.classification 
_software.compiler_name 
_software.compiler_version 
_software.contact_author 
_software.contact_author_email 
_software.date 
_software.description 
_software.dependencies 
_software.hardware 
_software.language 
_software.location 
_software.mods 
_software.name 
_software.os 
_software.os_version 
_software.type 
_software.version 
_software.pdbx_ordinal 
? 'data reduction'  ? ? ? ? ? ? ? ? ? ? ? iMOSFLM     ? ? ? .                           1 
? phasing           ? ? ? ? ? ? ? ? ? ? ? PHENIX      ? ? ? .                           2 
? refinement        ? ? ? ? ? ? ? ? ? ? ? PHENIX      ? ? ? '(phenix.refine: 1.9_1692)' 3 
? 'model building'  ? ? ? ? ? ? ? ? ? ? ? Coot        ? ? ? .                           4 
? 'data extraction' ? ? ? ? ? ? ? ? ? ? ? PDB_EXTRACT ? ? ? 3.15                        5 
# 
_cell.angle_alpha                  90.000 
_cell.angle_alpha_esd              ? 
_cell.angle_beta                   90.000 
_cell.angle_beta_esd               ? 
_cell.angle_gamma                  90.000 
_cell.angle_gamma_esd              ? 
_cell.entry_id                     4Y0L 
_cell.details                      ? 
_cell.formula_units_Z              ? 
_cell.length_a                     65.600 
_cell.length_a_esd                 ? 
_cell.length_b                     91.730 
_cell.length_b_esd                 ? 
_cell.length_c                     32.850 
_cell.length_c_esd                 ? 
_cell.volume                       ? 
_cell.volume_esd                   ? 
_cell.Z_PDB                        8 
_cell.reciprocal_angle_alpha       ? 
_cell.reciprocal_angle_beta        ? 
_cell.reciprocal_angle_gamma       ? 
_cell.reciprocal_angle_alpha_esd   ? 
_cell.reciprocal_angle_beta_esd    ? 
_cell.reciprocal_angle_gamma_esd   ? 
_cell.reciprocal_length_a          ? 
_cell.reciprocal_length_b          ? 
_cell.reciprocal_length_c          ? 
_cell.reciprocal_length_a_esd      ? 
_cell.reciprocal_length_b_esd      ? 
_cell.reciprocal_length_c_esd      ? 
_cell.pdbx_unique_axis             ? 
# 
_symmetry.entry_id                         4Y0L 
_symmetry.cell_setting                     ? 
_symmetry.Int_Tables_number                20 
_symmetry.space_group_name_Hall            ? 
_symmetry.space_group_name_H-M             'C 2 2 21' 
_symmetry.pdbx_full_space_group_name_H-M   ? 
# 
_exptl.absorpt_coefficient_mu     ? 
_exptl.absorpt_correction_T_max   ? 
_exptl.absorpt_correction_T_min   ? 
_exptl.absorpt_correction_type    ? 
_exptl.absorpt_process_details    ? 
_exptl.entry_id                   4Y0L 
_exptl.crystals_number            1 
_exptl.details                    ? 
_exptl.method                     'X-RAY DIFFRACTION' 
_exptl.method_details             ? 
# 
_exptl_crystal.colour                      ? 
_exptl_crystal.density_diffrn              ? 
_exptl_crystal.density_Matthews            2.69 
_exptl_crystal.density_method              ? 
_exptl_crystal.density_percent_sol         54.32 
_exptl_crystal.description                 ? 
_exptl_crystal.F_000                       ? 
_exptl_crystal.id                          1 
_exptl_crystal.preparation                 ? 
_exptl_crystal.size_max                    ? 
_exptl_crystal.size_mid                    ? 
_exptl_crystal.size_min                    ? 
_exptl_crystal.size_rad                    ? 
_exptl_crystal.colour_lustre               ? 
_exptl_crystal.colour_modifier             ? 
_exptl_crystal.colour_primary              ? 
_exptl_crystal.density_meas                ? 
_exptl_crystal.density_meas_esd            ? 
_exptl_crystal.density_meas_gt             ? 
_exptl_crystal.density_meas_lt             ? 
_exptl_crystal.density_meas_temp           ? 
_exptl_crystal.density_meas_temp_esd       ? 
_exptl_crystal.density_meas_temp_gt        ? 
_exptl_crystal.density_meas_temp_lt        ? 
_exptl_crystal.pdbx_crystal_image_url      ? 
_exptl_crystal.pdbx_crystal_image_format   ? 
_exptl_crystal.pdbx_mosaicity              ? 
_exptl_crystal.pdbx_mosaicity_esd          ? 
# 
_exptl_crystal_grow.apparatus       ? 
_exptl_crystal_grow.atmosphere      ? 
_exptl_crystal_grow.crystal_id      1 
_exptl_crystal_grow.details         ? 
_exptl_crystal_grow.method          'VAPOR DIFFUSION, HANGING DROP' 
_exptl_crystal_grow.method_ref      ? 
_exptl_crystal_grow.pH              6.7 
_exptl_crystal_grow.pressure        ? 
_exptl_crystal_grow.pressure_esd    ? 
_exptl_crystal_grow.seeding         ? 
_exptl_crystal_grow.seeding_ref     ? 
_exptl_crystal_grow.temp            293 
_exptl_crystal_grow.temp_details    ? 
_exptl_crystal_grow.temp_esd        ? 
_exptl_crystal_grow.time            ? 
_exptl_crystal_grow.pdbx_details    '0.1 M MES, pH 6.7, 2 M MgSO4' 
_exptl_crystal_grow.pdbx_pH_range   ? 
# 
_diffrn.ambient_environment    ? 
_diffrn.ambient_temp           100 
_diffrn.ambient_temp_details   ? 
_diffrn.ambient_temp_esd       ? 
_diffrn.crystal_id             1 
_diffrn.crystal_support        ? 
_diffrn.crystal_treatment      ? 
_diffrn.details                ? 
_diffrn.id                     1 
_diffrn.ambient_pressure       ? 
_diffrn.ambient_pressure_esd   ? 
_diffrn.ambient_pressure_gt    ? 
_diffrn.ambient_pressure_lt    ? 
_diffrn.ambient_temp_gt        ? 
_diffrn.ambient_temp_lt        ? 
# 
_diffrn_detector.details                      ? 
_diffrn_detector.detector                     CCD 
_diffrn_detector.diffrn_id                    1 
_diffrn_detector.type                         'ADSC QUANTUM 315r' 
_diffrn_detector.area_resol_mean              ? 
_diffrn_detector.dtime                        ? 
_diffrn_detector.pdbx_frames_total            ? 
_diffrn_detector.pdbx_collection_time_total   ? 
_diffrn_detector.pdbx_collection_date         2014-03-25 
# 
_diffrn_radiation.collimation                      ? 
_diffrn_radiation.diffrn_id                        1 
_diffrn_radiation.filter_edge                      ? 
_diffrn_radiation.inhomogeneity                    ? 
_diffrn_radiation.monochromator                    ? 
_diffrn_radiation.polarisn_norm                    ? 
_diffrn_radiation.polarisn_ratio                   ? 
_diffrn_radiation.probe                            ? 
_diffrn_radiation.type                             ? 
_diffrn_radiation.xray_symbol                      ? 
_diffrn_radiation.wavelength_id                    1 
_diffrn_radiation.pdbx_monochromatic_or_laue_m_l   M 
_diffrn_radiation.pdbx_wavelength_list             ? 
_diffrn_radiation.pdbx_wavelength                  ? 
_diffrn_radiation.pdbx_diffrn_protocol             'SINGLE WAVELENGTH' 
_diffrn_radiation.pdbx_analyzer                    ? 
_diffrn_radiation.pdbx_scattering_type             x-ray 
# 
_diffrn_radiation_wavelength.id           1 
_diffrn_radiation_wavelength.wavelength   1.54 
_diffrn_radiation_wavelength.wt           1.0 
# 
_diffrn_source.current                     ? 
_diffrn_source.details                     ? 
_diffrn_source.diffrn_id                   1 
_diffrn_source.power                       ? 
_diffrn_source.size                        ? 
_diffrn_source.source                      SYNCHROTRON 
_diffrn_source.target                      ? 
_diffrn_source.type                        'ALS BEAMLINE 8.2.1' 
_diffrn_source.voltage                     ? 
_diffrn_source.take-off_angle              ? 
_diffrn_source.pdbx_wavelength_list        1.54 
_diffrn_source.pdbx_wavelength             ? 
_diffrn_source.pdbx_synchrotron_beamline   8.2.1 
_diffrn_source.pdbx_synchrotron_site       ALS 
# 
_reflns.B_iso_Wilson_estimate            ? 
_reflns.entry_id                         4Y0L 
_reflns.data_reduction_details           ? 
_reflns.data_reduction_method            ? 
_reflns.d_resolution_high                2.400 
_reflns.d_resolution_low                 53.360 
_reflns.details                          ? 
_reflns.limit_h_max                      ? 
_reflns.limit_h_min                      ? 
_reflns.limit_k_max                      ? 
_reflns.limit_k_min                      ? 
_reflns.limit_l_max                      ? 
_reflns.limit_l_min                      ? 
_reflns.number_all                       ? 
_reflns.number_obs                       4128 
_reflns.observed_criterion               ? 
_reflns.observed_criterion_F_max         ? 
_reflns.observed_criterion_F_min         ? 
_reflns.observed_criterion_I_max         ? 
_reflns.observed_criterion_I_min         ? 
_reflns.observed_criterion_sigma_F       ? 
_reflns.observed_criterion_sigma_I       ? 
_reflns.percent_possible_obs             99.900 
_reflns.R_free_details                   ? 
_reflns.Rmerge_F_all                     ? 
_reflns.Rmerge_F_obs                     ? 
_reflns.Friedel_coverage                 ? 
_reflns.number_gt                        ? 
_reflns.threshold_expression             ? 
_reflns.pdbx_redundancy                  5.800 
_reflns.pdbx_Rmerge_I_obs                0.109 
_reflns.pdbx_Rmerge_I_all                ? 
_reflns.pdbx_Rsym_value                  ? 
_reflns.pdbx_netI_over_av_sigmaI         ? 
_reflns.pdbx_netI_over_sigmaI            20.500 
_reflns.pdbx_res_netI_over_av_sigmaI_2   ? 
_reflns.pdbx_res_netI_over_sigmaI_2      ? 
_reflns.pdbx_chi_squared                 ? 
_reflns.pdbx_scaling_rejects             75 
_reflns.pdbx_d_res_high_opt              ? 
_reflns.pdbx_d_res_low_opt               ? 
_reflns.pdbx_d_res_opt_method            ? 
_reflns.phase_calculation_details        ? 
_reflns.pdbx_Rrim_I_all                  ? 
_reflns.pdbx_Rpim_I_all                  0.048 
_reflns.pdbx_d_opt                       ? 
_reflns.pdbx_number_measured_all         23972 
_reflns.pdbx_diffrn_id                   1 
_reflns.pdbx_ordinal                     1 
_reflns.pdbx_CC_half                     0.992 
_reflns.pdbx_R_split                     ? 
# 
loop_
_reflns_shell.d_res_high 
_reflns_shell.d_res_low 
_reflns_shell.meanI_over_sigI_all 
_reflns_shell.meanI_over_sigI_obs 
_reflns_shell.number_measured_all 
_reflns_shell.number_measured_obs 
_reflns_shell.number_possible 
_reflns_shell.number_unique_all 
_reflns_shell.number_unique_obs 
_reflns_shell.percent_possible_all 
_reflns_shell.percent_possible_obs 
_reflns_shell.Rmerge_F_all 
_reflns_shell.Rmerge_F_obs 
_reflns_shell.Rmerge_I_all 
_reflns_shell.Rmerge_I_obs 
_reflns_shell.meanI_over_sigI_gt 
_reflns_shell.meanI_over_uI_all 
_reflns_shell.meanI_over_uI_gt 
_reflns_shell.number_measured_gt 
_reflns_shell.number_unique_gt 
_reflns_shell.percent_possible_gt 
_reflns_shell.Rmerge_F_gt 
_reflns_shell.Rmerge_I_gt 
_reflns_shell.pdbx_redundancy 
_reflns_shell.pdbx_Rsym_value 
_reflns_shell.pdbx_chi_squared 
_reflns_shell.pdbx_netI_over_sigmaI_all 
_reflns_shell.pdbx_netI_over_sigmaI_obs 
_reflns_shell.pdbx_Rrim_I_all 
_reflns_shell.pdbx_Rpim_I_all 
_reflns_shell.pdbx_rejects 
_reflns_shell.pdbx_ordinal 
_reflns_shell.pdbx_diffrn_id 
_reflns_shell.pdbx_CC_half 
_reflns_shell.pdbx_R_split 
2.400 2.490  ? 7.800  2567 ? ? 420 ? 100.000 ? ? ? ? 0.290 ? ? ? ? ? ? ? ? 6.100 ? ? ? ? ? 0.127 0 1 1 0.943 ? 
8.980 53.360 ? 44.500 381  ? ? 93  ? 94.300  ? ? ? ? 0.088 ? ? ? ? ? ? ? ? 4.100 ? ? ? ? ? 0.047 0 2 1 0.987 ? 
# 
_refine.aniso_B[1][1]                            ? 
_refine.aniso_B[1][2]                            ? 
_refine.aniso_B[1][3]                            ? 
_refine.aniso_B[2][2]                            ? 
_refine.aniso_B[2][3]                            ? 
_refine.aniso_B[3][3]                            ? 
_refine.B_iso_max                                104.570 
_refine.B_iso_mean                               40.1369 
_refine.B_iso_min                                10.210 
_refine.correlation_coeff_Fo_to_Fc               ? 
_refine.correlation_coeff_Fo_to_Fc_free          ? 
_refine.details                                  ? 
_refine.diff_density_max                         ? 
_refine.diff_density_max_esd                     ? 
_refine.diff_density_min                         ? 
_refine.diff_density_min_esd                     ? 
_refine.diff_density_rms                         ? 
_refine.diff_density_rms_esd                     ? 
_refine.entry_id                                 4Y0L 
_refine.pdbx_refine_id                           'X-RAY DIFFRACTION' 
_refine.ls_abs_structure_details                 ? 
_refine.ls_abs_structure_Flack                   ? 
_refine.ls_abs_structure_Flack_esd               ? 
_refine.ls_abs_structure_Rogers                  ? 
_refine.ls_abs_structure_Rogers_esd              ? 
_refine.ls_d_res_high                            2.40 
_refine.ls_d_res_low                             53.3590 
_refine.ls_extinction_coef                       ? 
_refine.ls_extinction_coef_esd                   ? 
_refine.ls_extinction_expression                 ? 
_refine.ls_extinction_method                     ? 
_refine.ls_goodness_of_fit_all                   ? 
_refine.ls_goodness_of_fit_all_esd               ? 
_refine.ls_goodness_of_fit_obs                   ? 
_refine.ls_goodness_of_fit_obs_esd               ? 
_refine.ls_hydrogen_treatment                    ? 
_refine.ls_matrix_type                           ? 
_refine.ls_number_constraints                    ? 
_refine.ls_number_parameters                     ? 
_refine.ls_number_reflns_all                     ? 
_refine.ls_number_reflns_obs                     4111 
_refine.ls_number_reflns_R_free                  750 
_refine.ls_number_reflns_R_work                  ? 
_refine.ls_number_restraints                     ? 
_refine.ls_percent_reflns_obs                    99.2800 
_refine.ls_percent_reflns_R_free                 10.0700 
_refine.ls_R_factor_all                          ? 
_refine.ls_R_factor_obs                          0.2125 
_refine.ls_R_factor_R_free                       0.2537 
_refine.ls_R_factor_R_free_error                 ? 
_refine.ls_R_factor_R_free_error_details         ? 
_refine.ls_R_factor_R_work                       0.2077 
_refine.ls_R_Fsqd_factor_obs                     ? 
_refine.ls_R_I_factor_obs                        ? 
_refine.ls_redundancy_reflns_all                 ? 
_refine.ls_redundancy_reflns_obs                 ? 
_refine.ls_restrained_S_all                      ? 
_refine.ls_restrained_S_obs                      ? 
_refine.ls_shift_over_esd_max                    ? 
_refine.ls_shift_over_esd_mean                   ? 
_refine.ls_structure_factor_coef                 ? 
_refine.ls_weighting_details                     ? 
_refine.ls_weighting_scheme                      ? 
_refine.ls_wR_factor_all                         ? 
_refine.ls_wR_factor_obs                         ? 
_refine.ls_wR_factor_R_free                      ? 
_refine.ls_wR_factor_R_work                      ? 
_refine.occupancy_max                            ? 
_refine.occupancy_min                            ? 
_refine.solvent_model_details                    'FLAT BULK SOLVENT MODEL' 
_refine.solvent_model_param_bsol                 ? 
_refine.solvent_model_param_ksol                 ? 
_refine.ls_R_factor_gt                           ? 
_refine.ls_goodness_of_fit_gt                    ? 
_refine.ls_goodness_of_fit_ref                   ? 
_refine.ls_shift_over_su_max                     ? 
_refine.ls_shift_over_su_max_lt                  ? 
_refine.ls_shift_over_su_mean                    ? 
_refine.ls_shift_over_su_mean_lt                 ? 
_refine.pdbx_ls_sigma_I                          ? 
_refine.pdbx_ls_sigma_F                          1.340 
_refine.pdbx_ls_sigma_Fsqd                       ? 
_refine.pdbx_data_cutoff_high_absF               ? 
_refine.pdbx_data_cutoff_high_rms_absF           ? 
_refine.pdbx_data_cutoff_low_absF                ? 
_refine.pdbx_isotropic_thermal_model             ? 
_refine.pdbx_ls_cross_valid_method               'FREE R-VALUE' 
_refine.pdbx_method_to_determine_struct          SAD 
_refine.pdbx_starting_model                      ? 
_refine.pdbx_stereochemistry_target_values       ML 
_refine.pdbx_R_Free_selection_details            ? 
_refine.pdbx_stereochem_target_val_spec_case     ? 
_refine.pdbx_overall_ESU_R                       ? 
_refine.pdbx_overall_ESU_R_Free                  ? 
_refine.pdbx_solvent_vdw_probe_radii             1.1100 
_refine.pdbx_solvent_ion_probe_radii             ? 
_refine.pdbx_solvent_shrinkage_radii             0.9000 
_refine.pdbx_real_space_R                        ? 
_refine.pdbx_density_correlation                 ? 
_refine.pdbx_pd_number_of_powder_patterns        ? 
_refine.pdbx_pd_number_of_points                 ? 
_refine.pdbx_pd_meas_number_of_points            ? 
_refine.pdbx_pd_proc_ls_prof_R_factor            ? 
_refine.pdbx_pd_proc_ls_prof_wR_factor           ? 
_refine.pdbx_pd_Marquardt_correlation_coeff      ? 
_refine.pdbx_pd_Fsqrd_R_factor                   ? 
_refine.pdbx_pd_ls_matrix_band_width             ? 
_refine.pdbx_overall_phase_error                 24.1400 
_refine.pdbx_overall_SU_R_free_Cruickshank_DPI   ? 
_refine.pdbx_overall_SU_R_free_Blow_DPI          ? 
_refine.pdbx_overall_SU_R_Blow_DPI               ? 
_refine.pdbx_TLS_residual_ADP_flag               ? 
_refine.pdbx_diffrn_id                           1 
_refine.overall_SU_B                             ? 
_refine.overall_SU_ML                            0.2300 
_refine.overall_SU_R_Cruickshank_DPI             ? 
_refine.overall_SU_R_free                        ? 
_refine.overall_FOM_free_R_set                   ? 
_refine.overall_FOM_work_R_set                   ? 
_refine.pdbx_average_fsc_overall                 ? 
_refine.pdbx_average_fsc_work                    ? 
_refine.pdbx_average_fsc_free                    ? 
# 
_refine_hist.cycle_id                         final 
_refine_hist.pdbx_refine_id                   'X-RAY DIFFRACTION' 
_refine_hist.d_res_high                       2.40 
_refine_hist.d_res_low                        53.3590 
_refine_hist.pdbx_number_atoms_ligand         14 
_refine_hist.number_atoms_solvent             16 
_refine_hist.number_atoms_total               612 
_refine_hist.pdbx_number_residues_total       80 
_refine_hist.pdbx_B_iso_mean_ligand           45.05 
_refine_hist.pdbx_B_iso_mean_solvent          32.79 
_refine_hist.pdbx_number_atoms_protein        582 
_refine_hist.pdbx_number_atoms_nucleic_acid   0 
# 
_struct.entry_id                     4Y0L 
_struct.title                        'Mycobacterial membrane protein MmpL11D2' 
_struct.pdbx_model_details           ? 
_struct.pdbx_formula_weight          ? 
_struct.pdbx_formula_weight_method   ? 
_struct.pdbx_model_type_details      ? 
_struct.pdbx_CASP_flag               ? 
# 
_struct_keywords.entry_id        4Y0L 
_struct_keywords.text            'RND family, MEMBRANE PROTEIN' 
_struct_keywords.pdbx_keywords   'MEMBRANE PROTEIN' 
# 
loop_
_struct_asym.id 
_struct_asym.pdbx_blank_PDB_chainid_flag 
_struct_asym.pdbx_modified 
_struct_asym.entity_id 
_struct_asym.details 
A N N 1 ? 
B N N 2 ? 
C N N 2 ? 
D N N 2 ? 
E N N 2 ? 
F N N 2 ? 
G N N 2 ? 
H N N 2 ? 
I N N 2 ? 
J N N 2 ? 
K N N 3 ? 
L N N 4 ? 
# 
_struct_ref.id                         1 
_struct_ref.db_name                    UNP 
_struct_ref.db_code                    MMPLB_MYCTU 
_struct_ref.pdbx_db_accession          P9WJT9 
_struct_ref.pdbx_db_isoform            ? 
_struct_ref.entity_id                  1 
_struct_ref.pdbx_seq_one_letter_code   
;PVQVLVRFDAGGASAPEHSQTIAAIRHRIAQAPNVVSVAPPRFADDNGSALLSAVLSVDPEDLGARDTITWMRTQLPRVA
GAAQVDVG
;
_struct_ref.pdbx_align_begin           424 
# 
_struct_ref_seq.align_id                      1 
_struct_ref_seq.ref_id                        1 
_struct_ref_seq.pdbx_PDB_id_code              4Y0L 
_struct_ref_seq.pdbx_strand_id                A 
_struct_ref_seq.seq_align_beg                 1 
_struct_ref_seq.pdbx_seq_align_beg_ins_code   ? 
_struct_ref_seq.seq_align_end                 88 
_struct_ref_seq.pdbx_seq_align_end_ins_code   ? 
_struct_ref_seq.pdbx_db_accession             P9WJT9 
_struct_ref_seq.db_align_beg                  424 
_struct_ref_seq.pdbx_db_align_beg_ins_code    ? 
_struct_ref_seq.db_align_end                  511 
_struct_ref_seq.pdbx_db_align_end_ins_code    ? 
_struct_ref_seq.pdbx_auth_seq_align_beg       424 
_struct_ref_seq.pdbx_auth_seq_align_end       511 
# 
_pdbx_struct_assembly.id                   1 
_pdbx_struct_assembly.details              author_and_software_defined_assembly 
_pdbx_struct_assembly.method_details       PISA 
_pdbx_struct_assembly.oligomeric_details   monomeric 
_pdbx_struct_assembly.oligomeric_count     1 
# 
_pdbx_struct_assembly_gen.assembly_id       1 
_pdbx_struct_assembly_gen.oper_expression   1 
_pdbx_struct_assembly_gen.asym_id_list      A,B,C,D,E,F,G,H,I,J,K,L 
# 
_pdbx_struct_oper_list.id                   1 
_pdbx_struct_oper_list.type                 'identity operation' 
_pdbx_struct_oper_list.name                 1_555 
_pdbx_struct_oper_list.symmetry_operation   x,y,z 
_pdbx_struct_oper_list.matrix[1][1]         1.0000000000 
_pdbx_struct_oper_list.matrix[1][2]         0.0000000000 
_pdbx_struct_oper_list.matrix[1][3]         0.0000000000 
_pdbx_struct_oper_list.vector[1]            0.0000000000 
_pdbx_struct_oper_list.matrix[2][1]         0.0000000000 
_pdbx_struct_oper_list.matrix[2][2]         1.0000000000 
_pdbx_struct_oper_list.matrix[2][3]         0.0000000000 
_pdbx_struct_oper_list.vector[2]            0.0000000000 
_pdbx_struct_oper_list.matrix[3][1]         0.0000000000 
_pdbx_struct_oper_list.matrix[3][2]         0.0000000000 
_pdbx_struct_oper_list.matrix[3][3]         1.0000000000 
_pdbx_struct_oper_list.vector[3]            0.0000000000 
# 
loop_
_struct_conf.conf_type_id 
_struct_conf.id 
_struct_conf.pdbx_PDB_helix_id 
_struct_conf.beg_label_comp_id 
_struct_conf.beg_label_asym_id 
_struct_conf.beg_label_seq_id 
_struct_conf.pdbx_beg_PDB_ins_code 
_struct_conf.end_label_comp_id 
_struct_conf.end_label_asym_id 
_struct_conf.end_label_seq_id 
_struct_conf.pdbx_end_PDB_ins_code 
_struct_conf.beg_auth_comp_id 
_struct_conf.beg_auth_asym_id 
_struct_conf.beg_auth_seq_id 
_struct_conf.end_auth_comp_id 
_struct_conf.end_auth_asym_id 
_struct_conf.end_auth_seq_id 
_struct_conf.pdbx_PDB_helix_class 
_struct_conf.details 
_struct_conf.pdbx_PDB_helix_length 
HELX_P HELX_P1 AA1 ALA A 15 ? GLU A 17 ? ALA A 438 GLU A 440 5 ? 3  
HELX_P HELX_P2 AA2 HIS A 18 ? ALA A 30 ? HIS A 441 ALA A 453 1 ? 13 
HELX_P HELX_P3 AA3 ARG A 66 ? GLY A 81 ? ARG A 489 GLY A 504 1 ? 16 
# 
_struct_conf_type.id          HELX_P 
_struct_conf_type.criteria    ? 
_struct_conf_type.reference   ? 
# 
loop_
_struct_sheet.id 
_struct_sheet.type 
_struct_sheet.number_strands 
_struct_sheet.details 
AA1 ? 3 ? 
AA2 ? 4 ? 
# 
loop_
_struct_sheet_order.sheet_id 
_struct_sheet_order.range_id_1 
_struct_sheet_order.range_id_2 
_struct_sheet_order.offset 
_struct_sheet_order.sense 
AA1 1 2 ? anti-parallel 
AA1 2 3 ? anti-parallel 
AA2 1 2 ? anti-parallel 
AA2 2 3 ? anti-parallel 
AA2 3 4 ? anti-parallel 
# 
loop_
_struct_sheet_range.sheet_id 
_struct_sheet_range.id 
_struct_sheet_range.beg_label_comp_id 
_struct_sheet_range.beg_label_asym_id 
_struct_sheet_range.beg_label_seq_id 
_struct_sheet_range.pdbx_beg_PDB_ins_code 
_struct_sheet_range.end_label_comp_id 
_struct_sheet_range.end_label_asym_id 
_struct_sheet_range.end_label_seq_id 
_struct_sheet_range.pdbx_end_PDB_ins_code 
_struct_sheet_range.beg_auth_comp_id 
_struct_sheet_range.beg_auth_asym_id 
_struct_sheet_range.beg_auth_seq_id 
_struct_sheet_range.end_auth_comp_id 
_struct_sheet_range.end_auth_asym_id 
_struct_sheet_range.end_auth_seq_id 
AA1 1 SER A 37 ? VAL A 38 ? SER A 460 VAL A 461 
AA1 2 SER A 49 ? VAL A 55 ? SER A 472 VAL A 478 
AA1 3 ARG A 42 ? PHE A 43 ? ARG A 465 PHE A 466 
AA2 1 SER A 37 ? VAL A 38 ? SER A 460 VAL A 461 
AA2 2 SER A 49 ? VAL A 55 ? SER A 472 VAL A 478 
AA2 3 VAL A 2  ? ARG A 7  ? VAL A 425 ARG A 430 
AA2 4 GLN A 84 ? VAL A 87 ? GLN A 507 VAL A 510 
# 
loop_
_pdbx_struct_sheet_hbond.sheet_id 
_pdbx_struct_sheet_hbond.range_id_1 
_pdbx_struct_sheet_hbond.range_id_2 
_pdbx_struct_sheet_hbond.range_1_label_atom_id 
_pdbx_struct_sheet_hbond.range_1_label_comp_id 
_pdbx_struct_sheet_hbond.range_1_label_asym_id 
_pdbx_struct_sheet_hbond.range_1_label_seq_id 
_pdbx_struct_sheet_hbond.range_1_PDB_ins_code 
_pdbx_struct_sheet_hbond.range_1_auth_atom_id 
_pdbx_struct_sheet_hbond.range_1_auth_comp_id 
_pdbx_struct_sheet_hbond.range_1_auth_asym_id 
_pdbx_struct_sheet_hbond.range_1_auth_seq_id 
_pdbx_struct_sheet_hbond.range_2_label_atom_id 
_pdbx_struct_sheet_hbond.range_2_label_comp_id 
_pdbx_struct_sheet_hbond.range_2_label_asym_id 
_pdbx_struct_sheet_hbond.range_2_label_seq_id 
_pdbx_struct_sheet_hbond.range_2_PDB_ins_code 
_pdbx_struct_sheet_hbond.range_2_auth_atom_id 
_pdbx_struct_sheet_hbond.range_2_auth_comp_id 
_pdbx_struct_sheet_hbond.range_2_auth_asym_id 
_pdbx_struct_sheet_hbond.range_2_auth_seq_id 
AA1 1 2 N SER A 37 ? N SER A 460 O VAL A 55 ? O VAL A 478 
AA1 2 3 O LEU A 51 ? O LEU A 474 N ARG A 42 ? N ARG A 465 
AA2 1 2 N SER A 37 ? N SER A 460 O VAL A 55 ? O VAL A 478 
AA2 2 3 O LEU A 52 ? O LEU A 475 N VAL A 4  ? N VAL A 427 
AA2 3 4 N LEU A 5  ? N LEU A 428 O ASP A 86 ? O ASP A 509 
# 
loop_
_struct_site.id 
_struct_site.pdbx_evidence_code 
_struct_site.pdbx_auth_asym_id 
_struct_site.pdbx_auth_comp_id 
_struct_site.pdbx_auth_seq_id 
_struct_site.pdbx_auth_ins_code 
_struct_site.pdbx_num_residues 
_struct_site.details 
AC1 Software A IOD 602 ? 1 'binding site for residue IOD A 602' 
AC2 Software A IOD 606 ? 1 'binding site for residue IOD A 606' 
AC3 Software A IOD 607 ? 2 'binding site for residue IOD A 607' 
AC4 Software A IOD 608 ? 2 'binding site for residue IOD A 608' 
AC5 Software A IOD 609 ? 4 'binding site for residue IOD A 609' 
AC6 Software A SO4 610 ? 4 'binding site for residue SO4 A 610' 
# 
loop_
_struct_site_gen.id 
_struct_site_gen.site_id 
_struct_site_gen.pdbx_num_res 
_struct_site_gen.label_comp_id 
_struct_site_gen.label_asym_id 
_struct_site_gen.label_seq_id 
_struct_site_gen.pdbx_auth_ins_code 
_struct_site_gen.auth_comp_id 
_struct_site_gen.auth_asym_id 
_struct_site_gen.auth_seq_id 
_struct_site_gen.label_atom_id 
_struct_site_gen.label_alt_id 
_struct_site_gen.symmetry 
_struct_site_gen.details 
1  AC1 1 ASP A 9  ? ASP A 432 . ? 1_555 ? 
2  AC2 1 IOD J .  ? IOD A 609 . ? 1_555 ? 
3  AC3 2 SER A 14 ? SER A 437 . ? 3_555 ? 
4  AC3 2 IOD I .  ? IOD A 608 . ? 1_555 ? 
5  AC4 2 IOD H .  ? IOD A 607 . ? 1_555 ? 
6  AC4 2 IOD J .  ? IOD A 609 . ? 1_555 ? 
7  AC5 4 GLY A 12 ? GLY A 435 . ? 3_555 ? 
8  AC5 4 ASN A 47 ? ASN A 470 . ? 3_555 ? 
9  AC5 4 IOD G .  ? IOD A 606 . ? 1_555 ? 
10 AC5 4 IOD I .  ? IOD A 608 . ? 1_555 ? 
11 AC6 4 ASP A 9  ? ASP A 432 . ? 3_556 ? 
12 AC6 4 ASP A 9  ? ASP A 432 . ? 1_555 ? 
13 AC6 4 HOH L .  ? HOH A 701 . ? 3_556 ? 
14 AC6 4 HOH L .  ? HOH A 701 . ? 1_555 ? 
# 
_pdbx_validate_torsion.id              1 
_pdbx_validate_torsion.PDB_model_num   1 
_pdbx_validate_torsion.auth_comp_id    VAL 
_pdbx_validate_torsion.auth_asym_id    A 
_pdbx_validate_torsion.auth_seq_id     459 
_pdbx_validate_torsion.PDB_ins_code    ? 
_pdbx_validate_torsion.label_alt_id    ? 
_pdbx_validate_torsion.phi             -130.16 
_pdbx_validate_torsion.psi             -31.84 
# 
_pdbx_struct_special_symmetry.id              1 
_pdbx_struct_special_symmetry.PDB_model_num   1 
_pdbx_struct_special_symmetry.auth_asym_id    A 
_pdbx_struct_special_symmetry.auth_comp_id    SO4 
_pdbx_struct_special_symmetry.auth_seq_id     610 
_pdbx_struct_special_symmetry.PDB_ins_code    ? 
_pdbx_struct_special_symmetry.label_asym_id   K 
_pdbx_struct_special_symmetry.label_comp_id   SO4 
_pdbx_struct_special_symmetry.label_seq_id    . 
# 
_diffrn_reflns.diffrn_id                   1 
_diffrn_reflns.pdbx_d_res_high             2.400 
_diffrn_reflns.pdbx_d_res_low              53.360 
_diffrn_reflns.pdbx_number_obs             4128 
_diffrn_reflns.pdbx_Rmerge_I_obs           0.109 
_diffrn_reflns.pdbx_Rsym_value             ? 
_diffrn_reflns.pdbx_chi_squared            ? 
_diffrn_reflns.pdbx_redundancy             5.80 
_diffrn_reflns.pdbx_rejects                75 
_diffrn_reflns.pdbx_percent_possible_obs   99.90 
_diffrn_reflns.pdbx_observed_criterion     ? 
_diffrn_reflns.number                      23972 
_diffrn_reflns.limit_h_max                 ? 
_diffrn_reflns.limit_h_min                 ? 
_diffrn_reflns.limit_k_max                 ? 
_diffrn_reflns.limit_k_min                 ? 
_diffrn_reflns.limit_l_max                 ? 
_diffrn_reflns.limit_l_min                 ? 
# 
loop_
_pdbx_diffrn_reflns_shell.diffrn_id 
_pdbx_diffrn_reflns_shell.d_res_high 
_pdbx_diffrn_reflns_shell.d_res_low 
_pdbx_diffrn_reflns_shell.number_obs 
_pdbx_diffrn_reflns_shell.rejects 
_pdbx_diffrn_reflns_shell.Rmerge_I_obs 
_pdbx_diffrn_reflns_shell.Rsym_value 
_pdbx_diffrn_reflns_shell.chi_squared 
_pdbx_diffrn_reflns_shell.redundancy 
_pdbx_diffrn_reflns_shell.percent_possible_obs 
1 2.40 2.49  ? ? 0.290 ? ? 6.10 ? 
1 8.98 53.36 ? ? 0.088 ? ? 4.10 ? 
# 
loop_
_pdbx_refine_tls.pdbx_refine_id 
_pdbx_refine_tls.id 
_pdbx_refine_tls.details 
_pdbx_refine_tls.method 
_pdbx_refine_tls.origin_x 
_pdbx_refine_tls.origin_y 
_pdbx_refine_tls.origin_z 
_pdbx_refine_tls.T[1][1] 
_pdbx_refine_tls.T[2][2] 
_pdbx_refine_tls.T[3][3] 
_pdbx_refine_tls.T[1][2] 
_pdbx_refine_tls.T[1][3] 
_pdbx_refine_tls.T[2][3] 
_pdbx_refine_tls.L[1][1] 
_pdbx_refine_tls.L[2][2] 
_pdbx_refine_tls.L[3][3] 
_pdbx_refine_tls.L[1][2] 
_pdbx_refine_tls.L[1][3] 
_pdbx_refine_tls.L[2][3] 
_pdbx_refine_tls.S[1][1] 
_pdbx_refine_tls.S[2][2] 
_pdbx_refine_tls.S[3][3] 
_pdbx_refine_tls.S[1][2] 
_pdbx_refine_tls.S[1][3] 
_pdbx_refine_tls.S[2][3] 
_pdbx_refine_tls.S[2][1] 
_pdbx_refine_tls.S[3][1] 
_pdbx_refine_tls.S[3][2] 
'X-RAY DIFFRACTION' 1 ? refined 1.0351  0.5999  -2.5051 0.2622 0.1834 0.1709  0.0504  -0.0572 -0.0078 2.6853 3.6831 5.3566  -0.2238 1.1205 0.3215  0.0074  0.1432  -0.1524 -0.4076 -0.0242 -0.2445 0.8217 -0.1276 -0.1156 
'X-RAY DIFFRACTION' 2 ? refined -0.5626 -8.4028 -4.0793 0.4688 0.3688 0.0781  -0.1405 -0.1251 0.0590  7.5200 4.8597 4.6609  -0.8774 1.9893 0.1420  1.0415  0.6374  -0.1890 -1.0474 -1.1047 0.2295  1.2354 0.6617  -1.1369 
'X-RAY DIFFRACTION' 3 ? refined 2.7403  -4.6810 4.0902  0.6238 0.2392 -0.6747 0.1108  -0.2119 0.2504  2.3639 2.6753 4.3866  -2.1155 2.1437 -0.6534 1.3029  0.6403  0.2019  -0.6465 0.0557  -0.7650 1.2777 0.5219  0.1624  
'X-RAY DIFFRACTION' 4 ? refined 0.4106  7.0476  7.2446  0.9481 0.4595 -0.6697 -0.0431 -0.3135 -0.1619 0.0274 0.2864 4.3170  -0.0082 0.1101 -0.9672 -0.0718 -0.1854 -0.1808 -0.8849 0.6215  -0.1292 1.7279 -0.4456 -0.5758 
'X-RAY DIFFRACTION' 5 ? refined -6.7769 2.7069  1.5531  0.3677 0.2312 0.0408  0.1116  0.0584  -0.0142 2.4859 0.5412 10.1209 -0.2981 3.6313 -2.0178 0.2119  0.1438  -0.3182 -0.0119 0.3111  -0.0802 0.3243 0.0890  -0.5765 
# 
loop_
_pdbx_refine_tls_group.pdbx_refine_id 
_pdbx_refine_tls_group.id 
_pdbx_refine_tls_group.refine_tls_id 
_pdbx_refine_tls_group.beg_auth_asym_id 
_pdbx_refine_tls_group.beg_auth_seq_id 
_pdbx_refine_tls_group.end_auth_asym_id 
_pdbx_refine_tls_group.end_auth_seq_id 
_pdbx_refine_tls_group.selection_details 
_pdbx_refine_tls_group.beg_label_asym_id 
_pdbx_refine_tls_group.beg_label_seq_id 
_pdbx_refine_tls_group.end_label_asym_id 
_pdbx_refine_tls_group.end_label_seq_id 
_pdbx_refine_tls_group.selection 
'X-RAY DIFFRACTION' 1 1 A 424 A 459 '( CHAIN A AND RESID 424:459 )' ? ? ? ? ? 
'X-RAY DIFFRACTION' 2 2 A 460 A 471 '( CHAIN A AND RESID 460:471 )' ? ? ? ? ? 
'X-RAY DIFFRACTION' 3 3 A 472 A 488 '( CHAIN A AND RESID 472:488 )' ? ? ? ? ? 
'X-RAY DIFFRACTION' 4 4 A 489 A 503 '( CHAIN A AND RESID 489:503 )' ? ? ? ? ? 
'X-RAY DIFFRACTION' 5 5 A 504 A 511 '( CHAIN A AND RESID 504:511 )' ? ? ? ? ? 
# 
_phasing.method   SAD 
# 
_phasing_MAD.entry_id          4Y0L 
_phasing_MAD.pdbx_d_res_high   0.00 
_phasing_MAD.pdbx_d_res_low    0.00 
_phasing_MAD.pdbx_fom          0.000 
_phasing_MAD.pdbx_reflns       0 
# 
loop_
_pdbx_unobs_or_zero_occ_residues.id 
_pdbx_unobs_or_zero_occ_residues.PDB_model_num 
_pdbx_unobs_or_zero_occ_residues.polymer_flag 
_pdbx_unobs_or_zero_occ_residues.occupancy_flag 
_pdbx_unobs_or_zero_occ_residues.auth_asym_id 
_pdbx_unobs_or_zero_occ_residues.auth_comp_id 
_pdbx_unobs_or_zero_occ_residues.auth_seq_id 
_pdbx_unobs_or_zero_occ_residues.PDB_ins_code 
_pdbx_unobs_or_zero_occ_residues.label_asym_id 
_pdbx_unobs_or_zero_occ_residues.label_comp_id 
_pdbx_unobs_or_zero_occ_residues.label_seq_id 
1 1 Y 1 A SER 480 ? A SER 57 
2 1 Y 1 A VAL 481 ? A VAL 58 
3 1 Y 1 A ASP 482 ? A ASP 59 
4 1 Y 1 A PRO 483 ? A PRO 60 
5 1 Y 1 A GLU 484 ? A GLU 61 
6 1 Y 1 A ASP 485 ? A ASP 62 
7 1 Y 1 A LEU 486 ? A LEU 63 
8 1 Y 1 A GLY 487 ? A GLY 64 
# 
loop_
_chem_comp_atom.comp_id 
_chem_comp_atom.atom_id 
_chem_comp_atom.type_symbol 
_chem_comp_atom.pdbx_aromatic_flag 
_chem_comp_atom.pdbx_stereo_config 
_chem_comp_atom.pdbx_ordinal 
ALA N    N N N 1   
ALA CA   C N S 2   
ALA C    C N N 3   
ALA O    O N N 4   
ALA CB   C N N 5   
ALA OXT  O N N 6   
ALA H    H N N 7   
ALA H2   H N N 8   
ALA HA   H N N 9   
ALA HB1  H N N 10  
ALA HB2  H N N 11  
ALA HB3  H N N 12  
ALA HXT  H N N 13  
ARG N    N N N 14  
ARG CA   C N S 15  
ARG C    C N N 16  
ARG O    O N N 17  
ARG CB   C N N 18  
ARG CG   C N N 19  
ARG CD   C N N 20  
ARG NE   N N N 21  
ARG CZ   C N N 22  
ARG NH1  N N N 23  
ARG NH2  N N N 24  
ARG OXT  O N N 25  
ARG H    H N N 26  
ARG H2   H N N 27  
ARG HA   H N N 28  
ARG HB2  H N N 29  
ARG HB3  H N N 30  
ARG HG2  H N N 31  
ARG HG3  H N N 32  
ARG HD2  H N N 33  
ARG HD3  H N N 34  
ARG HE   H N N 35  
ARG HH11 H N N 36  
ARG HH12 H N N 37  
ARG HH21 H N N 38  
ARG HH22 H N N 39  
ARG HXT  H N N 40  
ASN N    N N N 41  
ASN CA   C N S 42  
ASN C    C N N 43  
ASN O    O N N 44  
ASN CB   C N N 45  
ASN CG   C N N 46  
ASN OD1  O N N 47  
ASN ND2  N N N 48  
ASN OXT  O N N 49  
ASN H    H N N 50  
ASN H2   H N N 51  
ASN HA   H N N 52  
ASN HB2  H N N 53  
ASN HB3  H N N 54  
ASN HD21 H N N 55  
ASN HD22 H N N 56  
ASN HXT  H N N 57  
ASP N    N N N 58  
ASP CA   C N S 59  
ASP C    C N N 60  
ASP O    O N N 61  
ASP CB   C N N 62  
ASP CG   C N N 63  
ASP OD1  O N N 64  
ASP OD2  O N N 65  
ASP OXT  O N N 66  
ASP H    H N N 67  
ASP H2   H N N 68  
ASP HA   H N N 69  
ASP HB2  H N N 70  
ASP HB3  H N N 71  
ASP HD2  H N N 72  
ASP HXT  H N N 73  
GLN N    N N N 74  
GLN CA   C N S 75  
GLN C    C N N 76  
GLN O    O N N 77  
GLN CB   C N N 78  
GLN CG   C N N 79  
GLN CD   C N N 80  
GLN OE1  O N N 81  
GLN NE2  N N N 82  
GLN OXT  O N N 83  
GLN H    H N N 84  
GLN H2   H N N 85  
GLN HA   H N N 86  
GLN HB2  H N N 87  
GLN HB3  H N N 88  
GLN HG2  H N N 89  
GLN HG3  H N N 90  
GLN HE21 H N N 91  
GLN HE22 H N N 92  
GLN HXT  H N N 93  
GLU N    N N N 94  
GLU CA   C N S 95  
GLU C    C N N 96  
GLU O    O N N 97  
GLU CB   C N N 98  
GLU CG   C N N 99  
GLU CD   C N N 100 
GLU OE1  O N N 101 
GLU OE2  O N N 102 
GLU OXT  O N N 103 
GLU H    H N N 104 
GLU H2   H N N 105 
GLU HA   H N N 106 
GLU HB2  H N N 107 
GLU HB3  H N N 108 
GLU HG2  H N N 109 
GLU HG3  H N N 110 
GLU HE2  H N N 111 
GLU HXT  H N N 112 
GLY N    N N N 113 
GLY CA   C N N 114 
GLY C    C N N 115 
GLY O    O N N 116 
GLY OXT  O N N 117 
GLY H    H N N 118 
GLY H2   H N N 119 
GLY HA2  H N N 120 
GLY HA3  H N N 121 
GLY HXT  H N N 122 
HIS N    N N N 123 
HIS CA   C N S 124 
HIS C    C N N 125 
HIS O    O N N 126 
HIS CB   C N N 127 
HIS CG   C Y N 128 
HIS ND1  N Y N 129 
HIS CD2  C Y N 130 
HIS CE1  C Y N 131 
HIS NE2  N Y N 132 
HIS OXT  O N N 133 
HIS H    H N N 134 
HIS H2   H N N 135 
HIS HA   H N N 136 
HIS HB2  H N N 137 
HIS HB3  H N N 138 
HIS HD1  H N N 139 
HIS HD2  H N N 140 
HIS HE1  H N N 141 
HIS HE2  H N N 142 
HIS HXT  H N N 143 
HOH O    O N N 144 
HOH H1   H N N 145 
HOH H2   H N N 146 
ILE N    N N N 147 
ILE CA   C N S 148 
ILE C    C N N 149 
ILE O    O N N 150 
ILE CB   C N S 151 
ILE CG1  C N N 152 
ILE CG2  C N N 153 
ILE CD1  C N N 154 
ILE OXT  O N N 155 
ILE H    H N N 156 
ILE H2   H N N 157 
ILE HA   H N N 158 
ILE HB   H N N 159 
ILE HG12 H N N 160 
ILE HG13 H N N 161 
ILE HG21 H N N 162 
ILE HG22 H N N 163 
ILE HG23 H N N 164 
ILE HD11 H N N 165 
ILE HD12 H N N 166 
ILE HD13 H N N 167 
ILE HXT  H N N 168 
IOD I    I N N 169 
LEU N    N N N 170 
LEU CA   C N S 171 
LEU C    C N N 172 
LEU O    O N N 173 
LEU CB   C N N 174 
LEU CG   C N N 175 
LEU CD1  C N N 176 
LEU CD2  C N N 177 
LEU OXT  O N N 178 
LEU H    H N N 179 
LEU H2   H N N 180 
LEU HA   H N N 181 
LEU HB2  H N N 182 
LEU HB3  H N N 183 
LEU HG   H N N 184 
LEU HD11 H N N 185 
LEU HD12 H N N 186 
LEU HD13 H N N 187 
LEU HD21 H N N 188 
LEU HD22 H N N 189 
LEU HD23 H N N 190 
LEU HXT  H N N 191 
MET N    N N N 192 
MET CA   C N S 193 
MET C    C N N 194 
MET O    O N N 195 
MET CB   C N N 196 
MET CG   C N N 197 
MET SD   S N N 198 
MET CE   C N N 199 
MET OXT  O N N 200 
MET H    H N N 201 
MET H2   H N N 202 
MET HA   H N N 203 
MET HB2  H N N 204 
MET HB3  H N N 205 
MET HG2  H N N 206 
MET HG3  H N N 207 
MET HE1  H N N 208 
MET HE2  H N N 209 
MET HE3  H N N 210 
MET HXT  H N N 211 
PHE N    N N N 212 
PHE CA   C N S 213 
PHE C    C N N 214 
PHE O    O N N 215 
PHE CB   C N N 216 
PHE CG   C Y N 217 
PHE CD1  C Y N 218 
PHE CD2  C Y N 219 
PHE CE1  C Y N 220 
PHE CE2  C Y N 221 
PHE CZ   C Y N 222 
PHE OXT  O N N 223 
PHE H    H N N 224 
PHE H2   H N N 225 
PHE HA   H N N 226 
PHE HB2  H N N 227 
PHE HB3  H N N 228 
PHE HD1  H N N 229 
PHE HD2  H N N 230 
PHE HE1  H N N 231 
PHE HE2  H N N 232 
PHE HZ   H N N 233 
PHE HXT  H N N 234 
PRO N    N N N 235 
PRO CA   C N S 236 
PRO C    C N N 237 
PRO O    O N N 238 
PRO CB   C N N 239 
PRO CG   C N N 240 
PRO CD   C N N 241 
PRO OXT  O N N 242 
PRO H    H N N 243 
PRO HA   H N N 244 
PRO HB2  H N N 245 
PRO HB3  H N N 246 
PRO HG2  H N N 247 
PRO HG3  H N N 248 
PRO HD2  H N N 249 
PRO HD3  H N N 250 
PRO HXT  H N N 251 
SER N    N N N 252 
SER CA   C N S 253 
SER C    C N N 254 
SER O    O N N 255 
SER CB   C N N 256 
SER OG   O N N 257 
SER OXT  O N N 258 
SER H    H N N 259 
SER H2   H N N 260 
SER HA   H N N 261 
SER HB2  H N N 262 
SER HB3  H N N 263 
SER HG   H N N 264 
SER HXT  H N N 265 
SO4 S    S N N 266 
SO4 O1   O N N 267 
SO4 O2   O N N 268 
SO4 O3   O N N 269 
SO4 O4   O N N 270 
THR N    N N N 271 
THR CA   C N S 272 
THR C    C N N 273 
THR O    O N N 274 
THR CB   C N R 275 
THR OG1  O N N 276 
THR CG2  C N N 277 
THR OXT  O N N 278 
THR H    H N N 279 
THR H2   H N N 280 
THR HA   H N N 281 
THR HB   H N N 282 
THR HG1  H N N 283 
THR HG21 H N N 284 
THR HG22 H N N 285 
THR HG23 H N N 286 
THR HXT  H N N 287 
TRP N    N N N 288 
TRP CA   C N S 289 
TRP C    C N N 290 
TRP O    O N N 291 
TRP CB   C N N 292 
TRP CG   C Y N 293 
TRP CD1  C Y N 294 
TRP CD2  C Y N 295 
TRP NE1  N Y N 296 
TRP CE2  C Y N 297 
TRP CE3  C Y N 298 
TRP CZ2  C Y N 299 
TRP CZ3  C Y N 300 
TRP CH2  C Y N 301 
TRP OXT  O N N 302 
TRP H    H N N 303 
TRP H2   H N N 304 
TRP HA   H N N 305 
TRP HB2  H N N 306 
TRP HB3  H N N 307 
TRP HD1  H N N 308 
TRP HE1  H N N 309 
TRP HE3  H N N 310 
TRP HZ2  H N N 311 
TRP HZ3  H N N 312 
TRP HH2  H N N 313 
TRP HXT  H N N 314 
VAL N    N N N 315 
VAL CA   C N S 316 
VAL C    C N N 317 
VAL O    O N N 318 
VAL CB   C N N 319 
VAL CG1  C N N 320 
VAL CG2  C N N 321 
VAL OXT  O N N 322 
VAL H    H N N 323 
VAL H2   H N N 324 
VAL HA   H N N 325 
VAL HB   H N N 326 
VAL HG11 H N N 327 
VAL HG12 H N N 328 
VAL HG13 H N N 329 
VAL HG21 H N N 330 
VAL HG22 H N N 331 
VAL HG23 H N N 332 
VAL HXT  H N N 333 
# 
loop_
_chem_comp_bond.comp_id 
_chem_comp_bond.atom_id_1 
_chem_comp_bond.atom_id_2 
_chem_comp_bond.value_order 
_chem_comp_bond.pdbx_aromatic_flag 
_chem_comp_bond.pdbx_stereo_config 
_chem_comp_bond.pdbx_ordinal 
ALA N   CA   sing N N 1   
ALA N   H    sing N N 2   
ALA N   H2   sing N N 3   
ALA CA  C    sing N N 4   
ALA CA  CB   sing N N 5   
ALA CA  HA   sing N N 6   
ALA C   O    doub N N 7   
ALA C   OXT  sing N N 8   
ALA CB  HB1  sing N N 9   
ALA CB  HB2  sing N N 10  
ALA CB  HB3  sing N N 11  
ALA OXT HXT  sing N N 12  
ARG N   CA   sing N N 13  
ARG N   H    sing N N 14  
ARG N   H2   sing N N 15  
ARG CA  C    sing N N 16  
ARG CA  CB   sing N N 17  
ARG CA  HA   sing N N 18  
ARG C   O    doub N N 19  
ARG C   OXT  sing N N 20  
ARG CB  CG   sing N N 21  
ARG CB  HB2  sing N N 22  
ARG CB  HB3  sing N N 23  
ARG CG  CD   sing N N 24  
ARG CG  HG2  sing N N 25  
ARG CG  HG3  sing N N 26  
ARG CD  NE   sing N N 27  
ARG CD  HD2  sing N N 28  
ARG CD  HD3  sing N N 29  
ARG NE  CZ   sing N N 30  
ARG NE  HE   sing N N 31  
ARG CZ  NH1  sing N N 32  
ARG CZ  NH2  doub N N 33  
ARG NH1 HH11 sing N N 34  
ARG NH1 HH12 sing N N 35  
ARG NH2 HH21 sing N N 36  
ARG NH2 HH22 sing N N 37  
ARG OXT HXT  sing N N 38  
ASN N   CA   sing N N 39  
ASN N   H    sing N N 40  
ASN N   H2   sing N N 41  
ASN CA  C    sing N N 42  
ASN CA  CB   sing N N 43  
ASN CA  HA   sing N N 44  
ASN C   O    doub N N 45  
ASN C   OXT  sing N N 46  
ASN CB  CG   sing N N 47  
ASN CB  HB2  sing N N 48  
ASN CB  HB3  sing N N 49  
ASN CG  OD1  doub N N 50  
ASN CG  ND2  sing N N 51  
ASN ND2 HD21 sing N N 52  
ASN ND2 HD22 sing N N 53  
ASN OXT HXT  sing N N 54  
ASP N   CA   sing N N 55  
ASP N   H    sing N N 56  
ASP N   H2   sing N N 57  
ASP CA  C    sing N N 58  
ASP CA  CB   sing N N 59  
ASP CA  HA   sing N N 60  
ASP C   O    doub N N 61  
ASP C   OXT  sing N N 62  
ASP CB  CG   sing N N 63  
ASP CB  HB2  sing N N 64  
ASP CB  HB3  sing N N 65  
ASP CG  OD1  doub N N 66  
ASP CG  OD2  sing N N 67  
ASP OD2 HD2  sing N N 68  
ASP OXT HXT  sing N N 69  
GLN N   CA   sing N N 70  
GLN N   H    sing N N 71  
GLN N   H2   sing N N 72  
GLN CA  C    sing N N 73  
GLN CA  CB   sing N N 74  
GLN CA  HA   sing N N 75  
GLN C   O    doub N N 76  
GLN C   OXT  sing N N 77  
GLN CB  CG   sing N N 78  
GLN CB  HB2  sing N N 79  
GLN CB  HB3  sing N N 80  
GLN CG  CD   sing N N 81  
GLN CG  HG2  sing N N 82  
GLN CG  HG3  sing N N 83  
GLN CD  OE1  doub N N 84  
GLN CD  NE2  sing N N 85  
GLN NE2 HE21 sing N N 86  
GLN NE2 HE22 sing N N 87  
GLN OXT HXT  sing N N 88  
GLU N   CA   sing N N 89  
GLU N   H    sing N N 90  
GLU N   H2   sing N N 91  
GLU CA  C    sing N N 92  
GLU CA  CB   sing N N 93  
GLU CA  HA   sing N N 94  
GLU C   O    doub N N 95  
GLU C   OXT  sing N N 96  
GLU CB  CG   sing N N 97  
GLU CB  HB2  sing N N 98  
GLU CB  HB3  sing N N 99  
GLU CG  CD   sing N N 100 
GLU CG  HG2  sing N N 101 
GLU CG  HG3  sing N N 102 
GLU CD  OE1  doub N N 103 
GLU CD  OE2  sing N N 104 
GLU OE2 HE2  sing N N 105 
GLU OXT HXT  sing N N 106 
GLY N   CA   sing N N 107 
GLY N   H    sing N N 108 
GLY N   H2   sing N N 109 
GLY CA  C    sing N N 110 
GLY CA  HA2  sing N N 111 
GLY CA  HA3  sing N N 112 
GLY C   O    doub N N 113 
GLY C   OXT  sing N N 114 
GLY OXT HXT  sing N N 115 
HIS N   CA   sing N N 116 
HIS N   H    sing N N 117 
HIS N   H2   sing N N 118 
HIS CA  C    sing N N 119 
HIS CA  CB   sing N N 120 
HIS CA  HA   sing N N 121 
HIS C   O    doub N N 122 
HIS C   OXT  sing N N 123 
HIS CB  CG   sing N N 124 
HIS CB  HB2  sing N N 125 
HIS CB  HB3  sing N N 126 
HIS CG  ND1  sing Y N 127 
HIS CG  CD2  doub Y N 128 
HIS ND1 CE1  doub Y N 129 
HIS ND1 HD1  sing N N 130 
HIS CD2 NE2  sing Y N 131 
HIS CD2 HD2  sing N N 132 
HIS CE1 NE2  sing Y N 133 
HIS CE1 HE1  sing N N 134 
HIS NE2 HE2  sing N N 135 
HIS OXT HXT  sing N N 136 
HOH O   H1   sing N N 137 
HOH O   H2   sing N N 138 
ILE N   CA   sing N N 139 
ILE N   H    sing N N 140 
ILE N   H2   sing N N 141 
ILE CA  C    sing N N 142 
ILE CA  CB   sing N N 143 
ILE CA  HA   sing N N 144 
ILE C   O    doub N N 145 
ILE C   OXT  sing N N 146 
ILE CB  CG1  sing N N 147 
ILE CB  CG2  sing N N 148 
ILE CB  HB   sing N N 149 
ILE CG1 CD1  sing N N 150 
ILE CG1 HG12 sing N N 151 
ILE CG1 HG13 sing N N 152 
ILE CG2 HG21 sing N N 153 
ILE CG2 HG22 sing N N 154 
ILE CG2 HG23 sing N N 155 
ILE CD1 HD11 sing N N 156 
ILE CD1 HD12 sing N N 157 
ILE CD1 HD13 sing N N 158 
ILE OXT HXT  sing N N 159 
LEU N   CA   sing N N 160 
LEU N   H    sing N N 161 
LEU N   H2   sing N N 162 
LEU CA  C    sing N N 163 
LEU CA  CB   sing N N 164 
LEU CA  HA   sing N N 165 
LEU C   O    doub N N 166 
LEU C   OXT  sing N N 167 
LEU CB  CG   sing N N 168 
LEU CB  HB2  sing N N 169 
LEU CB  HB3  sing N N 170 
LEU CG  CD1  sing N N 171 
LEU CG  CD2  sing N N 172 
LEU CG  HG   sing N N 173 
LEU CD1 HD11 sing N N 174 
LEU CD1 HD12 sing N N 175 
LEU CD1 HD13 sing N N 176 
LEU CD2 HD21 sing N N 177 
LEU CD2 HD22 sing N N 178 
LEU CD2 HD23 sing N N 179 
LEU OXT HXT  sing N N 180 
MET N   CA   sing N N 181 
MET N   H    sing N N 182 
MET N   H2   sing N N 183 
MET CA  C    sing N N 184 
MET CA  CB   sing N N 185 
MET CA  HA   sing N N 186 
MET C   O    doub N N 187 
MET C   OXT  sing N N 188 
MET CB  CG   sing N N 189 
MET CB  HB2  sing N N 190 
MET CB  HB3  sing N N 191 
MET CG  SD   sing N N 192 
MET CG  HG2  sing N N 193 
MET CG  HG3  sing N N 194 
MET SD  CE   sing N N 195 
MET CE  HE1  sing N N 196 
MET CE  HE2  sing N N 197 
MET CE  HE3  sing N N 198 
MET OXT HXT  sing N N 199 
PHE N   CA   sing N N 200 
PHE N   H    sing N N 201 
PHE N   H2   sing N N 202 
PHE CA  C    sing N N 203 
PHE CA  CB   sing N N 204 
PHE CA  HA   sing N N 205 
PHE C   O    doub N N 206 
PHE C   OXT  sing N N 207 
PHE CB  CG   sing N N 208 
PHE CB  HB2  sing N N 209 
PHE CB  HB3  sing N N 210 
PHE CG  CD1  doub Y N 211 
PHE CG  CD2  sing Y N 212 
PHE CD1 CE1  sing Y N 213 
PHE CD1 HD1  sing N N 214 
PHE CD2 CE2  doub Y N 215 
PHE CD2 HD2  sing N N 216 
PHE CE1 CZ   doub Y N 217 
PHE CE1 HE1  sing N N 218 
PHE CE2 CZ   sing Y N 219 
PHE CE2 HE2  sing N N 220 
PHE CZ  HZ   sing N N 221 
PHE OXT HXT  sing N N 222 
PRO N   CA   sing N N 223 
PRO N   CD   sing N N 224 
PRO N   H    sing N N 225 
PRO CA  C    sing N N 226 
PRO CA  CB   sing N N 227 
PRO CA  HA   sing N N 228 
PRO C   O    doub N N 229 
PRO C   OXT  sing N N 230 
PRO CB  CG   sing N N 231 
PRO CB  HB2  sing N N 232 
PRO CB  HB3  sing N N 233 
PRO CG  CD   sing N N 234 
PRO CG  HG2  sing N N 235 
PRO CG  HG3  sing N N 236 
PRO CD  HD2  sing N N 237 
PRO CD  HD3  sing N N 238 
PRO OXT HXT  sing N N 239 
SER N   CA   sing N N 240 
SER N   H    sing N N 241 
SER N   H2   sing N N 242 
SER CA  C    sing N N 243 
SER CA  CB   sing N N 244 
SER CA  HA   sing N N 245 
SER C   O    doub N N 246 
SER C   OXT  sing N N 247 
SER CB  OG   sing N N 248 
SER CB  HB2  sing N N 249 
SER CB  HB3  sing N N 250 
SER OG  HG   sing N N 251 
SER OXT HXT  sing N N 252 
SO4 S   O1   doub N N 253 
SO4 S   O2   doub N N 254 
SO4 S   O3   sing N N 255 
SO4 S   O4   sing N N 256 
THR N   CA   sing N N 257 
THR N   H    sing N N 258 
THR N   H2   sing N N 259 
THR CA  C    sing N N 260 
THR CA  CB   sing N N 261 
THR CA  HA   sing N N 262 
THR C   O    doub N N 263 
THR C   OXT  sing N N 264 
THR CB  OG1  sing N N 265 
THR CB  CG2  sing N N 266 
THR CB  HB   sing N N 267 
THR OG1 HG1  sing N N 268 
THR CG2 HG21 sing N N 269 
THR CG2 HG22 sing N N 270 
THR CG2 HG23 sing N N 271 
THR OXT HXT  sing N N 272 
TRP N   CA   sing N N 273 
TRP N   H    sing N N 274 
TRP N   H2   sing N N 275 
TRP CA  C    sing N N 276 
TRP CA  CB   sing N N 277 
TRP CA  HA   sing N N 278 
TRP C   O    doub N N 279 
TRP C   OXT  sing N N 280 
TRP CB  CG   sing N N 281 
TRP CB  HB2  sing N N 282 
TRP CB  HB3  sing N N 283 
TRP CG  CD1  doub Y N 284 
TRP CG  CD2  sing Y N 285 
TRP CD1 NE1  sing Y N 286 
TRP CD1 HD1  sing N N 287 
TRP CD2 CE2  doub Y N 288 
TRP CD2 CE3  sing Y N 289 
TRP NE1 CE2  sing Y N 290 
TRP NE1 HE1  sing N N 291 
TRP CE2 CZ2  sing Y N 292 
TRP CE3 CZ3  doub Y N 293 
TRP CE3 HE3  sing N N 294 
TRP CZ2 CH2  doub Y N 295 
TRP CZ2 HZ2  sing N N 296 
TRP CZ3 CH2  sing Y N 297 
TRP CZ3 HZ3  sing N N 298 
TRP CH2 HH2  sing N N 299 
TRP OXT HXT  sing N N 300 
VAL N   CA   sing N N 301 
VAL N   H    sing N N 302 
VAL N   H2   sing N N 303 
VAL CA  C    sing N N 304 
VAL CA  CB   sing N N 305 
VAL CA  HA   sing N N 306 
VAL C   O    doub N N 307 
VAL C   OXT  sing N N 308 
VAL CB  CG1  sing N N 309 
VAL CB  CG2  sing N N 310 
VAL CB  HB   sing N N 311 
VAL CG1 HG11 sing N N 312 
VAL CG1 HG12 sing N N 313 
VAL CG1 HG13 sing N N 314 
VAL CG2 HG21 sing N N 315 
VAL CG2 HG22 sing N N 316 
VAL CG2 HG23 sing N N 317 
VAL OXT HXT  sing N N 318 
# 
_atom_sites.entry_id                    4Y0L 
_atom_sites.fract_transf_matrix[1][1]   0.00205210 
_atom_sites.fract_transf_matrix[1][2]   0.00959000 
_atom_sites.fract_transf_matrix[1][3]   0.01167049 
_atom_sites.fract_transf_matrix[2][1]   0.00059557 
_atom_sites.fract_transf_matrix[2][2]   0.00835883 
_atom_sites.fract_transf_matrix[2][3]   -0.00697344 
_atom_sites.fract_transf_matrix[3][1]   -0.03011804 
_atom_sites.fract_transf_matrix[3][2]   0.00389432 
_atom_sites.fract_transf_matrix[3][3]   0.00209576 
_atom_sites.fract_transf_vector[1]      0.173799 
_atom_sites.fract_transf_vector[2]      0.380974 
_atom_sites.fract_transf_vector[3]      0.357598 
# 
loop_
_atom_type.symbol 
C 
H 
I 
N 
O 
S 
# 
loop_
_atom_site.group_PDB 
_atom_site.id 
_atom_site.type_symbol 
_atom_site.label_atom_id 
_atom_site.label_alt_id 
_atom_site.label_comp_id 
_atom_site.label_asym_id 
_atom_site.label_entity_id 
_atom_site.label_seq_id 
_atom_site.pdbx_PDB_ins_code 
_atom_site.Cartn_x 
_atom_site.Cartn_y 
_atom_site.Cartn_z 
_atom_site.occupancy 
_atom_site.B_iso_or_equiv 
_atom_site.pdbx_formal_charge 
_atom_site.auth_seq_id 
_atom_site.auth_comp_id 
_atom_site.auth_asym_id 
_atom_site.auth_atom_id 
_atom_site.pdbx_PDB_model_num 
ATOM   1    N N    . PRO A 1 1  ? 5.086   -7.346  11.015  1.00 62.70  ? 424 PRO A N    1 
ATOM   2    C CA   . PRO A 1 1  ? 4.860   -6.998  9.607   1.00 58.25  ? 424 PRO A CA   1 
ATOM   3    C C    . PRO A 1 1  ? 3.572   -6.200  9.404   1.00 53.20  ? 424 PRO A C    1 
ATOM   4    O O    . PRO A 1 1  ? 2.478   -6.758  9.489   1.00 58.04  ? 424 PRO A O    1 
ATOM   5    C CB   . PRO A 1 1  ? 4.782   -8.365  8.919   1.00 56.58  ? 424 PRO A CB   1 
ATOM   6    C CG   . PRO A 1 1  ? 5.616   -9.255  9.771   1.00 58.66  ? 424 PRO A CG   1 
ATOM   7    C CD   . PRO A 1 1  ? 5.439   -8.766  11.183  1.00 65.47  ? 424 PRO A CD   1 
ATOM   8    H HA   . PRO A 1 1  ? 5.613   -6.499  9.254   1.00 69.90  ? 424 PRO A HA   1 
ATOM   9    H HB2  . PRO A 1 1  ? 3.862   -8.670  8.898   1.00 67.89  ? 424 PRO A HB2  1 
ATOM   10   H HB3  . PRO A 1 1  ? 5.146   -8.302  8.023   1.00 67.89  ? 424 PRO A HB3  1 
ATOM   11   H HG2  . PRO A 1 1  ? 5.306   -10.169 9.685   1.00 70.39  ? 424 PRO A HG2  1 
ATOM   12   H HG3  . PRO A 1 1  ? 6.546   -9.184  9.501   1.00 70.39  ? 424 PRO A HG3  1 
ATOM   13   H HD2  . PRO A 1 1  ? 4.716   -9.245  11.618  1.00 78.56  ? 424 PRO A HD2  1 
ATOM   14   H HD3  . PRO A 1 1  ? 6.269   -8.852  11.677  1.00 78.56  ? 424 PRO A HD3  1 
ATOM   15   N N    . VAL A 1 2  ? 3.709   -4.903  9.144   1.00 49.14  ? 425 VAL A N    1 
ATOM   16   C CA   . VAL A 1 2  ? 2.554   -4.036  8.938   1.00 45.23  ? 425 VAL A CA   1 
ATOM   17   C C    . VAL A 1 2  ? 1.933   -4.297  7.568   1.00 43.44  ? 425 VAL A C    1 
ATOM   18   O O    . VAL A 1 2  ? 2.639   -4.361  6.563   1.00 38.49  ? 425 VAL A O    1 
ATOM   19   C CB   . VAL A 1 2  ? 2.941   -2.544  9.058   1.00 47.19  ? 425 VAL A CB   1 
ATOM   20   C CG1  . VAL A 1 2  ? 1.709   -1.653  8.921   1.00 60.86  ? 425 VAL A CG1  1 
ATOM   21   C CG2  . VAL A 1 2  ? 3.635   -2.280  10.384  1.00 44.28  ? 425 VAL A CG2  1 
ATOM   22   H H    . VAL A 1 2  ? 4.465   -4.500  9.080   1.00 58.97  ? 425 VAL A H    1 
ATOM   23   H HA   . VAL A 1 2  ? 1.887   -4.231  9.614   1.00 54.28  ? 425 VAL A HA   1 
ATOM   24   H HB   . VAL A 1 2  ? 3.557   -2.317  8.344   1.00 56.62  ? 425 VAL A HB   1 
ATOM   25   H HG11 . VAL A 1 2  ? 1.981   -0.726  9.000   1.00 73.03  ? 425 VAL A HG11 1 
ATOM   26   H HG12 . VAL A 1 2  ? 1.304   -1.808  8.054   1.00 73.03  ? 425 VAL A HG12 1 
ATOM   27   H HG13 . VAL A 1 2  ? 1.080   -1.876  9.624   1.00 73.03  ? 425 VAL A HG13 1 
ATOM   28   H HG21 . VAL A 1 2  ? 3.867   -1.339  10.436  1.00 53.14  ? 425 VAL A HG21 1 
ATOM   29   H HG22 . VAL A 1 2  ? 3.034   -2.513  11.108  1.00 53.14  ? 425 VAL A HG22 1 
ATOM   30   H HG23 . VAL A 1 2  ? 4.439   -2.822  10.432  1.00 53.14  ? 425 VAL A HG23 1 
ATOM   31   N N    . GLN A 1 3  ? 0.610   -4.444  7.542   1.00 39.42  ? 426 GLN A N    1 
ATOM   32   C CA   . GLN A 1 3  ? -0.123  -4.729  6.312   1.00 35.31  ? 426 GLN A CA   1 
ATOM   33   C C    . GLN A 1 3  ? -0.836  -3.491  5.782   1.00 33.47  ? 426 GLN A C    1 
ATOM   34   O O    . GLN A 1 3  ? -1.461  -2.755  6.544   1.00 31.78  ? 426 GLN A O    1 
ATOM   35   C CB   . GLN A 1 3  ? -1.148  -5.841  6.548   1.00 33.49  ? 426 GLN A CB   1 
ATOM   36   C CG   . GLN A 1 3  ? -0.549  -7.193  6.872   1.00 54.49  ? 426 GLN A CG   1 
ATOM   37   C CD   . GLN A 1 3  ? -1.603  -8.203  7.278   1.00 56.88  ? 426 GLN A CD   1 
ATOM   38   O OE1  . GLN A 1 3  ? -2.153  -8.135  8.379   1.00 51.89  ? 426 GLN A OE1  1 
ATOM   39   N NE2  . GLN A 1 3  ? -1.902  -9.139  6.385   1.00 51.09  ? 426 GLN A NE2  1 
ATOM   40   H H    . GLN A 1 3  ? 0.107   -4.382  8.237   1.00 47.30  ? 426 GLN A H    1 
ATOM   41   H HA   . GLN A 1 3  ? 0.500   -5.033  5.634   1.00 42.37  ? 426 GLN A HA   1 
ATOM   42   H HB2  . GLN A 1 3  ? -1.717  -5.586  7.291   1.00 40.19  ? 426 GLN A HB2  1 
ATOM   43   H HB3  . GLN A 1 3  ? -1.686  -5.941  5.747   1.00 40.19  ? 426 GLN A HB3  1 
ATOM   44   H HG2  . GLN A 1 3  ? -0.092  -7.534  6.087   1.00 65.39  ? 426 GLN A HG2  1 
ATOM   45   H HG3  . GLN A 1 3  ? 0.076   -7.096  7.607   1.00 65.39  ? 426 GLN A HG3  1 
ATOM   46   H HE21 . GLN A 1 3  ? -1.502  -9.149  5.624   1.00 61.31  ? 426 GLN A HE21 1 
ATOM   47   H HE22 . GLN A 1 3  ? -2.493  -9.735  6.568   1.00 61.31  ? 426 GLN A HE22 1 
ATOM   48   N N    . VAL A 1 4  ? -0.744  -3.277  4.470   1.00 28.98  ? 427 VAL A N    1 
ATOM   49   C CA   . VAL A 1 4  ? -1.449  -2.185  3.803   1.00 29.15  ? 427 VAL A CA   1 
ATOM   50   C C    . VAL A 1 4  ? -2.200  -2.722  2.589   1.00 33.43  ? 427 VAL A C    1 
ATOM   51   O O    . VAL A 1 4  ? -1.612  -3.362  1.717   1.00 29.14  ? 427 VAL A O    1 
ATOM   52   C CB   . VAL A 1 4  ? -0.484  -1.066  3.364   1.00 32.79  ? 427 VAL A CB   1 
ATOM   53   C CG1  . VAL A 1 4  ? -1.228  0.028   2.601   1.00 26.58  ? 427 VAL A CG1  1 
ATOM   54   C CG2  . VAL A 1 4  ? 0.223   -0.476  4.572   1.00 29.67  ? 427 VAL A CG2  1 
ATOM   55   H H    . VAL A 1 4  ? -0.271  -3.759  3.937   1.00 34.78  ? 427 VAL A H    1 
ATOM   56   H HA   . VAL A 1 4  ? -2.097  -1.802  4.416   1.00 34.98  ? 427 VAL A HA   1 
ATOM   57   H HB   . VAL A 1 4  ? 0.189   -1.440  2.774   1.00 39.35  ? 427 VAL A HB   1 
ATOM   58   H HG11 . VAL A 1 4  ? -0.596  0.716   2.339   1.00 31.89  ? 427 VAL A HG11 1 
ATOM   59   H HG12 . VAL A 1 4  ? -1.640  -0.361  1.814   1.00 31.89  ? 427 VAL A HG12 1 
ATOM   60   H HG13 . VAL A 1 4  ? -1.910  0.407   3.179   1.00 31.89  ? 427 VAL A HG13 1 
ATOM   61   H HG21 . VAL A 1 4  ? 0.825   0.224   4.275   1.00 35.61  ? 427 VAL A HG21 1 
ATOM   62   H HG22 . VAL A 1 4  ? -0.440  -0.109  5.177   1.00 35.61  ? 427 VAL A HG22 1 
ATOM   63   H HG23 . VAL A 1 4  ? 0.726   -1.177  5.016   1.00 35.61  ? 427 VAL A HG23 1 
ATOM   64   N N    . LEU A 1 5  ? -3.502  -2.452  2.545   1.00 25.52  ? 428 LEU A N    1 
ATOM   65   C CA   . LEU A 1 5  ? -4.369  -2.945  1.480   1.00 31.94  ? 428 LEU A CA   1 
ATOM   66   C C    . LEU A 1 5  ? -4.833  -1.801  0.582   1.00 26.75  ? 428 LEU A C    1 
ATOM   67   O O    . LEU A 1 5  ? -5.346  -0.795  1.068   1.00 30.63  ? 428 LEU A O    1 
ATOM   68   C CB   . LEU A 1 5  ? -5.580  -3.667  2.076   1.00 33.87  ? 428 LEU A CB   1 
ATOM   69   C CG   . LEU A 1 5  ? -6.449  -4.450  1.090   1.00 38.18  ? 428 LEU A CG   1 
ATOM   70   C CD1  . LEU A 1 5  ? -5.759  -5.738  0.668   1.00 29.64  ? 428 LEU A CD1  1 
ATOM   71   C CD2  . LEU A 1 5  ? -7.810  -4.741  1.695   1.00 43.50  ? 428 LEU A CD2  1 
ATOM   72   H H    . LEU A 1 5  ? -3.914  -1.977  3.132   1.00 30.63  ? 428 LEU A H    1 
ATOM   73   H HA   . LEU A 1 5  ? -3.876  -3.578  0.935   1.00 38.33  ? 428 LEU A HA   1 
ATOM   74   H HB2  . LEU A 1 5  ? -5.262  -4.296  2.743   1.00 40.65  ? 428 LEU A HB2  1 
ATOM   75   H HB3  . LEU A 1 5  ? -6.148  -3.007  2.501   1.00 40.65  ? 428 LEU A HB3  1 
ATOM   76   H HG   . LEU A 1 5  ? -6.586  -3.911  0.295   1.00 45.82  ? 428 LEU A HG   1 
ATOM   77   H HD11 . LEU A 1 5  ? -6.331  -6.213  0.045   1.00 35.57  ? 428 LEU A HD11 1 
ATOM   78   H HD12 . LEU A 1 5  ? -4.915  -5.519  0.242   1.00 35.57  ? 428 LEU A HD12 1 
ATOM   79   H HD13 . LEU A 1 5  ? -5.601  -6.284  1.455   1.00 35.57  ? 428 LEU A HD13 1 
ATOM   80   H HD21 . LEU A 1 5  ? -8.343  -5.236  1.053   1.00 52.20  ? 428 LEU A HD21 1 
ATOM   81   H HD22 . LEU A 1 5  ? -7.692  -5.266  2.503   1.00 52.20  ? 428 LEU A HD22 1 
ATOM   82   H HD23 . LEU A 1 5  ? -8.247  -3.901  1.909   1.00 52.20  ? 428 LEU A HD23 1 
ATOM   83   N N    . VAL A 1 6  ? -4.655  -1.967  -0.726  1.00 22.74  ? 429 VAL A N    1 
ATOM   84   C CA   . VAL A 1 6  ? -5.046  -0.951  -1.697  1.00 23.83  ? 429 VAL A CA   1 
ATOM   85   C C    . VAL A 1 6  ? -6.127  -1.488  -2.631  1.00 20.96  ? 429 VAL A C    1 
ATOM   86   O O    . VAL A 1 6  ? -5.913  -2.479  -3.326  1.00 19.78  ? 429 VAL A O    1 
ATOM   87   C CB   . VAL A 1 6  ? -3.843  -0.475  -2.538  1.00 28.29  ? 429 VAL A CB   1 
ATOM   88   C CG1  . VAL A 1 6  ? -4.213  0.767   -3.336  1.00 30.86  ? 429 VAL A CG1  1 
ATOM   89   C CG2  . VAL A 1 6  ? -2.644  -0.188  -1.643  1.00 26.42  ? 429 VAL A CG2  1 
ATOM   90   H H    . VAL A 1 6  ? -4.305  -2.669  -1.079  1.00 27.29  ? 429 VAL A H    1 
ATOM   91   H HA   . VAL A 1 6  ? -5.407  -0.183  -1.225  1.00 28.60  ? 429 VAL A HA   1 
ATOM   92   H HB   . VAL A 1 6  ? -3.594  -1.174  -3.162  1.00 33.95  ? 429 VAL A HB   1 
ATOM   93   H HG11 . VAL A 1 6  ? -3.445  1.047   -3.856  1.00 37.03  ? 429 VAL A HG11 1 
ATOM   94   H HG12 . VAL A 1 6  ? -4.953  0.553   -3.927  1.00 37.03  ? 429 VAL A HG12 1 
ATOM   95   H HG13 . VAL A 1 6  ? -4.473  1.471   -2.722  1.00 37.03  ? 429 VAL A HG13 1 
ATOM   96   H HG21 . VAL A 1 6  ? -1.903  0.109   -2.195  1.00 31.70  ? 429 VAL A HG21 1 
ATOM   97   H HG22 . VAL A 1 6  ? -2.884  0.506   -1.009  1.00 31.70  ? 429 VAL A HG22 1 
ATOM   98   H HG23 . VAL A 1 6  ? -2.402  -0.999  -1.171  1.00 31.70  ? 429 VAL A HG23 1 
ATOM   99   N N    . ARG A 1 7  ? -7.283  -0.828  -2.641  1.00 21.09  ? 430 ARG A N    1 
ATOM   100  C CA   . ARG A 1 7  ? -8.396  -1.227  -3.501  1.00 33.06  ? 430 ARG A CA   1 
ATOM   101  C C    . ARG A 1 7  ? -8.634  -0.192  -4.588  1.00 28.34  ? 430 ARG A C    1 
ATOM   102  O O    . ARG A 1 7  ? -8.574  1.013   -4.338  1.00 30.27  ? 430 ARG A O    1 
ATOM   103  C CB   . ARG A 1 7  ? -9.680  -1.422  -2.686  1.00 46.34  ? 430 ARG A CB   1 
ATOM   104  C CG   . ARG A 1 7  ? -9.634  -2.592  -1.716  1.00 40.14  ? 430 ARG A CG   1 
ATOM   105  C CD   . ARG A 1 7  ? -9.804  -2.137  -0.278  1.00 43.19  ? 430 ARG A CD   1 
ATOM   106  N NE   . ARG A 1 7  ? -11.208 -2.052  0.115   1.00 48.45  ? 430 ARG A NE   1 
ATOM   107  C CZ   . ARG A 1 7  ? -11.650 -1.399  1.188   1.00 48.74  ? 430 ARG A CZ   1 
ATOM   108  N NH1  . ARG A 1 7  ? -10.801 -0.754  1.978   1.00 45.58  ? 430 ARG A NH1  1 
ATOM   109  N NH2  . ARG A 1 7  ? -12.945 -1.382  1.467   1.00 63.83  ? 430 ARG A NH2  1 
ATOM   110  H H    . ARG A 1 7  ? -7.450  -0.139  -2.155  1.00 25.31  ? 430 ARG A H    1 
ATOM   111  H HA   . ARG A 1 7  ? -8.180  -2.070  -3.929  1.00 39.67  ? 430 ARG A HA   1 
ATOM   112  H HB2  . ARG A 1 7  ? -9.847  -0.618  -2.171  1.00 55.61  ? 430 ARG A HB2  1 
ATOM   113  H HB3  . ARG A 1 7  ? -10.417 -1.577  -3.298  1.00 55.61  ? 430 ARG A HB3  1 
ATOM   114  H HG2  . ARG A 1 7  ? -10.352 -3.209  -1.926  1.00 48.17  ? 430 ARG A HG2  1 
ATOM   115  H HG3  . ARG A 1 7  ? -8.776  -3.037  -1.794  1.00 48.17  ? 430 ARG A HG3  1 
ATOM   116  H HD2  . ARG A 1 7  ? -9.365  -2.771  0.309   1.00 51.83  ? 430 ARG A HD2  1 
ATOM   117  H HD3  . ARG A 1 7  ? -9.408  -1.257  -0.175  1.00 51.83  ? 430 ARG A HD3  1 
ATOM   118  H HE   . ARG A 1 7  ? -11.788 -2.449  -0.379  1.00 58.14  ? 430 ARG A HE   1 
ATOM   119  H HH11 . ARG A 1 7  ? -9.959  -0.763  1.803   1.00 54.70  ? 430 ARG A HH11 1 
ATOM   120  H HH12 . ARG A 1 7  ? -11.091 -0.333  2.669   1.00 54.70  ? 430 ARG A HH12 1 
ATOM   121  H HH21 . ARG A 1 7  ? -13.501 -1.795  0.956   1.00 76.59  ? 430 ARG A HH21 1 
ATOM   122  H HH22 . ARG A 1 7  ? -13.231 -0.957  2.158   1.00 76.59  ? 430 ARG A HH22 1 
ATOM   123  N N    . PHE A 1 8  ? -8.907  -0.681  -5.796  1.00 22.75  ? 431 PHE A N    1 
ATOM   124  C CA   . PHE A 1 8  ? -9.214  0.171   -6.936  1.00 21.13  ? 431 PHE A CA   1 
ATOM   125  C C    . PHE A 1 8  ? -10.660 -0.026  -7.374  1.00 28.60  ? 431 PHE A C    1 
ATOM   126  O O    . PHE A 1 8  ? -11.225 -1.107  -7.215  1.00 28.48  ? 431 PHE A O    1 
ATOM   127  C CB   . PHE A 1 8  ? -8.265  -0.127  -8.094  1.00 19.12  ? 431 PHE A CB   1 
ATOM   128  C CG   . PHE A 1 8  ? -6.830  0.177   -7.789  1.00 18.44  ? 431 PHE A CG   1 
ATOM   129  C CD1  . PHE A 1 8  ? -6.341  1.465   -7.920  1.00 22.62  ? 431 PHE A CD1  1 
ATOM   130  C CD2  . PHE A 1 8  ? -5.969  -0.824  -7.371  1.00 19.76  ? 431 PHE A CD2  1 
ATOM   131  C CE1  . PHE A 1 8  ? -5.019  1.752   -7.640  1.00 15.32  ? 431 PHE A CE1  1 
ATOM   132  C CE2  . PHE A 1 8  ? -4.646  -0.545  -7.089  1.00 26.40  ? 431 PHE A CE2  1 
ATOM   133  C CZ   . PHE A 1 8  ? -4.169  0.747   -7.224  1.00 14.92  ? 431 PHE A CZ   1 
ATOM   134  H H    . PHE A 1 8  ? -8.921  -1.520  -5.980  1.00 27.30  ? 431 PHE A H    1 
ATOM   135  H HA   . PHE A 1 8  ? -9.099  1.100   -6.681  1.00 25.35  ? 431 PHE A HA   1 
ATOM   136  H HB2  . PHE A 1 8  ? -8.330  -1.069  -8.317  1.00 22.94  ? 431 PHE A HB2  1 
ATOM   137  H HB3  . PHE A 1 8  ? -8.527  0.410   -8.859  1.00 22.94  ? 431 PHE A HB3  1 
ATOM   138  H HD1  . PHE A 1 8  ? -6.909  2.146   -8.199  1.00 27.15  ? 431 PHE A HD1  1 
ATOM   139  H HD2  . PHE A 1 8  ? -6.285  -1.695  -7.279  1.00 23.71  ? 431 PHE A HD2  1 
ATOM   140  H HE1  . PHE A 1 8  ? -4.702  2.621   -7.732  1.00 18.38  ? 431 PHE A HE1  1 
ATOM   141  H HE2  . PHE A 1 8  ? -4.075  -1.225  -6.809  1.00 31.68  ? 431 PHE A HE2  1 
ATOM   142  H HZ   . PHE A 1 8  ? -3.279  0.938   -7.035  1.00 17.90  ? 431 PHE A HZ   1 
ATOM   143  N N    . ASP A 1 9  ? -11.246 1.025   -7.936  1.00 24.81  ? 432 ASP A N    1 
ATOM   144  C CA   . ASP A 1 9  ? -12.661 1.028   -8.285  1.00 30.07  ? 432 ASP A CA   1 
ATOM   145  C C    . ASP A 1 9  ? -12.910 0.495   -9.692  1.00 26.55  ? 432 ASP A C    1 
ATOM   146  O O    . ASP A 1 9  ? -14.002 0.012   -9.989  1.00 30.41  ? 432 ASP A O    1 
ATOM   147  C CB   . ASP A 1 9  ? -13.234 2.443   -8.167  1.00 46.31  ? 432 ASP A CB   1 
ATOM   148  C CG   . ASP A 1 9  ? -14.388 2.531   -7.184  1.00 53.82  ? 432 ASP A CG   1 
ATOM   149  O OD1  . ASP A 1 9  ? -15.172 1.562   -7.083  1.00 64.67  ? 432 ASP A OD1  1 
ATOM   150  O OD2  . ASP A 1 9  ? -14.515 3.577   -6.513  1.00 70.59  ? 432 ASP A OD2  1 
ATOM   151  H H    . ASP A 1 9  ? -10.840 1.759   -8.129  1.00 29.78  ? 432 ASP A H    1 
ATOM   152  H HA   . ASP A 1 9  ? -13.140 0.459   -7.661  1.00 36.09  ? 432 ASP A HA   1 
ATOM   153  H HB2  . ASP A 1 9  ? -12.534 3.042   -7.862  1.00 55.57  ? 432 ASP A HB2  1 
ATOM   154  H HB3  . ASP A 1 9  ? -13.558 2.726   -9.036  1.00 55.57  ? 432 ASP A HB3  1 
ATOM   155  N N    . ALA A 1 10 ? -11.904 0.597   -10.557 1.00 27.79  ? 433 ALA A N    1 
ATOM   156  C CA   . ALA A 1 10 ? -12.026 0.111   -11.929 1.00 25.45  ? 433 ALA A CA   1 
ATOM   157  C C    . ALA A 1 10 ? -10.868 -0.803  -12.310 1.00 27.49  ? 433 ALA A C    1 
ATOM   158  O O    . ALA A 1 10 ? -9.703  -0.484  -12.066 1.00 32.58  ? 433 ALA A O    1 
ATOM   159  C CB   . ALA A 1 10 ? -12.109 1.279   -12.897 1.00 37.42  ? 433 ALA A CB   1 
ATOM   160  H H    . ALA A 1 10 ? -11.139 0.944   -10.375 1.00 33.35  ? 433 ALA A H    1 
ATOM   161  H HA   . ALA A 1 10 ? -12.846 -0.401  -12.009 1.00 30.54  ? 433 ALA A HA   1 
ATOM   162  H HB1  . ALA A 1 10 ? -12.189 0.935   -13.801 1.00 44.90  ? 433 ALA A HB1  1 
ATOM   163  H HB2  . ALA A 1 10 ? -12.886 1.816   -12.678 1.00 44.90  ? 433 ALA A HB2  1 
ATOM   164  H HB3  . ALA A 1 10 ? -11.303 1.813   -12.817 1.00 44.90  ? 433 ALA A HB3  1 
ATOM   165  N N    . GLY A 1 11 ? -11.199 -1.938  -12.915 1.00 22.99  ? 434 GLY A N    1 
ATOM   166  C CA   . GLY A 1 11 ? -10.189 -2.855  -13.408 1.00 33.23  ? 434 GLY A CA   1 
ATOM   167  C C    . GLY A 1 11 ? -9.477  -3.596  -12.295 1.00 34.69  ? 434 GLY A C    1 
ATOM   168  O O    . GLY A 1 11 ? -9.698  -3.329  -11.111 1.00 38.73  ? 434 GLY A O    1 
ATOM   169  H H    . GLY A 1 11 ? -12.006 -2.200  -13.051 1.00 27.59  ? 434 GLY A H    1 
ATOM   170  H HA2  . GLY A 1 11 ? -10.604 -3.507  -13.992 1.00 39.88  ? 434 GLY A HA2  1 
ATOM   171  H HA3  . GLY A 1 11 ? -9.528  -2.362  -13.919 1.00 39.88  ? 434 GLY A HA3  1 
ATOM   172  N N    . GLY A 1 12 ? -8.617  -4.532  -12.676 1.00 29.98  ? 435 GLY A N    1 
ATOM   173  C CA   . GLY A 1 12 ? -7.865  -5.310  -11.711 1.00 24.96  ? 435 GLY A CA   1 
ATOM   174  C C    . GLY A 1 12 ? -6.719  -4.517  -11.119 1.00 27.85  ? 435 GLY A C    1 
ATOM   175  O O    . GLY A 1 12 ? -6.168  -3.624  -11.768 1.00 22.26  ? 435 GLY A O    1 
ATOM   176  H H    . GLY A 1 12 ? -8.450  -4.733  -13.496 1.00 35.97  ? 435 GLY A H    1 
ATOM   177  H HA2  . GLY A 1 12 ? -8.452  -5.590  -10.991 1.00 29.95  ? 435 GLY A HA2  1 
ATOM   178  H HA3  . GLY A 1 12 ? -7.505  -6.101  -12.141 1.00 29.95  ? 435 GLY A HA3  1 
ATOM   179  N N    . ALA A 1 13 ? -6.360  -4.851  -9.883  1.00 20.15  ? 436 ALA A N    1 
ATOM   180  C CA   . ALA A 1 13 ? -5.293  -4.154  -9.175  1.00 31.62  ? 436 ALA A CA   1 
ATOM   181  C C    . ALA A 1 13 ? -3.967  -4.259  -9.922  1.00 14.04  ? 436 ALA A C    1 
ATOM   182  O O    . ALA A 1 13 ? -3.158  -3.332  -9.892  1.00 24.95  ? 436 ALA A O    1 
ATOM   183  C CB   . ALA A 1 13 ? -5.148  -4.709  -7.768  1.00 22.64  ? 436 ALA A CB   1 
ATOM   184  H H    . ALA A 1 13 ? -6.723  -5.485  -9.429  1.00 24.18  ? 436 ALA A H    1 
ATOM   185  H HA   . ALA A 1 13 ? -5.523  -3.215  -9.104  1.00 37.95  ? 436 ALA A HA   1 
ATOM   186  H HB1  . ALA A 1 13 ? -4.434  -4.234  -7.313  1.00 27.17  ? 436 ALA A HB1  1 
ATOM   187  H HB2  . ALA A 1 13 ? -5.984  -4.585  -7.292  1.00 27.17  ? 436 ALA A HB2  1 
ATOM   188  H HB3  . ALA A 1 13 ? -4.934  -5.654  -7.822  1.00 27.17  ? 436 ALA A HB3  1 
ATOM   189  N N    . SER A 1 14 ? -3.754  -5.384  -10.598 1.00 13.94  ? 437 SER A N    1 
ATOM   190  C CA   . SER A 1 14 ? -2.498  -5.629  -11.300 1.00 13.39  ? 437 SER A CA   1 
ATOM   191  C C    . SER A 1 14 ? -2.456  -4.968  -12.676 1.00 13.51  ? 437 SER A C    1 
ATOM   192  O O    . SER A 1 14 ? -1.471  -5.107  -13.399 1.00 19.36  ? 437 SER A O    1 
ATOM   193  C CB   . SER A 1 14 ? -2.258  -7.133  -11.456 1.00 21.28  ? 437 SER A CB   1 
ATOM   194  O OG   . SER A 1 14 ? -3.120  -7.683  -12.432 1.00 14.92  ? 437 SER A OG   1 
ATOM   195  H H    . SER A 1 14 ? -4.324  -6.025  -10.665 1.00 16.73  ? 437 SER A H    1 
ATOM   196  H HA   . SER A 1 14 ? -1.770  -5.265  -10.774 1.00 16.07  ? 437 SER A HA   1 
ATOM   197  H HB2  . SER A 1 14 ? -1.339  -7.279  -11.728 1.00 25.54  ? 437 SER A HB2  1 
ATOM   198  H HB3  . SER A 1 14 ? -2.426  -7.569  -10.606 1.00 25.54  ? 437 SER A HB3  1 
ATOM   199  H HG   . SER A 1 14 ? -2.978  -8.508  -12.508 1.00 17.90  ? 437 SER A HG   1 
ATOM   200  N N    . ALA A 1 15 ? -3.518  -4.255  -13.038 1.00 12.88  ? 438 ALA A N    1 
ATOM   201  C CA   . ALA A 1 15 ? -3.551  -3.552  -14.313 1.00 18.59  ? 438 ALA A CA   1 
ATOM   202  C C    . ALA A 1 15 ? -2.344  -2.617  -14.414 1.00 15.84  ? 438 ALA A C    1 
ATOM   203  O O    . ALA A 1 15 ? -1.947  -2.020  -13.416 1.00 11.67  ? 438 ALA A O    1 
ATOM   204  C CB   . ALA A 1 15 ? -4.847  -2.775  -14.460 1.00 12.75  ? 438 ALA A CB   1 
ATOM   205  H H    . ALA A 1 15 ? -4.229  -4.164  -12.564 1.00 15.45  ? 438 ALA A H    1 
ATOM   206  H HA   . ALA A 1 15 ? -3.499  -4.197  -15.036 1.00 22.31  ? 438 ALA A HA   1 
ATOM   207  H HB1  . ALA A 1 15 ? -4.844  -2.317  -15.316 1.00 15.30  ? 438 ALA A HB1  1 
ATOM   208  H HB2  . ALA A 1 15 ? -5.593  -3.394  -14.418 1.00 15.30  ? 438 ALA A HB2  1 
ATOM   209  H HB3  . ALA A 1 15 ? -4.911  -2.130  -13.739 1.00 15.30  ? 438 ALA A HB3  1 
ATOM   210  N N    . PRO A 1 16 ? -1.740  -2.507  -15.613 1.00 18.06  ? 439 PRO A N    1 
ATOM   211  C CA   . PRO A 1 16 ? -0.586  -1.613  -15.789 1.00 10.23  ? 439 PRO A CA   1 
ATOM   212  C C    . PRO A 1 16 ? -0.889  -0.161  -15.419 1.00 11.40  ? 439 PRO A C    1 
ATOM   213  O O    . PRO A 1 16 ? -0.012  0.559   -14.942 1.00 10.21  ? 439 PRO A O    1 
ATOM   214  C CB   . PRO A 1 16 ? -0.274  -1.730  -17.285 1.00 13.53  ? 439 PRO A CB   1 
ATOM   215  C CG   . PRO A 1 16 ? -0.814  -3.041  -17.686 1.00 16.29  ? 439 PRO A CG   1 
ATOM   216  C CD   . PRO A 1 16 ? -2.031  -3.269  -16.841 1.00 13.02  ? 439 PRO A CD   1 
ATOM   217  H HA   . PRO A 1 16 ? 0.172   -1.928  -15.273 1.00 12.28  ? 439 PRO A HA   1 
ATOM   218  H HB2  . PRO A 1 16 ? -0.715  -1.015  -17.769 1.00 16.24  ? 439 PRO A HB2  1 
ATOM   219  H HB3  . PRO A 1 16 ? 0.685   -1.697  -17.422 1.00 16.24  ? 439 PRO A HB3  1 
ATOM   220  H HG2  . PRO A 1 16 ? -1.052  -3.020  -18.626 1.00 19.54  ? 439 PRO A HG2  1 
ATOM   221  H HG3  . PRO A 1 16 ? -0.151  -3.729  -17.519 1.00 19.54  ? 439 PRO A HG3  1 
ATOM   222  H HD2  . PRO A 1 16 ? -2.819  -2.915  -17.281 1.00 15.62  ? 439 PRO A HD2  1 
ATOM   223  H HD3  . PRO A 1 16 ? -2.130  -4.213  -16.637 1.00 15.62  ? 439 PRO A HD3  1 
ATOM   224  N N    . GLU A 1 17 ? -2.129  0.262   -15.641 1.00 15.78  ? 440 GLU A N    1 
ATOM   225  C CA   . GLU A 1 17 ? -2.526  1.636   -15.360 1.00 14.12  ? 440 GLU A CA   1 
ATOM   226  C C    . GLU A 1 17 ? -2.479  1.965   -13.868 1.00 11.43  ? 440 GLU A C    1 
ATOM   227  O O    . GLU A 1 17 ? -2.435  3.136   -13.491 1.00 11.90  ? 440 GLU A O    1 
ATOM   228  C CB   . GLU A 1 17 ? -3.935  1.902   -15.899 1.00 15.49  ? 440 GLU A CB   1 
ATOM   229  C CG   . GLU A 1 17 ? -4.040  1.907   -17.424 1.00 23.71  ? 440 GLU A CG   1 
ATOM   230  C CD   . GLU A 1 17 ? -4.192  0.518   -18.022 1.00 24.28  ? 440 GLU A CD   1 
ATOM   231  O OE1  . GLU A 1 17 ? -4.177  -0.479  -17.267 1.00 22.65  ? 440 GLU A OE1  1 
ATOM   232  O OE2  . GLU A 1 17 ? -4.330  0.425   -19.260 1.00 30.89  ? 440 GLU A OE2  1 
ATOM   233  H H    . GLU A 1 17 ? -2.762  -0.231  -15.953 1.00 18.94  ? 440 GLU A H    1 
ATOM   234  H HA   . GLU A 1 17 ? -1.915  2.236   -15.816 1.00 16.94  ? 440 GLU A HA   1 
ATOM   235  H HB2  . GLU A 1 17 ? -4.530  1.214   -15.564 1.00 18.59  ? 440 GLU A HB2  1 
ATOM   236  H HB3  . GLU A 1 17 ? -4.229  2.770   -15.581 1.00 18.59  ? 440 GLU A HB3  1 
ATOM   237  H HG2  . GLU A 1 17 ? -4.816  2.429   -17.684 1.00 28.45  ? 440 GLU A HG2  1 
ATOM   238  H HG3  . GLU A 1 17 ? -3.236  2.304   -17.793 1.00 28.45  ? 440 GLU A HG3  1 
ATOM   239  N N    . HIS A 1 18 ? -2.488  0.934   -13.028 1.00 10.64  ? 441 HIS A N    1 
ATOM   240  C CA   . HIS A 1 18 ? -2.507  1.117   -11.577 1.00 22.05  ? 441 HIS A CA   1 
ATOM   241  C C    . HIS A 1 18 ? -1.142  0.921   -10.916 1.00 18.66  ? 441 HIS A C    1 
ATOM   242  O O    . HIS A 1 18 ? -0.982  1.200   -9.727  1.00 12.87  ? 441 HIS A O    1 
ATOM   243  C CB   . HIS A 1 18 ? -3.499  0.141   -10.937 1.00 16.52  ? 441 HIS A CB   1 
ATOM   244  C CG   . HIS A 1 18 ? -4.934  0.523   -11.120 1.00 12.01  ? 441 HIS A CG   1 
ATOM   245  N ND1  . HIS A 1 18 ? -5.390  1.811   -10.947 1.00 13.54  ? 441 HIS A ND1  1 
ATOM   246  C CD2  . HIS A 1 18 ? -6.016  -0.221  -11.451 1.00 12.57  ? 441 HIS A CD2  1 
ATOM   247  C CE1  . HIS A 1 18 ? -6.694  1.847   -11.169 1.00 15.16  ? 441 HIS A CE1  1 
ATOM   248  N NE2  . HIS A 1 18 ? -7.097  0.627   -11.474 1.00 13.51  ? 441 HIS A NE2  1 
ATOM   249  H H    . HIS A 1 18 ? -2.483  0.111   -13.275 1.00 12.77  ? 441 HIS A H    1 
ATOM   250  H HA   . HIS A 1 18 ? -2.806  2.018   -11.379 1.00 26.46  ? 441 HIS A HA   1 
ATOM   251  H HB2  . HIS A 1 18 ? -3.373  -0.735  -11.332 1.00 19.82  ? 441 HIS A HB2  1 
ATOM   252  H HB3  . HIS A 1 18 ? -3.323  0.099   -9.984  1.00 19.82  ? 441 HIS A HB3  1 
ATOM   253  H HD2  . HIS A 1 18 ? -6.026  -1.134  -11.629 1.00 15.09  ? 441 HIS A HD2  1 
ATOM   254  H HE1  . HIS A 1 18 ? -7.235  2.603   -11.118 1.00 18.19  ? 441 HIS A HE1  1 
ATOM   255  H HE2  . HIS A 1 18 ? -7.905  0.401   -11.661 1.00 16.21  ? 441 HIS A HE2  1 
ATOM   256  N N    . SER A 1 19 ? -0.164  0.434   -11.674 1.00 14.32  ? 442 SER A N    1 
ATOM   257  C CA   . SER A 1 19 ? 1.101   -0.003  -11.086 1.00 19.18  ? 442 SER A CA   1 
ATOM   258  C C    . SER A 1 19 ? 1.909   1.145   -10.478 1.00 13.22  ? 442 SER A C    1 
ATOM   259  O O    . SER A 1 19 ? 2.602   0.963   -9.476  1.00 17.09  ? 442 SER A O    1 
ATOM   260  C CB   . SER A 1 19 ? 1.945   -0.731  -12.136 1.00 16.21  ? 442 SER A CB   1 
ATOM   261  O OG   . SER A 1 19 ? 2.134   0.071   -13.288 1.00 33.37  ? 442 SER A OG   1 
ATOM   262  H H    . SER A 1 19 ? -0.205  0.347   -12.529 1.00 17.18  ? 442 SER A H    1 
ATOM   263  H HA   . SER A 1 19 ? 0.908   -0.635  -10.375 1.00 23.02  ? 442 SER A HA   1 
ATOM   264  H HB2  . SER A 1 19 ? 2.812   -0.940  -11.753 1.00 19.46  ? 442 SER A HB2  1 
ATOM   265  H HB3  . SER A 1 19 ? 1.491   -1.549  -12.394 1.00 19.46  ? 442 SER A HB3  1 
ATOM   266  H HG   . SER A 1 19 ? 1.391   0.260   -13.631 1.00 40.05  ? 442 SER A HG   1 
ATOM   267  N N    . GLN A 1 20 ? 1.820   2.327   -11.077 1.00 12.15  ? 443 GLN A N    1 
ATOM   268  C CA   . GLN A 1 20 ? 2.558   3.480   -10.574 1.00 16.35  ? 443 GLN A CA   1 
ATOM   269  C C    . GLN A 1 20 ? 1.983   3.943   -9.241  1.00 16.05  ? 443 GLN A C    1 
ATOM   270  O O    . GLN A 1 20 ? 2.711   4.428   -8.375  1.00 14.54  ? 443 GLN A O    1 
ATOM   271  C CB   . GLN A 1 20 ? 2.535   4.621   -11.594 1.00 14.38  ? 443 GLN A CB   1 
ATOM   272  C CG   . GLN A 1 20 ? 3.194   5.906   -11.110 1.00 30.30  ? 443 GLN A CG   1 
ATOM   273  C CD   . GLN A 1 20 ? 4.639   5.704   -10.699 1.00 42.66  ? 443 GLN A CD   1 
ATOM   274  O OE1  . GLN A 1 20 ? 5.333   4.843   -11.237 1.00 34.09  ? 443 GLN A OE1  1 
ATOM   275  N NE2  . GLN A 1 20 ? 5.098   6.499   -9.736  1.00 40.44  ? 443 GLN A NE2  1 
ATOM   276  H H    . GLN A 1 20 ? 1.342   2.488   -11.774 1.00 14.58  ? 443 GLN A H    1 
ATOM   277  H HA   . GLN A 1 20 ? 3.483   3.224   -10.430 1.00 19.62  ? 443 GLN A HA   1 
ATOM   278  H HB2  . GLN A 1 20 ? 3.003   4.334   -12.394 1.00 17.26  ? 443 GLN A HB2  1 
ATOM   279  H HB3  . GLN A 1 20 ? 1.613   4.826   -11.811 1.00 17.26  ? 443 GLN A HB3  1 
ATOM   280  H HG2  . GLN A 1 20 ? 3.174   6.561   -11.826 1.00 36.36  ? 443 GLN A HG2  1 
ATOM   281  H HG3  . GLN A 1 20 ? 2.706   6.241   -10.341 1.00 36.36  ? 443 GLN A HG3  1 
ATOM   282  H HE21 . GLN A 1 20 ? 4.582   7.088   -9.381  1.00 48.53  ? 443 GLN A HE21 1 
ATOM   283  H HE22 . GLN A 1 20 ? 5.912   6.423   -9.468  1.00 48.53  ? 443 GLN A HE22 1 
ATOM   284  N N    . THR A 1 21 ? 0.673   3.794   -9.080  1.00 12.00  ? 444 THR A N    1 
ATOM   285  C CA   . THR A 1 21 ? 0.023   4.128   -7.822  1.00 15.17  ? 444 THR A CA   1 
ATOM   286  C C    . THR A 1 21 ? 0.478   3.168   -6.733  1.00 13.00  ? 444 THR A C    1 
ATOM   287  O O    . THR A 1 21 ? 0.728   3.574   -5.601  1.00 14.07  ? 444 THR A O    1 
ATOM   288  C CB   . THR A 1 21 ? -1.506  4.077   -7.946  1.00 18.72  ? 444 THR A CB   1 
ATOM   289  O OG1  . THR A 1 21 ? -1.927  4.968   -8.987  1.00 27.95  ? 444 THR A OG1  1 
ATOM   290  C CG2  . THR A 1 21 ? -2.170  4.480   -6.631  1.00 18.59  ? 444 THR A CG2  1 
ATOM   291  H H    . THR A 1 21 ? 0.137   3.501   -9.687  1.00 14.39  ? 444 THR A H    1 
ATOM   292  H HA   . THR A 1 21 ? 0.277   5.027   -7.560  1.00 18.20  ? 444 THR A HA   1 
ATOM   293  H HB   . THR A 1 21 ? -1.782  3.174   -8.165  1.00 22.46  ? 444 THR A HB   1 
ATOM   294  H HG1  . THR A 1 21 ? -2.763  4.947   -9.062  1.00 33.55  ? 444 THR A HG1  1 
ATOM   295  H HG21 . THR A 1 21 ? -3.135  4.444   -6.722  1.00 22.31  ? 444 THR A HG21 1 
ATOM   296  H HG22 . THR A 1 21 ? -1.898  3.874   -5.923  1.00 22.31  ? 444 THR A HG22 1 
ATOM   297  H HG23 . THR A 1 21 ? -1.909  5.383   -6.391  1.00 22.31  ? 444 THR A HG23 1 
ATOM   298  N N    . ILE A 1 22 ? 0.576   1.892   -7.080  1.00 13.65  ? 445 ILE A N    1 
ATOM   299  C CA   . ILE A 1 22 ? 1.070   0.890   -6.151  1.00 14.21  ? 445 ILE A CA   1 
ATOM   300  C C    . ILE A 1 22 ? 2.546   1.141   -5.858  1.00 24.65  ? 445 ILE A C    1 
ATOM   301  O O    . ILE A 1 22 ? 3.001   0.972   -4.724  1.00 22.08  ? 445 ILE A O    1 
ATOM   302  C CB   . ILE A 1 22 ? 0.876   -0.538  -6.703  1.00 13.64  ? 445 ILE A CB   1 
ATOM   303  C CG1  . ILE A 1 22 ? -0.616  -0.862  -6.792  1.00 21.15  ? 445 ILE A CG1  1 
ATOM   304  C CG2  . ILE A 1 22 ? 1.572   -1.559  -5.814  1.00 17.31  ? 445 ILE A CG2  1 
ATOM   305  C CD1  . ILE A 1 22 ? -0.932  -2.162  -7.511  1.00 25.95  ? 445 ILE A CD1  1 
ATOM   306  H H    . ILE A 1 22 ? 0.361   1.579   -7.853  1.00 16.38  ? 445 ILE A H    1 
ATOM   307  H HA   . ILE A 1 22 ? 0.579   0.960   -5.317  1.00 17.05  ? 445 ILE A HA   1 
ATOM   308  H HB   . ILE A 1 22 ? 1.260   -0.584  -7.592  1.00 16.37  ? 445 ILE A HB   1 
ATOM   309  H HG12 . ILE A 1 22 ? -0.974  -0.928  -5.893  1.00 25.38  ? 445 ILE A HG12 1 
ATOM   310  H HG13 . ILE A 1 22 ? -1.062  -0.145  -7.269  1.00 25.38  ? 445 ILE A HG13 1 
ATOM   311  H HG21 . ILE A 1 22 ? 1.435   -2.445  -6.183  1.00 20.78  ? 445 ILE A HG21 1 
ATOM   312  H HG22 . ILE A 1 22 ? 2.520   -1.356  -5.784  1.00 20.78  ? 445 ILE A HG22 1 
ATOM   313  H HG23 . ILE A 1 22 ? 1.195   -1.510  -4.922  1.00 20.78  ? 445 ILE A HG23 1 
ATOM   314  H HD11 . ILE A 1 22 ? -1.894  -2.290  -7.523  1.00 31.15  ? 445 ILE A HD11 1 
ATOM   315  H HD12 . ILE A 1 22 ? -0.594  -2.110  -8.418  1.00 31.15  ? 445 ILE A HD12 1 
ATOM   316  H HD13 . ILE A 1 22 ? -0.506  -2.894  -7.039  1.00 31.15  ? 445 ILE A HD13 1 
ATOM   317  N N    . ALA A 1 23 ? 3.290   1.541   -6.884  1.00 17.52  ? 446 ALA A N    1 
ATOM   318  C CA   . ALA A 1 23 ? 4.717   1.817   -6.734  1.00 25.52  ? 446 ALA A CA   1 
ATOM   319  C C    . ALA A 1 23 ? 4.948   3.045   -5.858  1.00 16.70  ? 446 ALA A C    1 
ATOM   320  O O    . ALA A 1 23 ? 5.899   3.092   -5.078  1.00 26.86  ? 446 ALA A O    1 
ATOM   321  C CB   . ALA A 1 23 ? 5.364   2.007   -8.095  1.00 22.62  ? 446 ALA A CB   1 
ATOM   322  H H    . ALA A 1 23 ? 2.993   1.661   -7.682  1.00 21.03  ? 446 ALA A H    1 
ATOM   323  H HA   . ALA A 1 23 ? 5.141   1.058   -6.304  1.00 30.62  ? 446 ALA A HA   1 
ATOM   324  H HB1  . ALA A 1 23 ? 6.308   2.189   -7.972  1.00 27.15  ? 446 ALA A HB1  1 
ATOM   325  H HB2  . ALA A 1 23 ? 5.247   1.198   -8.616  1.00 27.15  ? 446 ALA A HB2  1 
ATOM   326  H HB3  . ALA A 1 23 ? 4.939   2.754   -8.544  1.00 27.15  ? 446 ALA A HB3  1 
ATOM   327  N N    . ALA A 1 24 ? 4.071   4.036   -5.989  1.00 15.31  ? 447 ALA A N    1 
ATOM   328  C CA   . ALA A 1 24 ? 4.177   5.262   -5.200  1.00 16.75  ? 447 ALA A CA   1 
ATOM   329  C C    . ALA A 1 24 ? 3.866   4.988   -3.733  1.00 17.62  ? 447 ALA A C    1 
ATOM   330  O O    . ALA A 1 24 ? 4.555   5.480   -2.844  1.00 19.45  ? 447 ALA A O    1 
ATOM   331  C CB   . ALA A 1 24 ? 3.241   6.332   -5.748  1.00 16.65  ? 447 ALA A CB   1 
ATOM   332  H H    . ALA A 1 24 ? 3.404   4.025   -6.530  1.00 18.38  ? 447 ALA A H    1 
ATOM   333  H HA   . ALA A 1 24 ? 5.084   5.598   -5.257  1.00 20.10  ? 447 ALA A HA   1 
ATOM   334  H HB1  . ALA A 1 24 ? 3.328   7.133   -5.209  1.00 19.98  ? 447 ALA A HB1  1 
ATOM   335  H HB2  . ALA A 1 24 ? 3.485   6.524   -6.667  1.00 19.98  ? 447 ALA A HB2  1 
ATOM   336  H HB3  . ALA A 1 24 ? 2.329   6.004   -5.708  1.00 19.98  ? 447 ALA A HB3  1 
ATOM   337  N N    . ILE A 1 25 ? 2.822   4.204   -3.488  1.00 16.86  ? 448 ILE A N    1 
ATOM   338  C CA   . ILE A 1 25 ? 2.445   3.830   -2.129  1.00 18.27  ? 448 ILE A CA   1 
ATOM   339  C C    . ILE A 1 25 ? 3.554   3.008   -1.486  1.00 18.75  ? 448 ILE A C    1 
ATOM   340  O O    . ILE A 1 25 ? 3.906   3.219   -0.328  1.00 28.28  ? 448 ILE A O    1 
ATOM   341  C CB   . ILE A 1 25 ? 1.122   3.031   -2.113  1.00 17.29  ? 448 ILE A CB   1 
ATOM   342  C CG1  . ILE A 1 25 ? -0.034  3.929   -2.550  1.00 27.35  ? 448 ILE A CG1  1 
ATOM   343  C CG2  . ILE A 1 25 ? 0.832   2.474   -0.721  1.00 25.29  ? 448 ILE A CG2  1 
ATOM   344  C CD1  . ILE A 1 25 ? -1.267  3.176   -2.983  1.00 16.45  ? 448 ILE A CD1  1 
ATOM   345  H H    . ILE A 1 25 ? 2.311   3.873   -4.096  1.00 20.23  ? 448 ILE A H    1 
ATOM   346  H HA   . ILE A 1 25 ? 2.318   4.634   -1.601  1.00 21.92  ? 448 ILE A HA   1 
ATOM   347  H HB   . ILE A 1 25 ? 1.197   2.291   -2.736  1.00 20.75  ? 448 ILE A HB   1 
ATOM   348  H HG12 . ILE A 1 25 ? -0.282  4.501   -1.807  1.00 32.82  ? 448 ILE A HG12 1 
ATOM   349  H HG13 . ILE A 1 25 ? 0.258   4.473   -3.299  1.00 32.82  ? 448 ILE A HG13 1 
ATOM   350  H HG21 . ILE A 1 25 ? -0.002  1.980   -0.747  1.00 30.34  ? 448 ILE A HG21 1 
ATOM   351  H HG22 . ILE A 1 25 ? 1.558   1.887   -0.458  1.00 30.34  ? 448 ILE A HG22 1 
ATOM   352  H HG23 . ILE A 1 25 ? 0.760   3.212   -0.096  1.00 30.34  ? 448 ILE A HG23 1 
ATOM   353  H HD11 . ILE A 1 25 ? -1.951  3.814   -3.243  1.00 19.74  ? 448 ILE A HD11 1 
ATOM   354  H HD12 . ILE A 1 25 ? -1.041  2.607   -3.734  1.00 19.74  ? 448 ILE A HD12 1 
ATOM   355  H HD13 . ILE A 1 25 ? -1.583  2.636   -2.242  1.00 19.74  ? 448 ILE A HD13 1 
ATOM   356  N N    . ARG A 1 26 ? 4.101   2.070   -2.251  1.00 18.01  ? 449 ARG A N    1 
ATOM   357  C CA   . ARG A 1 26 ? 5.171   1.207   -1.774  1.00 19.01  ? 449 ARG A CA   1 
ATOM   358  C C    . ARG A 1 26 ? 6.396   2.023   -1.359  1.00 21.69  ? 449 ARG A C    1 
ATOM   359  O O    . ARG A 1 26 ? 7.005   1.766   -0.320  1.00 24.36  ? 449 ARG A O    1 
ATOM   360  C CB   . ARG A 1 26 ? 5.543   0.199   -2.860  1.00 25.21  ? 449 ARG A CB   1 
ATOM   361  C CG   . ARG A 1 26 ? 6.651   -0.759  -2.469  1.00 33.90  ? 449 ARG A CG   1 
ATOM   362  C CD   . ARG A 1 26 ? 6.691   -1.964  -3.397  1.00 43.68  ? 449 ARG A CD   1 
ATOM   363  N NE   . ARG A 1 26 ? 7.714   -2.932  -2.998  1.00 44.24  ? 449 ARG A NE   1 
ATOM   364  C CZ   . ARG A 1 26 ? 8.883   -3.109  -3.610  1.00 39.18  ? 449 ARG A CZ   1 
ATOM   365  N NH1  . ARG A 1 26 ? 9.213   -2.393  -4.679  1.00 34.53  ? 449 ARG A NH1  1 
ATOM   366  N NH2  . ARG A 1 26 ? 9.731   -4.021  -3.153  1.00 32.35  ? 449 ARG A NH2  1 
ATOM   367  H H    . ARG A 1 26 ? 3.863   1.912   -3.062  1.00 21.61  ? 449 ARG A H    1 
ATOM   368  H HA   . ARG A 1 26 ? 4.861   0.715   -0.999  1.00 22.82  ? 449 ARG A HA   1 
ATOM   369  H HB2  . ARG A 1 26 ? 4.759   -0.330  -3.075  1.00 30.25  ? 449 ARG A HB2  1 
ATOM   370  H HB3  . ARG A 1 26 ? 5.836   0.683   -3.648  1.00 30.25  ? 449 ARG A HB3  1 
ATOM   371  H HG2  . ARG A 1 26 ? 7.504   -0.302  -2.525  1.00 40.68  ? 449 ARG A HG2  1 
ATOM   372  H HG3  . ARG A 1 26 ? 6.497   -1.075  -1.565  1.00 40.68  ? 449 ARG A HG3  1 
ATOM   373  H HD2  . ARG A 1 26 ? 5.829   -2.408  -3.378  1.00 52.42  ? 449 ARG A HD2  1 
ATOM   374  H HD3  . ARG A 1 26 ? 6.894   -1.665  -4.297  1.00 52.42  ? 449 ARG A HD3  1 
ATOM   375  H HE   . ARG A 1 26 ? 7.546   -3.426  -2.314  1.00 53.09  ? 449 ARG A HE   1 
ATOM   376  H HH11 . ARG A 1 26 ? 8.669   -1.800  -4.983  1.00 41.43  ? 449 ARG A HH11 1 
ATOM   377  H HH12 . ARG A 1 26 ? 9.970   -2.519  -5.065  1.00 41.43  ? 449 ARG A HH12 1 
ATOM   378  H HH21 . ARG A 1 26 ? 9.526   -4.491  -2.463  1.00 38.82  ? 449 ARG A HH21 1 
ATOM   379  H HH22 . ARG A 1 26 ? 10.487  -4.141  -3.546  1.00 38.82  ? 449 ARG A HH22 1 
ATOM   380  N N    . HIS A 1 27 ? 6.739   3.014   -2.174  1.00 30.26  ? 450 HIS A N    1 
ATOM   381  C CA   . HIS A 1 27 ? 7.891   3.874   -1.921  1.00 25.88  ? 450 HIS A CA   1 
ATOM   382  C C    . HIS A 1 27 ? 7.713   4.729   -0.667  1.00 29.78  ? 450 HIS A C    1 
ATOM   383  O O    . HIS A 1 27 ? 8.678   4.993   0.053   1.00 34.53  ? 450 HIS A O    1 
ATOM   384  C CB   . HIS A 1 27 ? 8.142   4.769   -3.137  1.00 34.46  ? 450 HIS A CB   1 
ATOM   385  C CG   . HIS A 1 27 ? 9.198   5.807   -2.921  1.00 43.27  ? 450 HIS A CG   1 
ATOM   386  N ND1  . HIS A 1 27 ? 8.902   7.102   -2.550  1.00 51.28  ? 450 HIS A ND1  1 
ATOM   387  C CD2  . HIS A 1 27 ? 10.544  5.748   -3.037  1.00 38.75  ? 450 HIS A CD2  1 
ATOM   388  C CE1  . HIS A 1 27 ? 10.022  7.793   -2.441  1.00 46.01  ? 450 HIS A CE1  1 
ATOM   389  N NE2  . HIS A 1 27 ? 11.034  6.994   -2.730  1.00 40.98  ? 450 HIS A NE2  1 
ATOM   390  H H    . HIS A 1 27 ? 6.311   3.214   -2.894  1.00 36.32  ? 450 HIS A H    1 
ATOM   391  H HA   . HIS A 1 27 ? 8.675   3.318   -1.793  1.00 31.06  ? 450 HIS A HA   1 
ATOM   392  H HB2  . HIS A 1 27 ? 8.421   4.212   -3.880  1.00 41.35  ? 450 HIS A HB2  1 
ATOM   393  H HB3  . HIS A 1 27 ? 7.317   5.227   -3.362  1.00 41.35  ? 450 HIS A HB3  1 
ATOM   394  H HD2  . HIS A 1 27 ? 11.045  5.001   -3.276  1.00 46.51  ? 450 HIS A HD2  1 
ATOM   395  H HE1  . HIS A 1 27 ? 10.088  8.688   -2.201  1.00 55.21  ? 450 HIS A HE1  1 
ATOM   396  H HE2  . HIS A 1 27 ? 11.865  7.218   -2.729  1.00 49.18  ? 450 HIS A HE2  1 
ATOM   397  N N    . ARG A 1 28 ? 6.484   5.164   -0.406  1.00 23.23  ? 451 ARG A N    1 
ATOM   398  C CA   . ARG A 1 28 ? 6.208   5.987   0.766   1.00 25.16  ? 451 ARG A CA   1 
ATOM   399  C C    . ARG A 1 28 ? 6.227   5.145   2.040   1.00 26.30  ? 451 ARG A C    1 
ATOM   400  O O    . ARG A 1 28 ? 6.624   5.620   3.104   1.00 28.59  ? 451 ARG A O    1 
ATOM   401  C CB   . ARG A 1 28 ? 4.857   6.693   0.624   1.00 24.51  ? 451 ARG A CB   1 
ATOM   402  C CG   . ARG A 1 28 ? 4.632   7.818   1.629   1.00 26.85  ? 451 ARG A CG   1 
ATOM   403  C CD   . ARG A 1 28 ? 5.469   9.041   1.292   1.00 37.89  ? 451 ARG A CD   1 
ATOM   404  N NE   . ARG A 1 28 ? 5.283   10.129  2.253   1.00 40.13  ? 451 ARG A NE   1 
ATOM   405  C CZ   . ARG A 1 28 ? 6.205   10.561  3.116   1.00 44.55  ? 451 ARG A CZ   1 
ATOM   406  N NH1  . ARG A 1 28 ? 7.416   10.018  3.161   1.00 46.70  ? 451 ARG A NH1  1 
ATOM   407  N NH2  . ARG A 1 28 ? 5.913   11.558  3.939   1.00 35.97  ? 451 ARG A NH2  1 
ATOM   408  H H    . ARG A 1 28 ? 5.793   4.995   -0.890  1.00 27.87  ? 451 ARG A H    1 
ATOM   409  H HA   . ARG A 1 28 ? 6.894   6.667   0.844   1.00 30.19  ? 451 ARG A HA   1 
ATOM   410  H HB2  . ARG A 1 28 ? 4.798   7.075   -0.265  1.00 29.42  ? 451 ARG A HB2  1 
ATOM   411  H HB3  . ARG A 1 28 ? 4.150   6.040   0.748   1.00 29.42  ? 451 ARG A HB3  1 
ATOM   412  H HG2  . ARG A 1 28 ? 3.697   8.076   1.617   1.00 32.22  ? 451 ARG A HG2  1 
ATOM   413  H HG3  . ARG A 1 28 ? 4.884   7.511   2.514   1.00 32.22  ? 451 ARG A HG3  1 
ATOM   414  H HD2  . ARG A 1 28 ? 6.407   8.794   1.293   1.00 45.47  ? 451 ARG A HD2  1 
ATOM   415  H HD3  . ARG A 1 28 ? 5.213   9.369   0.415   1.00 45.47  ? 451 ARG A HD3  1 
ATOM   416  H HE   . ARG A 1 28 ? 4.518   10.522  2.264   1.00 48.16  ? 451 ARG A HE   1 
ATOM   417  H HH11 . ARG A 1 28 ? 7.618   9.371   2.632   1.00 56.04  ? 451 ARG A HH11 1 
ATOM   418  H HH12 . ARG A 1 28 ? 7.998   10.310  3.723   1.00 56.04  ? 451 ARG A HH12 1 
ATOM   419  H HH21 . ARG A 1 28 ? 5.132   11.919  3.918   1.00 43.17  ? 451 ARG A HH21 1 
ATOM   420  H HH22 . ARG A 1 28 ? 6.503   11.842  4.497   1.00 43.17  ? 451 ARG A HH22 1 
ATOM   421  N N    . ILE A 1 29 ? 5.792   3.893   1.928   1.00 25.05  ? 452 ILE A N    1 
ATOM   422  C CA   . ILE A 1 29 ? 5.827   2.964   3.052   1.00 26.39  ? 452 ILE A CA   1 
ATOM   423  C C    . ILE A 1 29 ? 7.266   2.736   3.503   1.00 29.70  ? 452 ILE A C    1 
ATOM   424  O O    . ILE A 1 29 ? 7.552   2.695   4.698   1.00 39.79  ? 452 ILE A O    1 
ATOM   425  C CB   . ILE A 1 29 ? 5.174   1.610   2.685   1.00 30.49  ? 452 ILE A CB   1 
ATOM   426  C CG1  . ILE A 1 29 ? 3.663   1.779   2.532   1.00 23.97  ? 452 ILE A CG1  1 
ATOM   427  C CG2  . ILE A 1 29 ? 5.458   0.548   3.755   1.00 26.74  ? 452 ILE A CG2  1 
ATOM   428  C CD1  . ILE A 1 29 ? 2.975   0.610   1.855   1.00 22.47  ? 452 ILE A CD1  1 
ATOM   429  H H    . ILE A 1 29 ? 5.469   3.556   1.205   1.00 30.06  ? 452 ILE A H    1 
ATOM   430  H HA   . ILE A 1 29 ? 5.335   3.345   3.795   1.00 31.67  ? 452 ILE A HA   1 
ATOM   431  H HB   . ILE A 1 29 ? 5.541   1.306   1.839   1.00 36.59  ? 452 ILE A HB   1 
ATOM   432  H HG12 . ILE A 1 29 ? 3.271   1.883   3.413   1.00 28.76  ? 452 ILE A HG12 1 
ATOM   433  H HG13 . ILE A 1 29 ? 3.491   2.572   2.001   1.00 28.76  ? 452 ILE A HG13 1 
ATOM   434  H HG21 . ILE A 1 29 ? 5.035   -0.284  3.493   1.00 32.08  ? 452 ILE A HG21 1 
ATOM   435  H HG22 . ILE A 1 29 ? 6.417   0.423   3.828   1.00 32.08  ? 452 ILE A HG22 1 
ATOM   436  H HG23 . ILE A 1 29 ? 5.097   0.851   4.602   1.00 32.08  ? 452 ILE A HG23 1 
ATOM   437  H HD11 . ILE A 1 29 ? 2.024   0.795   1.797   1.00 26.97  ? 452 ILE A HD11 1 
ATOM   438  H HD12 . ILE A 1 29 ? 3.345   0.499   0.966   1.00 26.97  ? 452 ILE A HD12 1 
ATOM   439  H HD13 . ILE A 1 29 ? 3.125   -0.191  2.380   1.00 26.97  ? 452 ILE A HD13 1 
ATOM   440  N N    . ALA A 1 30 ? 8.170   2.592   2.539   1.00 27.55  ? 453 ALA A N    1 
ATOM   441  C CA   . ALA A 1 30 ? 9.574   2.329   2.833   1.00 29.55  ? 453 ALA A CA   1 
ATOM   442  C C    . ALA A 1 30 ? 10.223  3.498   3.569   1.00 31.99  ? 453 ALA A C    1 
ATOM   443  O O    . ALA A 1 30 ? 11.274  3.340   4.190   1.00 34.40  ? 453 ALA A O    1 
ATOM   444  C CB   . ALA A 1 30 ? 10.331  2.032   1.552   1.00 28.62  ? 453 ALA A CB   1 
ATOM   445  H H    . ALA A 1 30 ? 7.993   2.642   1.698   1.00 33.06  ? 453 ALA A H    1 
ATOM   446  H HA   . ALA A 1 30 ? 9.635   1.547   3.403   1.00 35.46  ? 453 ALA A HA   1 
ATOM   447  H HB1  . ALA A 1 30 ? 11.261  1.860   1.768   1.00 34.34  ? 453 ALA A HB1  1 
ATOM   448  H HB2  . ALA A 1 30 ? 9.941   1.252   1.129   1.00 34.34  ? 453 ALA A HB2  1 
ATOM   449  H HB3  . ALA A 1 30 ? 10.264  2.798   0.961   1.00 34.34  ? 453 ALA A HB3  1 
ATOM   450  N N    . GLN A 1 31 ? 9.596   4.668   3.492   1.00 33.65  ? 454 GLN A N    1 
ATOM   451  C CA   . GLN A 1 31 ? 10.097  5.860   4.168   1.00 34.25  ? 454 GLN A CA   1 
ATOM   452  C C    . GLN A 1 31 ? 9.568   5.974   5.595   1.00 36.08  ? 454 GLN A C    1 
ATOM   453  O O    . GLN A 1 31 ? 10.033  6.810   6.370   1.00 40.70  ? 454 GLN A O    1 
ATOM   454  C CB   . GLN A 1 31 ? 9.721   7.112   3.376   1.00 33.57  ? 454 GLN A CB   1 
ATOM   455  C CG   . GLN A 1 31 ? 10.674  7.430   2.236   1.00 41.20  ? 454 GLN A CG   1 
ATOM   456  C CD   . GLN A 1 31 ? 10.138  8.503   1.306   1.00 45.96  ? 454 GLN A CD   1 
ATOM   457  O OE1  . GLN A 1 31 ? 8.968   8.880   1.381   1.00 36.51  ? 454 GLN A OE1  1 
ATOM   458  N NE2  . GLN A 1 31 ? 10.997  9.003   0.424   1.00 43.79  ? 454 GLN A NE2  1 
ATOM   459  H H    . GLN A 1 31 ? 8.869   4.799   3.050   1.00 40.38  ? 454 GLN A H    1 
ATOM   460  H HA   . GLN A 1 31 ? 11.065  5.813   4.211   1.00 41.10  ? 454 GLN A HA   1 
ATOM   461  H HB2  . GLN A 1 31 ? 8.836   6.989   2.997   1.00 40.29  ? 454 GLN A HB2  1 
ATOM   462  H HB3  . GLN A 1 31 ? 9.716   7.873   3.978   1.00 40.29  ? 454 GLN A HB3  1 
ATOM   463  H HG2  . GLN A 1 31 ? 11.514  7.744   2.604   1.00 49.44  ? 454 GLN A HG2  1 
ATOM   464  H HG3  . GLN A 1 31 ? 10.820  6.626   1.713   1.00 49.44  ? 454 GLN A HG3  1 
ATOM   465  H HE21 . GLN A 1 31 ? 11.807  8.715   0.402   1.00 52.55  ? 454 GLN A HE21 1 
ATOM   466  H HE22 . GLN A 1 31 ? 10.742  9.614   -0.124  1.00 52.55  ? 454 GLN A HE22 1 
ATOM   467  N N    . ALA A 1 32 ? 8.595   5.135   5.940   1.00 34.98  ? 455 ALA A N    1 
ATOM   468  C CA   . ALA A 1 32 ? 7.993   5.168   7.267   1.00 36.91  ? 455 ALA A CA   1 
ATOM   469  C C    . ALA A 1 32 ? 9.025   4.840   8.348   1.00 46.88  ? 455 ALA A C    1 
ATOM   470  O O    . ALA A 1 32 ? 10.028  4.181   8.071   1.00 40.19  ? 455 ALA A O    1 
ATOM   471  C CB   . ALA A 1 32 ? 6.825   4.196   7.337   1.00 38.00  ? 455 ALA A CB   1 
ATOM   472  H H    . ALA A 1 32 ? 8.266   4.535   5.418   1.00 41.97  ? 455 ALA A H    1 
ATOM   473  H HA   . ALA A 1 32 ? 7.652   6.060   7.438   1.00 44.29  ? 455 ALA A HA   1 
ATOM   474  H HB1  . ALA A 1 32 ? 6.437   4.232   8.226   1.00 45.60  ? 455 ALA A HB1  1 
ATOM   475  H HB2  . ALA A 1 32 ? 6.162   4.451   6.676   1.00 45.60  ? 455 ALA A HB2  1 
ATOM   476  H HB3  . ALA A 1 32 ? 7.149   3.300   7.154   1.00 45.60  ? 455 ALA A HB3  1 
ATOM   477  N N    . PRO A 1 33 ? 8.786   5.309   9.584   1.00 50.27  ? 456 PRO A N    1 
ATOM   478  C CA   . PRO A 1 33 ? 9.725   5.038   10.680  1.00 56.02  ? 456 PRO A CA   1 
ATOM   479  C C    . PRO A 1 33 ? 9.907   3.549   10.953  1.00 59.52  ? 456 PRO A C    1 
ATOM   480  O O    . PRO A 1 33 ? 8.946   2.787   10.893  1.00 67.85  ? 456 PRO A O    1 
ATOM   481  C CB   . PRO A 1 33 ? 9.076   5.735   11.884  1.00 63.02  ? 456 PRO A CB   1 
ATOM   482  C CG   . PRO A 1 33 ? 7.646   5.933   11.505  1.00 60.53  ? 456 PRO A CG   1 
ATOM   483  C CD   . PRO A 1 33 ? 7.652   6.135   10.028  1.00 51.65  ? 456 PRO A CD   1 
ATOM   484  H HA   . PRO A 1 33 ? 10.588  5.443   10.497  1.00 67.23  ? 456 PRO A HA   1 
ATOM   485  H HB2  . PRO A 1 33 ? 9.147   5.167   12.667  1.00 75.63  ? 456 PRO A HB2  1 
ATOM   486  H HB3  . PRO A 1 33 ? 9.511   6.588   12.039  1.00 75.63  ? 456 PRO A HB3  1 
ATOM   487  H HG2  . PRO A 1 33 ? 7.134   5.143   11.740  1.00 72.64  ? 456 PRO A HG2  1 
ATOM   488  H HG3  . PRO A 1 33 ? 7.295   6.717   11.956  1.00 72.64  ? 456 PRO A HG3  1 
ATOM   489  H HD2  . PRO A 1 33 ? 6.824   5.814   9.638   1.00 61.98  ? 456 PRO A HD2  1 
ATOM   490  H HD3  . PRO A 1 33 ? 7.809   7.069   9.814   1.00 61.98  ? 456 PRO A HD3  1 
ATOM   491  N N    . ASN A 1 34 ? 11.144  3.141   11.222  1.00 48.47  ? 457 ASN A N    1 
ATOM   492  C CA   . ASN A 1 34 ? 11.452  1.765   11.605  1.00 53.78  ? 457 ASN A CA   1 
ATOM   493  C C    . ASN A 1 34 ? 11.115  0.718   10.533  1.00 55.68  ? 457 ASN A C    1 
ATOM   494  O O    . ASN A 1 34 ? 11.257  -0.480  10.772  1.00 54.39  ? 457 ASN A O    1 
ATOM   495  C CB   . ASN A 1 34 ? 10.723  1.417   12.909  1.00 68.75  ? 457 ASN A CB   1 
ATOM   496  C CG   . ASN A 1 34 ? 11.005  2.415   14.020  1.00 61.97  ? 457 ASN A CG   1 
ATOM   497  O OD1  . ASN A 1 34 ? 12.075  3.021   14.065  1.00 57.19  ? 457 ASN A OD1  1 
ATOM   498  N ND2  . ASN A 1 34 ? 10.045  2.589   14.923  1.00 64.69  ? 457 ASN A ND2  1 
ATOM   499  H H    . ASN A 1 34 ? 11.835  3.653   11.190  1.00 58.17  ? 457 ASN A H    1 
ATOM   500  H HA   . ASN A 1 34 ? 12.404  1.703   11.780  1.00 64.54  ? 457 ASN A HA   1 
ATOM   501  H HB2  . ASN A 1 34 ? 9.767   1.411   12.746  1.00 82.50  ? 457 ASN A HB2  1 
ATOM   502  H HB3  . ASN A 1 34 ? 11.014  0.542   13.211  1.00 82.50  ? 457 ASN A HB3  1 
ATOM   503  H HD21 . ASN A 1 34 ? 10.159  3.144   15.571  1.00 77.63  ? 457 ASN A HD21 1 
ATOM   504  H HD22 . ASN A 1 34 ? 9.310   2.147   14.859  1.00 77.63  ? 457 ASN A HD22 1 
ATOM   505  N N    . VAL A 1 35 ? 10.670  1.166   9.360   1.00 44.86  ? 458 VAL A N    1 
ATOM   506  C CA   . VAL A 1 35 ? 10.447  0.272   8.224   1.00 39.92  ? 458 VAL A CA   1 
ATOM   507  C C    . VAL A 1 35 ? 11.777  0.034   7.520   1.00 40.35  ? 458 VAL A C    1 
ATOM   508  O O    . VAL A 1 35 ? 12.559  0.968   7.340   1.00 43.99  ? 458 VAL A O    1 
ATOM   509  C CB   . VAL A 1 35 ? 9.405   0.857   7.236   1.00 48.28  ? 458 VAL A CB   1 
ATOM   510  C CG1  . VAL A 1 35 ? 9.522   0.232   5.847   1.00 36.69  ? 458 VAL A CG1  1 
ATOM   511  C CG2  . VAL A 1 35 ? 8.003   0.653   7.773   1.00 38.86  ? 458 VAL A CG2  1 
ATOM   512  H H    . VAL A 1 35 ? 10.488  1.991   9.195   1.00 53.84  ? 458 VAL A H    1 
ATOM   513  H HA   . VAL A 1 35 ? 10.116  -0.581  8.548   1.00 47.91  ? 458 VAL A HA   1 
ATOM   514  H HB   . VAL A 1 35 ? 9.554   1.811   7.148   1.00 57.94  ? 458 VAL A HB   1 
ATOM   515  H HG11 . VAL A 1 35 ? 8.854   0.628   5.266   1.00 44.03  ? 458 VAL A HG11 1 
ATOM   516  H HG12 . VAL A 1 35 ? 10.410  0.406   5.498   1.00 44.03  ? 458 VAL A HG12 1 
ATOM   517  H HG13 . VAL A 1 35 ? 9.376   -0.724  5.919   1.00 44.03  ? 458 VAL A HG13 1 
ATOM   518  H HG21 . VAL A 1 35 ? 7.366   1.025   7.143   1.00 46.63  ? 458 VAL A HG21 1 
ATOM   519  H HG22 . VAL A 1 35 ? 7.843   -0.297  7.884   1.00 46.63  ? 458 VAL A HG22 1 
ATOM   520  H HG23 . VAL A 1 35 ? 7.925   1.104   8.628   1.00 46.63  ? 458 VAL A HG23 1 
ATOM   521  N N    . VAL A 1 36 ? 12.039  -1.211  7.132   1.00 40.08  ? 459 VAL A N    1 
ATOM   522  C CA   . VAL A 1 36 ? 13.306  -1.549  6.491   1.00 41.00  ? 459 VAL A CA   1 
ATOM   523  C C    . VAL A 1 36 ? 13.104  -2.343  5.197   1.00 51.35  ? 459 VAL A C    1 
ATOM   524  O O    . VAL A 1 36 ? 13.888  -2.209  4.254   1.00 54.44  ? 459 VAL A O    1 
ATOM   525  C CB   . VAL A 1 36 ? 14.215  -2.331  7.470   1.00 61.65  ? 459 VAL A CB   1 
ATOM   526  C CG1  . VAL A 1 36 ? 13.535  -3.592  7.980   1.00 56.97  ? 459 VAL A CG1  1 
ATOM   527  C CG2  . VAL A 1 36 ? 15.548  -2.665  6.829   1.00 56.44  ? 459 VAL A CG2  1 
ATOM   528  H H    . VAL A 1 36 ? 11.503  -1.876  7.228   1.00 48.10  ? 459 VAL A H    1 
ATOM   529  H HA   . VAL A 1 36 ? 13.763  -0.725  6.260   1.00 49.20  ? 459 VAL A HA   1 
ATOM   530  H HB   . VAL A 1 36 ? 14.395  -1.767  8.239   1.00 73.98  ? 459 VAL A HB   1 
ATOM   531  H HG11 . VAL A 1 36 ? 14.069  -4.362  7.729   1.00 68.36  ? 459 VAL A HG11 1 
ATOM   532  H HG12 . VAL A 1 36 ? 12.652  -3.656  7.585   1.00 68.36  ? 459 VAL A HG12 1 
ATOM   533  H HG13 . VAL A 1 36 ? 13.462  -3.541  8.947   1.00 68.36  ? 459 VAL A HG13 1 
ATOM   534  H HG21 . VAL A 1 36 ? 15.393  -3.210  6.043   1.00 67.73  ? 459 VAL A HG21 1 
ATOM   535  H HG22 . VAL A 1 36 ? 16.092  -3.153  7.468   1.00 67.73  ? 459 VAL A HG22 1 
ATOM   536  H HG23 . VAL A 1 36 ? 15.993  -1.840  6.579   1.00 67.73  ? 459 VAL A HG23 1 
ATOM   537  N N    . SER A 1 37 ? 12.049  -3.149  5.148   1.00 61.89  ? 460 SER A N    1 
ATOM   538  C CA   . SER A 1 37 ? 11.714  -3.906  3.949   1.00 55.67  ? 460 SER A CA   1 
ATOM   539  C C    . SER A 1 37 ? 10.242  -3.755  3.603   1.00 54.38  ? 460 SER A C    1 
ATOM   540  O O    . SER A 1 37 ? 9.376   -3.837  4.476   1.00 48.57  ? 460 SER A O    1 
ATOM   541  C CB   . SER A 1 37 ? 12.054  -5.384  4.137   1.00 45.37  ? 460 SER A CB   1 
ATOM   542  O OG   . SER A 1 37 ? 11.631  -5.829  5.412   1.00 62.75  ? 460 SER A OG   1 
ATOM   543  H H    . SER A 1 37 ? 11.506  -3.276  5.803   1.00 74.27  ? 460 SER A H    1 
ATOM   544  H HA   . SER A 1 37 ? 12.235  -3.568  3.203   1.00 66.81  ? 460 SER A HA   1 
ATOM   545  H HB2  . SER A 1 37 ? 11.603  -5.903  3.453   1.00 54.45  ? 460 SER A HB2  1 
ATOM   546  H HB3  . SER A 1 37 ? 13.015  -5.499  4.063   1.00 54.45  ? 460 SER A HB3  1 
ATOM   547  H HG   . SER A 1 37 ? 11.820  -6.641  5.509   1.00 75.30  ? 460 SER A HG   1 
ATOM   548  N N    . VAL A 1 38 ? 9.974   -3.513  2.324   1.00 39.04  ? 461 VAL A N    1 
ATOM   549  C CA   . VAL A 1 38 ? 8.615   -3.522  1.801   1.00 38.59  ? 461 VAL A CA   1 
ATOM   550  C C    . VAL A 1 38 ? 8.505   -4.580  0.712   1.00 35.63  ? 461 VAL A C    1 
ATOM   551  O O    . VAL A 1 38 ? 9.238   -4.544  -0.275  1.00 31.34  ? 461 VAL A O    1 
ATOM   552  C CB   . VAL A 1 38 ? 8.204   -2.165  1.220   1.00 43.78  ? 461 VAL A CB   1 
ATOM   553  C CG1  . VAL A 1 38 ? 6.715   -2.157  0.929   1.00 52.86  ? 461 VAL A CG1  1 
ATOM   554  C CG2  . VAL A 1 38 ? 8.554   -1.036  2.174   1.00 45.80  ? 461 VAL A CG2  1 
ATOM   555  H H    . VAL A 1 38 ? 10.572  -3.337  1.731   1.00 46.85  ? 461 VAL A H    1 
ATOM   556  H HA   . VAL A 1 38 ? 7.997   -3.750  2.514   1.00 46.31  ? 461 VAL A HA   1 
ATOM   557  H HB   . VAL A 1 38 ? 8.678   -2.018  0.387   1.00 52.53  ? 461 VAL A HB   1 
ATOM   558  H HG11 . VAL A 1 38 ? 6.470   -1.294  0.561   1.00 63.43  ? 461 VAL A HG11 1 
ATOM   559  H HG12 . VAL A 1 38 ? 6.516   -2.858  0.288   1.00 63.43  ? 461 VAL A HG12 1 
ATOM   560  H HG13 . VAL A 1 38 ? 6.231   -2.316  1.754   1.00 63.43  ? 461 VAL A HG13 1 
ATOM   561  H HG21 . VAL A 1 38 ? 8.282   -0.193  1.777   1.00 54.96  ? 461 VAL A HG21 1 
ATOM   562  H HG22 . VAL A 1 38 ? 8.085   -1.174  3.011   1.00 54.96  ? 461 VAL A HG22 1 
ATOM   563  H HG23 . VAL A 1 38 ? 9.512   -1.036  2.325   1.00 54.96  ? 461 VAL A HG23 1 
ATOM   564  N N    . ALA A 1 39 ? 7.588   -5.520  0.904   1.00 30.60  ? 462 ALA A N    1 
ATOM   565  C CA   . ALA A 1 39 ? 7.346   -6.572  -0.073  1.00 31.65  ? 462 ALA A CA   1 
ATOM   566  C C    . ALA A 1 39 ? 6.766   -5.987  -1.356  1.00 30.21  ? 462 ALA A C    1 
ATOM   567  O O    . ALA A 1 39 ? 6.108   -4.947  -1.318  1.00 24.84  ? 462 ALA A O    1 
ATOM   568  C CB   . ALA A 1 39 ? 6.403   -7.614  0.501   1.00 31.04  ? 462 ALA A CB   1 
ATOM   569  H H    . ALA A 1 39 ? 7.086   -5.571  1.601   1.00 36.72  ? 462 ALA A H    1 
ATOM   570  H HA   . ALA A 1 39 ? 8.186   -7.007  -0.289  1.00 37.98  ? 462 ALA A HA   1 
ATOM   571  H HB1  . ALA A 1 39 ? 6.255   -8.305  -0.163  1.00 37.25  ? 462 ALA A HB1  1 
ATOM   572  H HB2  . ALA A 1 39 ? 6.804   -7.998  1.295   1.00 37.25  ? 462 ALA A HB2  1 
ATOM   573  H HB3  . ALA A 1 39 ? 5.562   -7.186  0.727   1.00 37.25  ? 462 ALA A HB3  1 
ATOM   574  N N    . PRO A 1 40 ? 7.008   -6.650  -2.499  1.00 26.16  ? 463 PRO A N    1 
ATOM   575  C CA   . PRO A 1 40 ? 6.267   -6.271  -3.707  1.00 28.79  ? 463 PRO A CA   1 
ATOM   576  C C    . PRO A 1 40 ? 4.782   -6.532  -3.504  1.00 29.42  ? 463 PRO A C    1 
ATOM   577  O O    . PRO A 1 40 ? 4.427   -7.293  -2.602  1.00 23.09  ? 463 PRO A O    1 
ATOM   578  C CB   . PRO A 1 40 ? 6.852   -7.180  -4.794  1.00 19.68  ? 463 PRO A CB   1 
ATOM   579  C CG   . PRO A 1 40 ? 8.147   -7.676  -4.242  1.00 21.78  ? 463 PRO A CG   1 
ATOM   580  C CD   . PRO A 1 40 ? 7.976   -7.727  -2.761  1.00 25.10  ? 463 PRO A CD   1 
ATOM   581  H HA   . PRO A 1 40 ? 6.417   -5.339  -3.932  1.00 34.55  ? 463 PRO A HA   1 
ATOM   582  H HB2  . PRO A 1 40 ? 6.247   -7.918  -4.963  1.00 23.62  ? 463 PRO A HB2  1 
ATOM   583  H HB3  . PRO A 1 40 ? 7.001   -6.666  -5.604  1.00 23.62  ? 463 PRO A HB3  1 
ATOM   584  H HG2  . PRO A 1 40 ? 8.329   -8.562  -4.594  1.00 26.14  ? 463 PRO A HG2  1 
ATOM   585  H HG3  . PRO A 1 40 ? 8.857   -7.062  -4.481  1.00 26.14  ? 463 PRO A HG3  1 
ATOM   586  H HD2  . PRO A 1 40 ? 7.611   -8.584  -2.491  1.00 30.12  ? 463 PRO A HD2  1 
ATOM   587  H HD3  . PRO A 1 40 ? 8.818   -7.541  -2.317  1.00 30.12  ? 463 PRO A HD3  1 
ATOM   588  N N    . PRO A 1 41 ? 3.922   -5.913  -4.325  1.00 21.25  ? 464 PRO A N    1 
ATOM   589  C CA   . PRO A 1 41 ? 2.480   -6.073  -4.118  1.00 24.66  ? 464 PRO A CA   1 
ATOM   590  C C    . PRO A 1 41 ? 2.015   -7.508  -4.316  1.00 20.69  ? 464 PRO A C    1 
ATOM   591  O O    . PRO A 1 41 ? 2.407   -8.163  -5.281  1.00 23.34  ? 464 PRO A O    1 
ATOM   592  C CB   . PRO A 1 41 ? 1.869   -5.146  -5.175  1.00 27.62  ? 464 PRO A CB   1 
ATOM   593  C CG   . PRO A 1 41 ? 2.917   -5.030  -6.227  1.00 16.77  ? 464 PRO A CG   1 
ATOM   594  C CD   . PRO A 1 41 ? 4.223   -5.074  -5.494  1.00 17.77  ? 464 PRO A CD   1 
ATOM   595  H HA   . PRO A 1 41 ? 2.227   -5.766  -3.233  1.00 29.60  ? 464 PRO A HA   1 
ATOM   596  H HB2  . PRO A 1 41 ? 1.063   -5.547  -5.535  1.00 33.15  ? 464 PRO A HB2  1 
ATOM   597  H HB3  . PRO A 1 41 ? 1.679   -4.281  -4.782  1.00 33.15  ? 464 PRO A HB3  1 
ATOM   598  H HG2  . PRO A 1 41 ? 2.844   -5.776  -6.844  1.00 20.13  ? 464 PRO A HG2  1 
ATOM   599  H HG3  . PRO A 1 41 ? 2.815   -4.187  -6.696  1.00 20.13  ? 464 PRO A HG3  1 
ATOM   600  H HD2  . PRO A 1 41 ? 4.906   -5.490  -6.044  1.00 21.33  ? 464 PRO A HD2  1 
ATOM   601  H HD3  . PRO A 1 41 ? 4.485   -4.184  -5.214  1.00 21.33  ? 464 PRO A HD3  1 
ATOM   602  N N    . ARG A 1 42 ? 1.197   -7.985  -3.386  1.00 23.01  ? 465 ARG A N    1 
ATOM   603  C CA   . ARG A 1 42 ? 0.560   -9.288  -3.508  1.00 25.50  ? 465 ARG A CA   1 
ATOM   604  C C    . ARG A 1 42 ? -0.878  -9.101  -3.952  1.00 25.96  ? 465 ARG A C    1 
ATOM   605  O O    . ARG A 1 42 ? -1.665  -8.445  -3.273  1.00 34.24  ? 465 ARG A O    1 
ATOM   606  C CB   . ARG A 1 42 ? 0.612   -10.046 -2.184  1.00 32.35  ? 465 ARG A CB   1 
ATOM   607  C CG   . ARG A 1 42 ? 1.428   -11.317 -2.246  1.00 38.99  ? 465 ARG A CG   1 
ATOM   608  C CD   . ARG A 1 42 ? 1.562   -11.951 -0.874  1.00 59.58  ? 465 ARG A CD   1 
ATOM   609  N NE   . ARG A 1 42 ? 2.401   -11.147 0.012   1.00 59.01  ? 465 ARG A NE   1 
ATOM   610  C CZ   . ARG A 1 42 ? 3.732   -11.163 0.002   1.00 56.88  ? 465 ARG A CZ   1 
ATOM   611  N NH1  . ARG A 1 42 ? 4.390   -11.939 -0.850  1.00 62.92  ? 465 ARG A NH1  1 
ATOM   612  N NH2  . ARG A 1 42 ? 4.407   -10.396 0.847   1.00 50.04  ? 465 ARG A NH2  1 
ATOM   613  H H    . ARG A 1 42 ? 0.992   -7.566  -2.663  1.00 27.61  ? 465 ARG A H    1 
ATOM   614  H HA   . ARG A 1 42 ? 1.023   -9.813  -4.180  1.00 30.60  ? 465 ARG A HA   1 
ATOM   615  H HB2  . ARG A 1 42 ? 1.008   -9.472  -1.510  1.00 38.82  ? 465 ARG A HB2  1 
ATOM   616  H HB3  . ARG A 1 42 ? -0.291  -10.285 -1.924  1.00 38.82  ? 465 ARG A HB3  1 
ATOM   617  H HG2  . ARG A 1 42 ? 0.989   -11.952 -2.834  1.00 46.78  ? 465 ARG A HG2  1 
ATOM   618  H HG3  . ARG A 1 42 ? 2.317   -11.113 -2.576  1.00 46.78  ? 465 ARG A HG3  1 
ATOM   619  H HD2  . ARG A 1 42 ? 0.682   -12.027 -0.471  1.00 71.49  ? 465 ARG A HD2  1 
ATOM   620  H HD3  . ARG A 1 42 ? 1.967   -12.827 -0.965  1.00 71.49  ? 465 ARG A HD3  1 
ATOM   621  H HE   . ARG A 1 42 ? 2.010   -10.631 0.578   1.00 70.82  ? 465 ARG A HE   1 
ATOM   622  H HH11 . ARG A 1 42 ? 3.956   -12.438 -1.400  1.00 75.50  ? 465 ARG A HH11 1 
ATOM   623  H HH12 . ARG A 1 42 ? 5.249   -11.943 -0.852  1.00 75.50  ? 465 ARG A HH12 1 
ATOM   624  H HH21 . ARG A 1 42 ? 3.986   -9.891  1.401   1.00 60.05  ? 465 ARG A HH21 1 
ATOM   625  H HH22 . ARG A 1 42 ? 5.267   -10.404 0.843   1.00 60.05  ? 465 ARG A HH22 1 
ATOM   626  N N    . PHE A 1 43 ? -1.213  -9.677  -5.100  1.00 28.66  ? 466 PHE A N    1 
ATOM   627  C CA   . PHE A 1 43 ? -2.535  -9.511  -5.680  1.00 33.97  ? 466 PHE A CA   1 
ATOM   628  C C    . PHE A 1 43 ? -3.482  -10.632 -5.282  1.00 40.40  ? 466 PHE A C    1 
ATOM   629  O O    . PHE A 1 43 ? -3.170  -11.813 -5.439  1.00 48.70  ? 466 PHE A O    1 
ATOM   630  C CB   . PHE A 1 43 ? -2.432  -9.434  -7.201  1.00 27.19  ? 466 PHE A CB   1 
ATOM   631  C CG   . PHE A 1 43 ? -1.711  -8.215  -7.688  1.00 27.35  ? 466 PHE A CG   1 
ATOM   632  C CD1  . PHE A 1 43 ? -2.242  -6.954  -7.471  1.00 19.86  ? 466 PHE A CD1  1 
ATOM   633  C CD2  . PHE A 1 43 ? -0.506  -8.323  -8.359  1.00 19.31  ? 466 PHE A CD2  1 
ATOM   634  C CE1  . PHE A 1 43 ? -1.585  -5.827  -7.914  1.00 25.28  ? 466 PHE A CE1  1 
ATOM   635  C CE2  . PHE A 1 43 ? 0.153   -7.195  -8.807  1.00 25.09  ? 466 PHE A CE2  1 
ATOM   636  C CZ   . PHE A 1 43 ? -0.386  -5.947  -8.582  1.00 23.18  ? 466 PHE A CZ   1 
ATOM   637  H H    . PHE A 1 43 ? -0.686  -10.172 -5.566  1.00 34.39  ? 466 PHE A H    1 
ATOM   638  H HA   . PHE A 1 43 ? -2.915  -8.675  -5.363  1.00 40.77  ? 466 PHE A HA   1 
ATOM   639  H HB2  . PHE A 1 43 ? -1.951  -10.212 -7.521  1.00 32.62  ? 466 PHE A HB2  1 
ATOM   640  H HB3  . PHE A 1 43 ? -3.326  -9.421  -7.576  1.00 32.62  ? 466 PHE A HB3  1 
ATOM   641  H HD1  . PHE A 1 43 ? -3.050  -6.868  -7.020  1.00 23.83  ? 466 PHE A HD1  1 
ATOM   642  H HD2  . PHE A 1 43 ? -0.140  -9.163  -8.512  1.00 23.17  ? 466 PHE A HD2  1 
ATOM   643  H HE1  . PHE A 1 43 ? -1.952  -4.986  -7.762  1.00 30.34  ? 466 PHE A HE1  1 
ATOM   644  H HE2  . PHE A 1 43 ? 0.963   -7.277  -9.257  1.00 30.11  ? 466 PHE A HE2  1 
ATOM   645  H HZ   . PHE A 1 43 ? 0.057   -5.186  -8.883  1.00 27.81  ? 466 PHE A HZ   1 
ATOM   646  N N    . ALA A 1 44 ? -4.638  -10.247 -4.755  1.00 34.67  ? 467 ALA A N    1 
ATOM   647  C CA   . ALA A 1 44 ? -5.703  -11.195 -4.473  1.00 37.19  ? 467 ALA A CA   1 
ATOM   648  C C    . ALA A 1 44 ? -6.106  -11.894 -5.765  1.00 39.84  ? 467 ALA A C    1 
ATOM   649  O O    . ALA A 1 44 ? -6.053  -11.299 -6.842  1.00 33.50  ? 467 ALA A O    1 
ATOM   650  C CB   . ALA A 1 44 ? -6.894  -10.488 -3.847  1.00 42.00  ? 467 ALA A CB   1 
ATOM   651  H H    . ALA A 1 44 ? -4.831  -9.434  -4.551  1.00 41.61  ? 467 ALA A H    1 
ATOM   652  H HA   . ALA A 1 44 ? -5.382  -11.865 -3.849  1.00 44.62  ? 467 ALA A HA   1 
ATOM   653  H HB1  . ALA A 1 44 ? -7.590  -11.140 -3.668  1.00 50.40  ? 467 ALA A HB1  1 
ATOM   654  H HB2  . ALA A 1 44 ? -6.613  -10.069 -3.018  1.00 50.40  ? 467 ALA A HB2  1 
ATOM   655  H HB3  . ALA A 1 44 ? -7.221  -9.815  -4.464  1.00 50.40  ? 467 ALA A HB3  1 
ATOM   656  N N    . ASP A 1 45 ? -6.503  -13.157 -5.656  1.00 43.70  ? 468 ASP A N    1 
ATOM   657  C CA   . ASP A 1 45 ? -6.898  -13.938 -6.826  1.00 50.91  ? 468 ASP A CA   1 
ATOM   658  C C    . ASP A 1 45 ? -8.097  -13.292 -7.517  1.00 47.03  ? 468 ASP A C    1 
ATOM   659  O O    . ASP A 1 45 ? -8.368  -13.550 -8.688  1.00 43.24  ? 468 ASP A O    1 
ATOM   660  C CB   . ASP A 1 45 ? -7.226  -15.377 -6.423  1.00 63.28  ? 468 ASP A CB   1 
ATOM   661  C CG   . ASP A 1 45 ? -6.203  -15.963 -5.467  1.00 71.51  ? 468 ASP A CG   1 
ATOM   662  O OD1  . ASP A 1 45 ? -5.115  -16.368 -5.930  1.00 75.09  ? 468 ASP A OD1  1 
ATOM   663  O OD2  . ASP A 1 45 ? -6.490  -16.020 -4.252  1.00 73.45  ? 468 ASP A OD2  1 
ATOM   664  H H    . ASP A 1 45 ? -6.553  -13.589 -4.914  1.00 52.44  ? 468 ASP A H    1 
ATOM   665  H HA   . ASP A 1 45 ? -6.162  -13.961 -7.457  1.00 61.09  ? 468 ASP A HA   1 
ATOM   666  H HB2  . ASP A 1 45 ? -8.091  -15.393 -5.985  1.00 75.94  ? 468 ASP A HB2  1 
ATOM   667  H HB3  . ASP A 1 45 ? -7.246  -15.932 -7.219  1.00 75.94  ? 468 ASP A HB3  1 
ATOM   668  N N    . ASP A 1 46 ? -8.805  -12.450 -6.770  1.00 56.02  ? 469 ASP A N    1 
ATOM   669  C CA   . ASP A 1 46 ? -9.914  -11.668 -7.300  1.00 51.63  ? 469 ASP A CA   1 
ATOM   670  C C    . ASP A 1 46 ? -9.402  -10.465 -8.094  1.00 49.71  ? 469 ASP A C    1 
ATOM   671  O O    . ASP A 1 46 ? -10.109 -9.915  -8.939  1.00 49.79  ? 469 ASP A O    1 
ATOM   672  C CB   . ASP A 1 46 ? -10.813 -11.199 -6.152  1.00 50.27  ? 469 ASP A CB   1 
ATOM   673  C CG   . ASP A 1 46 ? -12.102 -10.566 -6.635  1.00 69.58  ? 469 ASP A CG   1 
ATOM   674  O OD1  . ASP A 1 46 ? -12.545 -10.885 -7.759  1.00 75.67  ? 469 ASP A OD1  1 
ATOM   675  O OD2  . ASP A 1 46 ? -12.677 -9.751  -5.882  1.00 77.94  ? 469 ASP A OD2  1 
ATOM   676  H H    . ASP A 1 46 ? -8.657  -12.312 -5.934  1.00 67.22  ? 469 ASP A H    1 
ATOM   677  H HA   . ASP A 1 46 ? -10.443 -12.223 -7.895  1.00 61.96  ? 469 ASP A HA   1 
ATOM   678  H HB2  . ASP A 1 46 ? -11.043 -11.964 -5.600  1.00 60.33  ? 469 ASP A HB2  1 
ATOM   679  H HB3  . ASP A 1 46 ? -10.334 -10.542 -5.625  1.00 60.33  ? 469 ASP A HB3  1 
ATOM   680  N N    . ASN A 1 47 ? -8.165  -10.068 -7.808  1.00 39.76  ? 470 ASN A N    1 
ATOM   681  C CA   . ASN A 1 47 ? -7.552  -8.875  -8.391  1.00 40.60  ? 470 ASN A CA   1 
ATOM   682  C C    . ASN A 1 47 ? -8.335  -7.620  -8.017  1.00 35.87  ? 470 ASN A C    1 
ATOM   683  O O    . ASN A 1 47 ? -8.282  -6.610  -8.717  1.00 26.83  ? 470 ASN A O    1 
ATOM   684  C CB   . ASN A 1 47 ? -7.447  -9.003  -9.917  1.00 33.17  ? 470 ASN A CB   1 
ATOM   685  C CG   . ASN A 1 47 ? -6.211  -8.305  -10.484 1.00 25.87  ? 470 ASN A CG   1 
ATOM   686  O OD1  . ASN A 1 47 ? -5.386  -7.766  -9.745  1.00 21.33  ? 470 ASN A OD1  1 
ATOM   687  N ND2  . ASN A 1 47 ? -6.078  -8.324  -11.803 1.00 23.26  ? 470 ASN A ND2  1 
ATOM   688  H H    . ASN A 1 47 ? -7.645  -10.486 -7.263  1.00 47.72  ? 470 ASN A H    1 
ATOM   689  H HA   . ASN A 1 47 ? -6.653  -8.781  -8.039  1.00 48.72  ? 470 ASN A HA   1 
ATOM   690  H HB2  . ASN A 1 47 ? -7.396  -9.942  -10.153 1.00 39.80  ? 470 ASN A HB2  1 
ATOM   691  H HB3  . ASN A 1 47 ? -8.232  -8.600  -10.321 1.00 39.80  ? 470 ASN A HB3  1 
ATOM   692  H HD21 . ASN A 1 47 ? -5.399  -7.945  -12.173 1.00 27.91  ? 470 ASN A HD21 1 
ATOM   693  H HD22 . ASN A 1 47 ? -6.670  -8.716  -12.289 1.00 27.91  ? 470 ASN A HD22 1 
ATOM   694  N N    . GLY A 1 48 ? -9.060  -7.690  -6.904  1.00 36.63  ? 471 GLY A N    1 
ATOM   695  C CA   . GLY A 1 48 ? -9.791  -6.546  -6.392  1.00 38.95  ? 471 GLY A CA   1 
ATOM   696  C C    . GLY A 1 48 ? -8.893  -5.624  -5.590  1.00 51.80  ? 471 GLY A C    1 
ATOM   697  O O    . GLY A 1 48 ? -9.144  -4.420  -5.505  1.00 54.43  ? 471 GLY A O    1 
ATOM   698  H H    . GLY A 1 48 ? -9.142  -8.400  -6.424  1.00 43.96  ? 471 GLY A H    1 
ATOM   699  H HA2  . GLY A 1 48 ? -10.170 -6.045  -7.131  1.00 46.73  ? 471 GLY A HA2  1 
ATOM   700  H HA3  . GLY A 1 48 ? -10.513 -6.850  -5.820  1.00 46.73  ? 471 GLY A HA3  1 
ATOM   701  N N    . SER A 1 49 ? -7.836  -6.191  -5.014  1.00 31.55  ? 472 SER A N    1 
ATOM   702  C CA   . SER A 1 49 ? -6.942  -5.436  -4.142  1.00 26.53  ? 472 SER A CA   1 
ATOM   703  C C    . SER A 1 49 ? -5.489  -5.880  -4.265  1.00 24.27  ? 472 SER A C    1 
ATOM   704  O O    . SER A 1 49 ? -5.185  -6.906  -4.877  1.00 13.47  ? 472 SER A O    1 
ATOM   705  C CB   . SER A 1 49 ? -7.390  -5.575  -2.687  1.00 20.55  ? 472 SER A CB   1 
ATOM   706  O OG   . SER A 1 49 ? -7.395  -6.936  -2.293  1.00 21.91  ? 472 SER A OG   1 
ATOM   707  H H    . SER A 1 49 ? -7.614  -7.016  -5.113  1.00 37.86  ? 472 SER A H    1 
ATOM   708  H HA   . SER A 1 49 ? -6.989  -4.497  -4.381  1.00 31.84  ? 472 SER A HA   1 
ATOM   709  H HB2  . SER A 1 49 ? -6.776  -5.083  -2.119  1.00 24.66  ? 472 SER A HB2  1 
ATOM   710  H HB3  . SER A 1 49 ? -8.287  -5.215  -2.597  1.00 24.66  ? 472 SER A HB3  1 
ATOM   711  H HG   . SER A 1 49 ? -7.642  -7.002  -1.493  1.00 26.29  ? 472 SER A HG   1 
ATOM   712  N N    . ALA A 1 50 ? -4.600  -5.090  -3.670  1.00 20.95  ? 473 ALA A N    1 
ATOM   713  C CA   . ALA A 1 50 ? -3.182  -5.416  -3.603  1.00 25.35  ? 473 ALA A CA   1 
ATOM   714  C C    . ALA A 1 50 ? -2.680  -5.253  -2.172  1.00 25.49  ? 473 ALA A C    1 
ATOM   715  O O    . ALA A 1 50 ? -2.855  -4.198  -1.562  1.00 24.22  ? 473 ALA A O    1 
ATOM   716  C CB   . ALA A 1 50 ? -2.386  -4.534  -4.549  1.00 20.74  ? 473 ALA A CB   1 
ATOM   717  H H    . ALA A 1 50 ? -4.800  -4.345  -3.291  1.00 25.14  ? 473 ALA A H    1 
ATOM   718  H HA   . ALA A 1 50 ? -3.052  -6.340  -3.867  1.00 30.42  ? 473 ALA A HA   1 
ATOM   719  H HB1  . ALA A 1 50 ? -1.448  -4.770  -4.485  1.00 24.89  ? 473 ALA A HB1  1 
ATOM   720  H HB2  . ALA A 1 50 ? -2.703  -4.676  -5.454  1.00 24.89  ? 473 ALA A HB2  1 
ATOM   721  H HB3  . ALA A 1 50 ? -2.512  -3.606  -4.295  1.00 24.89  ? 473 ALA A HB3  1 
ATOM   722  N N    . LEU A 1 51 ? -2.058  -6.303  -1.642  1.00 26.74  ? 474 LEU A N    1 
ATOM   723  C CA   . LEU A 1 51 ? -1.510  -6.267  -0.292  1.00 24.28  ? 474 LEU A CA   1 
ATOM   724  C C    . LEU A 1 51 ? -0.032  -5.890  -0.322  1.00 24.56  ? 474 LEU A C    1 
ATOM   725  O O    . LEU A 1 51 ? 0.766   -6.512  -1.024  1.00 28.57  ? 474 LEU A O    1 
ATOM   726  C CB   . LEU A 1 51 ? -1.687  -7.618  0.405   1.00 22.28  ? 474 LEU A CB   1 
ATOM   727  C CG   . LEU A 1 51 ? -1.297  -7.645  1.887   1.00 37.10  ? 474 LEU A CG   1 
ATOM   728  C CD1  . LEU A 1 51 ? -2.378  -7.002  2.745   1.00 46.10  ? 474 LEU A CD1  1 
ATOM   729  C CD2  . LEU A 1 51 ? -1.010  -9.065  2.352   1.00 42.48  ? 474 LEU A CD2  1 
ATOM   730  H H    . LEU A 1 51 ? -1.942  -7.053  -2.047  1.00 32.08  ? 474 LEU A H    1 
ATOM   731  H HA   . LEU A 1 51 ? -1.981  -5.595  0.224   1.00 29.14  ? 474 LEU A HA   1 
ATOM   732  H HB2  . LEU A 1 51 ? -2.621  -7.875  0.344   1.00 26.73  ? 474 LEU A HB2  1 
ATOM   733  H HB3  . LEU A 1 51 ? -1.140  -8.275  -0.053  1.00 26.73  ? 474 LEU A HB3  1 
ATOM   734  H HG   . LEU A 1 51 ? -0.484  -7.128  2.002   1.00 44.52  ? 474 LEU A HG   1 
ATOM   735  H HD11 . LEU A 1 51 ? -2.103  -7.033  3.675   1.00 55.32  ? 474 LEU A HD11 1 
ATOM   736  H HD12 . LEU A 1 51 ? -2.496  -6.081  2.465   1.00 55.32  ? 474 LEU A HD12 1 
ATOM   737  H HD13 . LEU A 1 51 ? -3.206  -7.492  2.628   1.00 55.32  ? 474 LEU A HD13 1 
ATOM   738  H HD21 . LEU A 1 51 ? -0.767  -9.045  3.291   1.00 50.97  ? 474 LEU A HD21 1 
ATOM   739  H HD22 . LEU A 1 51 ? -1.807  -9.604  2.227   1.00 50.97  ? 474 LEU A HD22 1 
ATOM   740  H HD23 . LEU A 1 51 ? -0.279  -9.427  1.827   1.00 50.97  ? 474 LEU A HD23 1 
ATOM   741  N N    . LEU A 1 52 ? 0.315   -4.858  0.438   1.00 31.62  ? 475 LEU A N    1 
ATOM   742  C CA   . LEU A 1 52 ? 1.705   -4.468  0.643   1.00 26.61  ? 475 LEU A CA   1 
ATOM   743  C C    . LEU A 1 52 ? 2.086   -4.695  2.101   1.00 31.80  ? 475 LEU A C    1 
ATOM   744  O O    . LEU A 1 52 ? 1.492   -4.104  3.003   1.00 23.00  ? 475 LEU A O    1 
ATOM   745  C CB   . LEU A 1 52 ? 1.919   -3.004  0.250   1.00 33.02  ? 475 LEU A CB   1 
ATOM   746  C CG   . LEU A 1 52 ? 1.796   -2.696  -1.245  1.00 31.10  ? 475 LEU A CG   1 
ATOM   747  C CD1  . LEU A 1 52 ? 1.631   -1.201  -1.483  1.00 19.89  ? 475 LEU A CD1  1 
ATOM   748  C CD2  . LEU A 1 52 ? 3.006   -3.225  -2.006  1.00 38.05  ? 475 LEU A CD2  1 
ATOM   749  H H    . LEU A 1 52 ? -0.247  -4.358  0.855   1.00 37.94  ? 475 LEU A H    1 
ATOM   750  H HA   . LEU A 1 52 ? 2.277   -5.019  0.087   1.00 31.94  ? 475 LEU A HA   1 
ATOM   751  H HB2  . LEU A 1 52 ? 1.261   -2.463  0.714   1.00 39.62  ? 475 LEU A HB2  1 
ATOM   752  H HB3  . LEU A 1 52 ? 2.810   -2.739  0.529   1.00 39.62  ? 475 LEU A HB3  1 
ATOM   753  H HG   . LEU A 1 52 ? 1.007   -3.141  -1.593  1.00 37.32  ? 475 LEU A HG   1 
ATOM   754  H HD11 . LEU A 1 52 ? 1.556   -1.040  -2.436  1.00 23.86  ? 475 LEU A HD11 1 
ATOM   755  H HD12 . LEU A 1 52 ? 0.828   -0.896  -1.032  1.00 23.86  ? 475 LEU A HD12 1 
ATOM   756  H HD13 . LEU A 1 52 ? 2.406   -0.738  -1.129  1.00 23.86  ? 475 LEU A HD13 1 
ATOM   757  H HD21 . LEU A 1 52 ? 2.902   -3.016  -2.948  1.00 45.66  ? 475 LEU A HD21 1 
ATOM   758  H HD22 . LEU A 1 52 ? 3.807   -2.801  -1.659  1.00 45.66  ? 475 LEU A HD22 1 
ATOM   759  H HD23 . LEU A 1 52 ? 3.061   -4.186  -1.883  1.00 45.66  ? 475 LEU A HD23 1 
ATOM   760  N N    . SER A 1 53 ? 3.074   -5.560  2.321   1.00 28.11  ? 476 SER A N    1 
ATOM   761  C CA   . SER A 1 53 ? 3.508   -5.911  3.668   1.00 36.82  ? 476 SER A CA   1 
ATOM   762  C C    . SER A 1 53 ? 4.903   -5.369  3.959   1.00 34.95  ? 476 SER A C    1 
ATOM   763  O O    . SER A 1 53 ? 5.862   -5.675  3.247   1.00 40.18  ? 476 SER A O    1 
ATOM   764  C CB   . SER A 1 53 ? 3.483   -7.429  3.856   1.00 35.36  ? 476 SER A CB   1 
ATOM   765  O OG   . SER A 1 53 ? 4.504   -8.054  3.096   1.00 46.87  ? 476 SER A OG   1 
ATOM   766  H H    . SER A 1 53 ? 3.513   -5.960  1.699   1.00 33.73  ? 476 SER A H    1 
ATOM   767  H HA   . SER A 1 53 ? 2.895   -5.519  4.310   1.00 44.18  ? 476 SER A HA   1 
ATOM   768  H HB2  . SER A 1 53 ? 3.620   -7.632  4.795   1.00 42.43  ? 476 SER A HB2  1 
ATOM   769  H HB3  . SER A 1 53 ? 2.622   -7.769  3.566   1.00 42.43  ? 476 SER A HB3  1 
ATOM   770  H HG   . SER A 1 53 ? 4.478   -8.886  3.209   1.00 56.25  ? 476 SER A HG   1 
ATOM   771  N N    . ALA A 1 54 ? 5.001   -4.567  5.014   1.00 33.40  ? 477 ALA A N    1 
ATOM   772  C CA   . ALA A 1 54 ? 6.260   -3.944  5.405   1.00 32.61  ? 477 ALA A CA   1 
ATOM   773  C C    . ALA A 1 54 ? 6.799   -4.552  6.688   1.00 38.81  ? 477 ALA A C    1 
ATOM   774  O O    . ALA A 1 54 ? 6.104   -4.618  7.704   1.00 42.84  ? 477 ALA A O    1 
ATOM   775  C CB   . ALA A 1 54 ? 6.077   -2.453  5.577   1.00 29.34  ? 477 ALA A CB   1 
ATOM   776  H H    . ALA A 1 54 ? 4.342   -4.365  5.527   1.00 40.07  ? 477 ALA A H    1 
ATOM   777  H HA   . ALA A 1 54 ? 6.916   -4.088  4.706   1.00 39.13  ? 477 ALA A HA   1 
ATOM   778  H HB1  . ALA A 1 54 ? 6.924   -2.060  5.837   1.00 35.20  ? 477 ALA A HB1  1 
ATOM   779  H HB2  . ALA A 1 54 ? 5.779   -2.073  4.736   1.00 35.20  ? 477 ALA A HB2  1 
ATOM   780  H HB3  . ALA A 1 54 ? 5.412   -2.295  6.266   1.00 35.20  ? 477 ALA A HB3  1 
ATOM   781  N N    . VAL A 1 55 ? 8.051   -4.994  6.635   1.00 52.13  ? 478 VAL A N    1 
ATOM   782  C CA   . VAL A 1 55 ? 8.722   -5.503  7.817   1.00 57.99  ? 478 VAL A CA   1 
ATOM   783  C C    . VAL A 1 55 ? 9.392   -4.358  8.573   1.00 62.06  ? 478 VAL A C    1 
ATOM   784  O O    . VAL A 1 55 ? 9.951   -3.436  7.971   1.00 58.17  ? 478 VAL A O    1 
ATOM   785  C CB   . VAL A 1 55 ? 9.762   -6.572  7.460   1.00 49.13  ? 478 VAL A CB   1 
ATOM   786  C CG1  . VAL A 1 55 ? 10.472  -7.061  8.709   1.00 55.79  ? 478 VAL A CG1  1 
ATOM   787  C CG2  . VAL A 1 55 ? 9.099   -7.738  6.744   1.00 45.34  ? 478 VAL A CG2  1 
ATOM   788  N N    . LEU A 1 56 ? 9.319   -4.431  9.897   1.00 60.99  ? 479 LEU A N    1 
ATOM   789  C CA   . LEU A 1 56 ? 9.846   -3.394  10.770  1.00 63.95  ? 479 LEU A CA   1 
ATOM   790  C C    . LEU A 1 56 ? 11.060  -3.896  11.534  1.00 67.65  ? 479 LEU A C    1 
ATOM   791  O O    . LEU A 1 56 ? 10.976  -4.901  12.241  1.00 68.59  ? 479 LEU A O    1 
ATOM   792  C CB   . LEU A 1 56 ? 8.766   -2.932  11.749  1.00 55.20  ? 479 LEU A CB   1 
ATOM   793  C CG   . LEU A 1 56 ? 7.637   -2.134  11.098  1.00 58.03  ? 479 LEU A CG   1 
ATOM   794  C CD1  . LEU A 1 56 ? 6.489   -1.912  12.070  1.00 57.17  ? 479 LEU A CD1  1 
ATOM   795  C CD2  . LEU A 1 56 ? 8.189   -0.812  10.598  1.00 54.08  ? 479 LEU A CD2  1 
ATOM   796  N N    . ALA A 1 65 ? 4.440   -1.204  17.091  1.00 84.98  ? 488 ALA A N    1 
ATOM   797  C CA   . ALA A 1 65 ? 4.389   -0.659  15.739  1.00 82.08  ? 488 ALA A CA   1 
ATOM   798  C C    . ALA A 1 65 ? 3.417   0.512   15.649  1.00 82.01  ? 488 ALA A C    1 
ATOM   799  O O    . ALA A 1 65 ? 3.031   0.918   14.555  1.00 78.06  ? 488 ALA A O    1 
ATOM   800  C CB   . ALA A 1 65 ? 3.997   -1.744  14.747  1.00 78.73  ? 488 ALA A CB   1 
ATOM   801  N N    . ARG A 1 66 ? 3.038   1.059   16.800  1.00 81.76  ? 489 ARG A N    1 
ATOM   802  C CA   . ARG A 1 66 ? 2.005   2.090   16.863  1.00 78.24  ? 489 ARG A CA   1 
ATOM   803  C C    . ARG A 1 66 ? 2.336   3.321   16.021  1.00 77.23  ? 489 ARG A C    1 
ATOM   804  O O    . ARG A 1 66 ? 1.511   3.775   15.229  1.00 77.16  ? 489 ARG A O    1 
ATOM   805  C CB   . ARG A 1 66 ? 1.763   2.499   18.310  1.00 76.61  ? 489 ARG A CB   1 
ATOM   806  N N    . ASP A 1 67 ? 3.540   3.855   16.194  1.00 73.16  ? 490 ASP A N    1 
ATOM   807  C CA   . ASP A 1 67 ? 3.936   5.090   15.519  1.00 68.34  ? 490 ASP A CA   1 
ATOM   808  C C    . ASP A 1 67 ? 3.955   4.938   14.001  1.00 67.95  ? 490 ASP A C    1 
ATOM   809  O O    . ASP A 1 67 ? 3.805   5.918   13.273  1.00 61.79  ? 490 ASP A O    1 
ATOM   810  C CB   . ASP A 1 67 ? 5.313   5.548   16.009  1.00 72.41  ? 490 ASP A CB   1 
ATOM   811  C CG   . ASP A 1 67 ? 5.227   6.648   17.056  1.00 84.66  ? 490 ASP A CG   1 
ATOM   812  O OD1  . ASP A 1 67 ? 4.225   6.695   17.801  1.00 81.79  ? 490 ASP A OD1  1 
ATOM   813  O OD2  . ASP A 1 67 ? 6.168   7.466   17.134  1.00 91.30  ? 490 ASP A OD2  1 
ATOM   814  H H    . ASP A 1 67 ? 4.151   3.522   16.700  1.00 87.79  ? 490 ASP A H    1 
ATOM   815  H HA   . ASP A 1 67 ? 3.296   5.784   15.740  1.00 82.01  ? 490 ASP A HA   1 
ATOM   816  H HB2  . ASP A 1 67 ? 5.775   4.792   16.406  1.00 86.89  ? 490 ASP A HB2  1 
ATOM   817  H HB3  . ASP A 1 67 ? 5.820   5.889   15.256  1.00 86.89  ? 490 ASP A HB3  1 
ATOM   818  N N    . THR A 1 68 ? 4.136   3.712   13.525  1.00 69.36  ? 491 THR A N    1 
ATOM   819  C CA   . THR A 1 68 ? 4.187   3.456   12.091  1.00 67.48  ? 491 THR A CA   1 
ATOM   820  C C    . THR A 1 68 ? 2.799   3.476   11.463  1.00 61.03  ? 491 THR A C    1 
ATOM   821  O O    . THR A 1 68 ? 2.592   4.104   10.425  1.00 59.20  ? 491 THR A O    1 
ATOM   822  C CB   . THR A 1 68 ? 4.850   2.104   11.788  1.00 68.96  ? 491 THR A CB   1 
ATOM   823  O OG1  . THR A 1 68 ? 4.153   1.057   12.475  1.00 87.14  ? 491 THR A OG1  1 
ATOM   824  C CG2  . THR A 1 68 ? 6.294   2.127   12.228  1.00 62.42  ? 491 THR A CG2  1 
ATOM   825  H H    . THR A 1 68 ? 4.233   3.010   14.011  1.00 83.23  ? 491 THR A H    1 
ATOM   826  H HA   . THR A 1 68 ? 4.716   4.150   11.667  1.00 80.97  ? 491 THR A HA   1 
ATOM   827  H HB   . THR A 1 68 ? 4.823   1.938   10.833  1.00 82.75  ? 491 THR A HB   1 
ATOM   828  H HG1  . THR A 1 68 ? 4.174   1.194   13.304  1.00 104.57 ? 491 THR A HG1  1 
ATOM   829  H HG21 . THR A 1 68 ? 6.713   1.274   12.036  1.00 74.91  ? 491 THR A HG21 1 
ATOM   830  H HG22 . THR A 1 68 ? 6.773   2.827   11.756  1.00 74.91  ? 491 THR A HG22 1 
ATOM   831  H HG23 . THR A 1 68 ? 6.347   2.297   13.181  1.00 74.91  ? 491 THR A HG23 1 
ATOM   832  N N    . ILE A 1 69 ? 1.850   2.788   12.090  1.00 56.25  ? 492 ILE A N    1 
ATOM   833  C CA   . ILE A 1 69 ? 0.495   2.696   11.555  1.00 58.78  ? 492 ILE A CA   1 
ATOM   834  C C    . ILE A 1 69 ? -0.143  4.082   11.470  1.00 53.81  ? 492 ILE A C    1 
ATOM   835  O O    . ILE A 1 69 ? -0.752  4.427   10.459  1.00 48.43  ? 492 ILE A O    1 
ATOM   836  C CB   . ILE A 1 69 ? -0.389  1.751   12.411  1.00 54.07  ? 492 ILE A CB   1 
ATOM   837  C CG1  . ILE A 1 69 ? -0.181  0.292   11.998  1.00 51.03  ? 492 ILE A CG1  1 
ATOM   838  C CG2  . ILE A 1 69 ? -1.876  2.065   12.238  1.00 50.42  ? 492 ILE A CG2  1 
ATOM   839  C CD1  . ILE A 1 69 ? 1.239   -0.210  12.105  1.00 54.23  ? 492 ILE A CD1  1 
ATOM   840  H H    . ILE A 1 69 ? 1.965   2.364   12.830  1.00 67.50  ? 492 ILE A H    1 
ATOM   841  H HA   . ILE A 1 69 ? 0.537   2.332   10.657  1.00 70.53  ? 492 ILE A HA   1 
ATOM   842  H HB   . ILE A 1 69 ? -0.150  1.854   13.345  1.00 64.88  ? 492 ILE A HB   1 
ATOM   843  H HG12 . ILE A 1 69 ? -0.733  -0.269  12.564  1.00 61.23  ? 492 ILE A HG12 1 
ATOM   844  H HG13 . ILE A 1 69 ? -0.458  0.192   11.074  1.00 61.23  ? 492 ILE A HG13 1 
ATOM   845  H HG21 . ILE A 1 69 ? -2.394  1.456   12.788  1.00 60.50  ? 492 ILE A HG21 1 
ATOM   846  H HG22 . ILE A 1 69 ? -2.040  2.980   12.516  1.00 60.50  ? 492 ILE A HG22 1 
ATOM   847  H HG23 . ILE A 1 69 ? -2.116  1.955   11.305  1.00 60.50  ? 492 ILE A HG23 1 
ATOM   848  H HD11 . ILE A 1 69 ? 1.267   -1.138  11.824  1.00 65.08  ? 492 ILE A HD11 1 
ATOM   849  H HD12 . ILE A 1 69 ? 1.807   0.328   11.532  1.00 65.08  ? 492 ILE A HD12 1 
ATOM   850  H HD13 . ILE A 1 69 ? 1.531   -0.135  13.026  1.00 65.08  ? 492 ILE A HD13 1 
ATOM   851  N N    . THR A 1 70 ? -0.001  4.871   12.531  1.00 51.24  ? 493 THR A N    1 
ATOM   852  C CA   . THR A 1 70 ? -0.575  6.214   12.557  1.00 55.21  ? 493 THR A CA   1 
ATOM   853  C C    . THR A 1 70 ? 0.099   7.101   11.513  1.00 49.79  ? 493 THR A C    1 
ATOM   854  O O    . THR A 1 70 ? -0.542  7.956   10.902  1.00 49.25  ? 493 THR A O    1 
ATOM   855  C CB   . THR A 1 70 ? -0.447  6.867   13.954  1.00 66.81  ? 493 THR A CB   1 
ATOM   856  O OG1  . THR A 1 70 ? -1.063  8.160   13.940  1.00 68.54  ? 493 THR A OG1  1 
ATOM   857  C CG2  . THR A 1 70 ? 1.012   7.010   14.369  1.00 66.55  ? 493 THR A CG2  1 
ATOM   858  H H    . THR A 1 70 ? 0.422   4.655   13.247  1.00 61.49  ? 493 THR A H    1 
ATOM   859  H HA   . THR A 1 70 ? -1.519  6.157   12.338  1.00 66.25  ? 493 THR A HA   1 
ATOM   860  H HB   . THR A 1 70 ? -0.895  6.308   14.610  1.00 80.18  ? 493 THR A HB   1 
ATOM   861  H HG1  . THR A 1 70 ? -0.997  8.518   14.697  1.00 82.25  ? 493 THR A HG1  1 
ATOM   862  H HG21 . THR A 1 70 ? 1.068   7.420   15.246  1.00 79.86  ? 493 THR A HG21 1 
ATOM   863  H HG22 . THR A 1 70 ? 1.434   6.137   14.402  1.00 79.86  ? 493 THR A HG22 1 
ATOM   864  H HG23 . THR A 1 70 ? 1.485   7.565   13.731  1.00 79.86  ? 493 THR A HG23 1 
ATOM   865  N N    . TRP A 1 71 ? 1.394   6.885   11.310  1.00 48.89  ? 494 TRP A N    1 
ATOM   866  C CA   . TRP A 1 71 ? 2.150   7.625   10.307  1.00 46.73  ? 494 TRP A CA   1 
ATOM   867  C C    . TRP A 1 71 ? 1.634   7.302   8.906   1.00 51.44  ? 494 TRP A C    1 
ATOM   868  O O    . TRP A 1 71 ? 1.411   8.197   8.094   1.00 58.36  ? 494 TRP A O    1 
ATOM   869  C CB   . TRP A 1 71 ? 3.641   7.294   10.414  1.00 46.77  ? 494 TRP A CB   1 
ATOM   870  C CG   . TRP A 1 71 ? 4.509   8.069   9.472   1.00 44.97  ? 494 TRP A CG   1 
ATOM   871  C CD1  . TRP A 1 71 ? 5.219   9.198   9.756   1.00 46.50  ? 494 TRP A CD1  1 
ATOM   872  C CD2  . TRP A 1 71 ? 4.768   7.767   8.094   1.00 46.99  ? 494 TRP A CD2  1 
ATOM   873  N NE1  . TRP A 1 71 ? 5.902   9.620   8.642   1.00 44.18  ? 494 TRP A NE1  1 
ATOM   874  C CE2  . TRP A 1 71 ? 5.642   8.761   7.608   1.00 41.02  ? 494 TRP A CE2  1 
ATOM   875  C CE3  . TRP A 1 71 ? 4.344   6.757   7.225   1.00 46.81  ? 494 TRP A CE3  1 
ATOM   876  C CZ2  . TRP A 1 71 ? 6.100   8.774   6.293   1.00 37.95  ? 494 TRP A CZ2  1 
ATOM   877  C CZ3  . TRP A 1 71 ? 4.800   6.773   5.917   1.00 35.76  ? 494 TRP A CZ3  1 
ATOM   878  C CH2  . TRP A 1 71 ? 5.669   7.774   5.465   1.00 35.31  ? 494 TRP A CH2  1 
ATOM   879  H H    . TRP A 1 71 ? 1.863   6.310   11.745  1.00 58.66  ? 494 TRP A H    1 
ATOM   880  H HA   . TRP A 1 71 ? 2.038   8.576   10.459  1.00 56.08  ? 494 TRP A HA   1 
ATOM   881  H HB2  . TRP A 1 71 ? 3.938   7.488   11.317  1.00 56.12  ? 494 TRP A HB2  1 
ATOM   882  H HB3  . TRP A 1 71 ? 3.766   6.351   10.224  1.00 56.12  ? 494 TRP A HB3  1 
ATOM   883  H HD1  . TRP A 1 71 ? 5.238   9.620   10.584  1.00 55.80  ? 494 TRP A HD1  1 
ATOM   884  H HE1  . TRP A 1 71 ? 6.410   10.313  8.600   1.00 53.02  ? 494 TRP A HE1  1 
ATOM   885  H HE3  . TRP A 1 71 ? 3.767   6.090   7.518   1.00 56.18  ? 494 TRP A HE3  1 
ATOM   886  H HZ2  . TRP A 1 71 ? 6.676   9.437   5.989   1.00 45.54  ? 494 TRP A HZ2  1 
ATOM   887  H HZ3  . TRP A 1 71 ? 4.525   6.106   5.330   1.00 42.91  ? 494 TRP A HZ3  1 
ATOM   888  H HH2  . TRP A 1 71 ? 5.959   7.759   4.582   1.00 42.37  ? 494 TRP A HH2  1 
ATOM   889  N N    . MET A 1 72 ? 1.440   6.016   8.635   1.00 53.41  ? 495 MET A N    1 
ATOM   890  C CA   . MET A 1 72 ? 0.964   5.567   7.331   1.00 43.91  ? 495 MET A CA   1 
ATOM   891  C C    . MET A 1 72 ? -0.455  6.052   7.048   1.00 44.50  ? 495 MET A C    1 
ATOM   892  O O    . MET A 1 72 ? -0.753  6.515   5.946   1.00 37.30  ? 495 MET A O    1 
ATOM   893  C CB   . MET A 1 72 ? 1.016   4.042   7.246   1.00 41.76  ? 495 MET A CB   1 
ATOM   894  C CG   . MET A 1 72 ? 2.423   3.477   7.172   1.00 48.31  ? 495 MET A CG   1 
ATOM   895  S SD   . MET A 1 72 ? 2.439   1.686   6.998   1.00 58.86  ? 495 MET A SD   1 
ATOM   896  C CE   . MET A 1 72 ? 4.177   1.344   7.254   1.00 42.00  ? 495 MET A CE   1 
ATOM   897  H H    . MET A 1 72 ? 1.577   5.377   9.194   1.00 64.09  ? 495 MET A H    1 
ATOM   898  H HA   . MET A 1 72 ? 1.555   5.920   6.648   1.00 52.70  ? 495 MET A HA   1 
ATOM   899  H HB2  . MET A 1 72 ? 0.588   3.670   8.033   1.00 50.11  ? 495 MET A HB2  1 
ATOM   900  H HB3  . MET A 1 72 ? 0.542   3.758   6.449   1.00 50.11  ? 495 MET A HB3  1 
ATOM   901  H HG2  . MET A 1 72 ? 2.877   3.858   6.405   1.00 57.98  ? 495 MET A HG2  1 
ATOM   902  H HG3  . MET A 1 72 ? 2.898   3.705   7.987   1.00 57.98  ? 495 MET A HG3  1 
ATOM   903  H HE1  . MET A 1 72 ? 4.323   0.387   7.183   1.00 50.40  ? 495 MET A HE1  1 
ATOM   904  H HE2  . MET A 1 72 ? 4.693   1.808   6.576   1.00 50.40  ? 495 MET A HE2  1 
ATOM   905  H HE3  . MET A 1 72 ? 4.434   1.654   8.135   1.00 50.40  ? 495 MET A HE3  1 
ATOM   906  N N    . ARG A 1 73 ? -1.327  5.949   8.046   1.00 53.38  ? 496 ARG A N    1 
ATOM   907  C CA   . ARG A 1 73 ? -2.715  6.374   7.897   1.00 49.96  ? 496 ARG A CA   1 
ATOM   908  C C    . ARG A 1 73 ? -2.830  7.875   7.643   1.00 46.84  ? 496 ARG A C    1 
ATOM   909  O O    . ARG A 1 73 ? -3.871  8.360   7.200   1.00 45.03  ? 496 ARG A O    1 
ATOM   910  C CB   . ARG A 1 73 ? -3.519  5.992   9.141   1.00 47.00  ? 496 ARG A CB   1 
ATOM   911  C CG   . ARG A 1 73 ? -3.837  4.510   9.225   1.00 50.59  ? 496 ARG A CG   1 
ATOM   912  C CD   . ARG A 1 73 ? -4.436  4.136   10.569  1.00 51.45  ? 496 ARG A CD   1 
ATOM   913  N NE   . ARG A 1 73 ? -4.861  2.739   10.592  1.00 59.42  ? 496 ARG A NE   1 
ATOM   914  C CZ   . ARG A 1 73 ? -5.137  2.053   11.697  1.00 57.12  ? 496 ARG A CZ   1 
ATOM   915  N NH1  . ARG A 1 73 ? -5.030  2.625   12.889  1.00 55.78  ? 496 ARG A NH1  1 
ATOM   916  N NH2  . ARG A 1 73 ? -5.516  0.787   11.607  1.00 54.05  ? 496 ARG A NH2  1 
ATOM   917  H H    . ARG A 1 73 ? -1.137  5.635   8.823   1.00 64.06  ? 496 ARG A H    1 
ATOM   918  H HA   . ARG A 1 73 ? -3.105  5.913   7.137   1.00 59.95  ? 496 ARG A HA   1 
ATOM   919  H HB2  . ARG A 1 73 ? -3.008  6.231   9.930   1.00 56.39  ? 496 ARG A HB2  1 
ATOM   920  H HB3  . ARG A 1 73 ? -4.359  6.477   9.132   1.00 56.39  ? 496 ARG A HB3  1 
ATOM   921  H HG2  . ARG A 1 73 ? -4.479  4.283   8.534   1.00 60.71  ? 496 ARG A HG2  1 
ATOM   922  H HG3  . ARG A 1 73 ? -3.021  4.001   9.105   1.00 60.71  ? 496 ARG A HG3  1 
ATOM   923  H HD2  . ARG A 1 73 ? -3.771  4.263   11.263  1.00 61.74  ? 496 ARG A HD2  1 
ATOM   924  H HD3  . ARG A 1 73 ? -5.211  4.693   10.741  1.00 61.74  ? 496 ARG A HD3  1 
ATOM   925  H HE   . ARG A 1 73 ? -4.937  2.332   9.839   1.00 71.30  ? 496 ARG A HE   1 
ATOM   926  H HH11 . ARG A 1 73 ? -4.784  3.447   12.950  1.00 66.94  ? 496 ARG A HH11 1 
ATOM   927  H HH12 . ARG A 1 73 ? -5.209  2.176   13.599  1.00 66.94  ? 496 ARG A HH12 1 
ATOM   928  H HH21 . ARG A 1 73 ? -5.586  0.412   10.836  1.00 64.86  ? 496 ARG A HH21 1 
ATOM   929  H HH22 . ARG A 1 73 ? -5.695  0.339   12.320  1.00 64.86  ? 496 ARG A HH22 1 
ATOM   930  N N    . THR A 1 74 ? -1.752  8.602   7.924   1.00 42.41  ? 497 THR A N    1 
ATOM   931  C CA   . THR A 1 74 ? -1.716  10.046  7.735   1.00 47.63  ? 497 THR A CA   1 
ATOM   932  C C    . THR A 1 74 ? -1.098  10.425  6.392   1.00 46.14  ? 497 THR A C    1 
ATOM   933  O O    . THR A 1 74 ? -1.493  11.416  5.778   1.00 58.48  ? 497 THR A O    1 
ATOM   934  C CB   . THR A 1 74 ? -0.914  10.730  8.866   1.00 54.67  ? 497 THR A CB   1 
ATOM   935  O OG1  . THR A 1 74 ? -1.498  10.409  10.135  1.00 61.12  ? 497 THR A OG1  1 
ATOM   936  C CG2  . THR A 1 74 ? -0.896  12.244  8.691   1.00 46.85  ? 497 THR A CG2  1 
ATOM   937  H H    . THR A 1 74 ? -1.018  8.275   8.230   1.00 50.90  ? 497 THR A H    1 
ATOM   938  H HA   . THR A 1 74 ? -2.623  10.392  7.758   1.00 57.16  ? 497 THR A HA   1 
ATOM   939  H HB   . THR A 1 74 ? 0.002   10.411  8.847   1.00 65.60  ? 497 THR A HB   1 
ATOM   940  H HG1  . THR A 1 74 ? -1.487  9.577   10.254  1.00 73.34  ? 497 THR A HG1  1 
ATOM   941  H HG21 . THR A 1 74 ? -0.388  12.654  9.409   1.00 56.22  ? 497 THR A HG21 1 
ATOM   942  H HG22 . THR A 1 74 ? -0.485  12.474  7.843   1.00 56.22  ? 497 THR A HG22 1 
ATOM   943  H HG23 . THR A 1 74 ? -1.802  12.590  8.708   1.00 56.22  ? 497 THR A HG23 1 
ATOM   944  N N    . GLN A 1 75 ? -0.136  9.626   5.938   1.00 41.50  ? 498 GLN A N    1 
ATOM   945  C CA   . GLN A 1 75 ? 0.706   9.999   4.803   1.00 38.84  ? 498 GLN A CA   1 
ATOM   946  C C    . GLN A 1 75 ? 0.335   9.304   3.495   1.00 33.05  ? 498 GLN A C    1 
ATOM   947  O O    . GLN A 1 75 ? 0.482   9.881   2.420   1.00 36.77  ? 498 GLN A O    1 
ATOM   948  C CB   . GLN A 1 75 ? 2.170   9.698   5.134   1.00 44.19  ? 498 GLN A CB   1 
ATOM   949  C CG   . GLN A 1 75 ? 2.710   10.498  6.304   1.00 44.68  ? 498 GLN A CG   1 
ATOM   950  C CD   . GLN A 1 75 ? 2.728   11.987  6.034   1.00 56.25  ? 498 GLN A CD   1 
ATOM   951  O OE1  . GLN A 1 75 ? 3.018   12.423  4.919   1.00 41.36  ? 498 GLN A OE1  1 
ATOM   952  N NE2  . GLN A 1 75 ? 2.410   12.778  7.054   1.00 55.20  ? 498 GLN A NE2  1 
ATOM   953  H H    . GLN A 1 75 ? 0.052   8.857   6.274   1.00 49.81  ? 498 GLN A H    1 
ATOM   954  H HA   . GLN A 1 75 ? 0.626   10.955  4.660   1.00 46.61  ? 498 GLN A HA   1 
ATOM   955  H HB2  . GLN A 1 75 ? 2.254   8.757   5.353   1.00 53.03  ? 498 GLN A HB2  1 
ATOM   956  H HB3  . GLN A 1 75 ? 2.714   9.904   4.357   1.00 53.03  ? 498 GLN A HB3  1 
ATOM   957  H HG2  . GLN A 1 75 ? 2.150   10.341  7.081   1.00 53.62  ? 498 GLN A HG2  1 
ATOM   958  H HG3  . GLN A 1 75 ? 3.619   10.215  6.488   1.00 53.62  ? 498 GLN A HG3  1 
ATOM   959  H HE21 . GLN A 1 75 ? 2.209   12.435  7.816   1.00 66.24  ? 498 GLN A HE21 1 
ATOM   960  H HE22 . GLN A 1 75 ? 2.405   13.631  6.950   1.00 66.24  ? 498 GLN A HE22 1 
ATOM   961  N N    . LEU A 1 76 ? -0.137  8.065   3.585   1.00 30.89  ? 499 LEU A N    1 
ATOM   962  C CA   . LEU A 1 76 ? -0.398  7.265   2.392   1.00 35.47  ? 499 LEU A CA   1 
ATOM   963  C C    . LEU A 1 76 ? -1.640  7.694   1.601   1.00 26.40  ? 499 LEU A C    1 
ATOM   964  O O    . LEU A 1 76 ? -1.672  7.525   0.380   1.00 26.74  ? 499 LEU A O    1 
ATOM   965  C CB   . LEU A 1 76 ? -0.522  5.788   2.771   1.00 35.34  ? 499 LEU A CB   1 
ATOM   966  C CG   . LEU A 1 76 ? 0.707   5.159   3.440   1.00 33.59  ? 499 LEU A CG   1 
ATOM   967  C CD1  . LEU A 1 76 ? 0.494   3.666   3.631   1.00 29.61  ? 499 LEU A CD1  1 
ATOM   968  C CD2  . LEU A 1 76 ? 1.987   5.416   2.656   1.00 27.45  ? 499 LEU A CD2  1 
ATOM   969  H H    . LEU A 1 76 ? -0.315  7.664   4.325   1.00 37.07  ? 499 LEU A H    1 
ATOM   970  H HA   . LEU A 1 76 ? 0.365   7.348   1.798   1.00 42.56  ? 499 LEU A HA   1 
ATOM   971  H HB2  . LEU A 1 76 ? -1.267  5.694   3.387   1.00 42.41  ? 499 LEU A HB2  1 
ATOM   972  H HB3  . LEU A 1 76 ? -0.704  5.280   1.966   1.00 42.41  ? 499 LEU A HB3  1 
ATOM   973  H HG   . LEU A 1 76 ? 0.817   5.554   4.319   1.00 40.31  ? 499 LEU A HG   1 
ATOM   974  H HD11 . LEU A 1 76 ? 1.281   3.287   4.055   1.00 35.53  ? 499 LEU A HD11 1 
ATOM   975  H HD12 . LEU A 1 76 ? -0.284  3.527   4.195   1.00 35.53  ? 499 LEU A HD12 1 
ATOM   976  H HD13 . LEU A 1 76 ? 0.355   3.254   2.764   1.00 35.53  ? 499 LEU A HD13 1 
ATOM   977  H HD21 . LEU A 1 76 ? 2.730   4.999   3.120   1.00 32.94  ? 499 LEU A HD21 1 
ATOM   978  H HD22 . LEU A 1 76 ? 1.894   5.035   1.769   1.00 32.94  ? 499 LEU A HD22 1 
ATOM   979  H HD23 . LEU A 1 76 ? 2.132   6.373   2.592   1.00 32.94  ? 499 LEU A HD23 1 
ATOM   980  N N    . PRO A 1 77 ? -2.672  8.231   2.278   1.00 28.72  ? 500 PRO A N    1 
ATOM   981  C CA   . PRO A 1 77 ? -3.835  8.691   1.507   1.00 32.53  ? 500 PRO A CA   1 
ATOM   982  C C    . PRO A 1 77 ? -3.493  9.758   0.467   1.00 25.49  ? 500 PRO A C    1 
ATOM   983  O O    . PRO A 1 77 ? -4.085  9.743   -0.614  1.00 23.18  ? 500 PRO A O    1 
ATOM   984  C CB   . PRO A 1 77 ? -4.766  9.259   2.582   1.00 31.24  ? 500 PRO A CB   1 
ATOM   985  C CG   . PRO A 1 77 ? -4.412  8.513   3.809   1.00 33.62  ? 500 PRO A CG   1 
ATOM   986  C CD   . PRO A 1 77 ? -2.932  8.279   3.728   1.00 32.42  ? 500 PRO A CD   1 
ATOM   987  H HA   . PRO A 1 77 ? -4.267  7.942   1.069   1.00 39.04  ? 500 PRO A HA   1 
ATOM   988  H HB2  . PRO A 1 77 ? -4.598  10.209  2.694   1.00 37.49  ? 500 PRO A HB2  1 
ATOM   989  H HB3  . PRO A 1 77 ? -5.690  9.099   2.334   1.00 37.49  ? 500 PRO A HB3  1 
ATOM   990  H HG2  . PRO A 1 77 ? -4.631  9.048   4.589   1.00 40.35  ? 500 PRO A HG2  1 
ATOM   991  H HG3  . PRO A 1 77 ? -4.892  7.670   3.827   1.00 40.35  ? 500 PRO A HG3  1 
ATOM   992  H HD2  . PRO A 1 77 ? -2.450  9.015   4.134   1.00 38.91  ? 500 PRO A HD2  1 
ATOM   993  H HD3  . PRO A 1 77 ? -2.701  7.432   4.141   1.00 38.91  ? 500 PRO A HD3  1 
ATOM   994  N N    . ARG A 1 78 ? -2.566  10.661  0.780   1.00 33.92  ? 501 ARG A N    1 
ATOM   995  C CA   . ARG A 1 78 ? -2.130  11.669  -0.187  1.00 27.31  ? 501 ARG A CA   1 
ATOM   996  C C    . ARG A 1 78 ? -1.634  10.988  -1.451  1.00 24.48  ? 501 ARG A C    1 
ATOM   997  O O    . ARG A 1 78 ? -1.928  11.412  -2.568  1.00 30.34  ? 501 ARG A O    1 
ATOM   998  C CB   . ARG A 1 78 ? -0.999  12.546  0.358   1.00 38.48  ? 501 ARG A CB   1 
ATOM   999  C CG   . ARG A 1 78 ? -1.056  12.927  1.826   1.00 60.78  ? 501 ARG A CG   1 
ATOM   1000 C CD   . ARG A 1 78 ? 0.094   13.884  2.117   1.00 62.51  ? 501 ARG A CD   1 
ATOM   1001 N NE   . ARG A 1 78 ? 0.457   13.971  3.528   1.00 60.56  ? 501 ARG A NE   1 
ATOM   1002 C CZ   . ARG A 1 78 ? -0.291  14.544  4.466   1.00 57.29  ? 501 ARG A CZ   1 
ATOM   1003 N NH1  . ARG A 1 78 ? -1.470  15.067  4.157   1.00 55.25  ? 501 ARG A NH1  1 
ATOM   1004 N NH2  . ARG A 1 78 ? 0.136   14.582  5.720   1.00 77.65  ? 501 ARG A NH2  1 
ATOM   1005 H H    . ARG A 1 78 ? -2.174  10.712  1.544   1.00 40.71  ? 501 ARG A H    1 
ATOM   1006 H HA   . ARG A 1 78 ? -2.879  12.241  -0.420  1.00 32.77  ? 501 ARG A HA   1 
ATOM   1007 H HB2  . ARG A 1 78 ? -0.162  12.075  0.218   1.00 46.17  ? 501 ARG A HB2  1 
ATOM   1008 H HB3  . ARG A 1 78 ? -0.988  13.372  -0.151  1.00 46.17  ? 501 ARG A HB3  1 
ATOM   1009 H HG2  . ARG A 1 78 ? -1.895  13.375  2.018   1.00 72.94  ? 501 ARG A HG2  1 
ATOM   1010 H HG3  . ARG A 1 78 ? -0.952  12.135  2.377   1.00 72.94  ? 501 ARG A HG3  1 
ATOM   1011 H HD2  . ARG A 1 78 ? 0.878   13.588  1.628   1.00 75.01  ? 501 ARG A HD2  1 
ATOM   1012 H HD3  . ARG A 1 78 ? -0.159  14.773  1.822   1.00 75.01  ? 501 ARG A HD3  1 
ATOM   1013 H HE   . ARG A 1 78 ? 1.207   13.627  3.770   1.00 72.67  ? 501 ARG A HE   1 
ATOM   1014 H HH11 . ARG A 1 78 ? -1.749  15.047  3.343   1.00 66.30  ? 501 ARG A HH11 1 
ATOM   1015 H HH12 . ARG A 1 78 ? -1.952  15.433  4.767   1.00 66.30  ? 501 ARG A HH12 1 
ATOM   1016 H HH21 . ARG A 1 78 ? 0.897   14.239  5.926   1.00 93.18  ? 501 ARG A HH21 1 
ATOM   1017 H HH22 . ARG A 1 78 ? -0.351  14.945  6.329   1.00 93.18  ? 501 ARG A HH22 1 
ATOM   1018 N N    . VAL A 1 79 ? -0.867  9.925   -1.241  1.00 24.03  ? 502 VAL A N    1 
ATOM   1019 C CA   . VAL A 1 79 ? -0.166  9.224   -2.306  1.00 27.85  ? 502 VAL A CA   1 
ATOM   1020 C C    . VAL A 1 79 ? -1.104  8.338   -3.118  1.00 22.92  ? 502 VAL A C    1 
ATOM   1021 O O    . VAL A 1 79 ? -0.889  8.121   -4.307  1.00 28.09  ? 502 VAL A O    1 
ATOM   1022 C CB   . VAL A 1 79 ? 0.977   8.362   -1.715  1.00 23.83  ? 502 VAL A CB   1 
ATOM   1023 C CG1  . VAL A 1 79 ? 1.703   7.583   -2.799  1.00 28.57  ? 502 VAL A CG1  1 
ATOM   1024 C CG2  . VAL A 1 79 ? 1.953   9.241   -0.949  1.00 28.00  ? 502 VAL A CG2  1 
ATOM   1025 H H    . VAL A 1 79 ? -0.733  9.581   -0.464  1.00 28.84  ? 502 VAL A H    1 
ATOM   1026 H HA   . VAL A 1 79 ? 0.228   9.875   -2.908  1.00 33.41  ? 502 VAL A HA   1 
ATOM   1027 H HB   . VAL A 1 79 ? 0.598   7.723   -1.092  1.00 28.60  ? 502 VAL A HB   1 
ATOM   1028 H HG11 . VAL A 1 79 ? 2.409   7.058   -2.391  1.00 34.28  ? 502 VAL A HG11 1 
ATOM   1029 H HG12 . VAL A 1 79 ? 1.070   6.998   -3.245  1.00 34.28  ? 502 VAL A HG12 1 
ATOM   1030 H HG13 . VAL A 1 79 ? 2.082   8.208   -3.437  1.00 34.28  ? 502 VAL A HG13 1 
ATOM   1031 H HG21 . VAL A 1 79 ? 2.660   8.685   -0.587  1.00 33.60  ? 502 VAL A HG21 1 
ATOM   1032 H HG22 . VAL A 1 79 ? 2.326   9.900   -1.554  1.00 33.60  ? 502 VAL A HG22 1 
ATOM   1033 H HG23 . VAL A 1 79 ? 1.478   9.684   -0.228  1.00 33.60  ? 502 VAL A HG23 1 
ATOM   1034 N N    . ALA A 1 80 ? -2.149  7.831   -2.470  1.00 28.99  ? 503 ALA A N    1 
ATOM   1035 C CA   . ALA A 1 80 ? -3.034  6.856   -3.098  1.00 25.46  ? 503 ALA A CA   1 
ATOM   1036 C C    . ALA A 1 80 ? -4.029  7.522   -4.045  1.00 17.25  ? 503 ALA A C    1 
ATOM   1037 O O    . ALA A 1 80 ? -4.446  6.926   -5.038  1.00 20.72  ? 503 ALA A O    1 
ATOM   1038 C CB   . ALA A 1 80 ? -3.767  6.063   -2.037  1.00 19.33  ? 503 ALA A CB   1 
ATOM   1039 H H    . ALA A 1 80 ? -2.367  8.036   -1.664  1.00 34.79  ? 503 ALA A H    1 
ATOM   1040 H HA   . ALA A 1 80 ? -2.500  6.235   -3.617  1.00 30.56  ? 503 ALA A HA   1 
ATOM   1041 H HB1  . ALA A 1 80 ? -4.350  5.421   -2.470  1.00 23.19  ? 503 ALA A HB1  1 
ATOM   1042 H HB2  . ALA A 1 80 ? -3.117  5.601   -1.484  1.00 23.19  ? 503 ALA A HB2  1 
ATOM   1043 H HB3  . ALA A 1 80 ? -4.290  6.673   -1.494  1.00 23.19  ? 503 ALA A HB3  1 
ATOM   1044 N N    . GLY A 1 81 ? -4.406  8.758   -3.738  1.00 23.69  ? 504 GLY A N    1 
ATOM   1045 C CA   . GLY A 1 81 ? -5.347  9.490   -4.568  1.00 22.67  ? 504 GLY A CA   1 
ATOM   1046 C C    . GLY A 1 81 ? -6.745  8.913   -4.467  1.00 21.85  ? 504 GLY A C    1 
ATOM   1047 O O    . GLY A 1 81 ? -7.311  8.832   -3.378  1.00 22.11  ? 504 GLY A O    1 
ATOM   1048 H H    . GLY A 1 81 ? -4.129  9.195   -3.051  1.00 28.43  ? 504 GLY A H    1 
ATOM   1049 H HA2  . GLY A 1 81 ? -5.373  10.418  -4.289  1.00 27.20  ? 504 GLY A HA2  1 
ATOM   1050 H HA3  . GLY A 1 81 ? -5.062  9.451   -5.495  1.00 27.20  ? 504 GLY A HA3  1 
ATOM   1051 N N    . ALA A 1 82 ? -7.300  8.506   -5.604  1.00 23.69  ? 505 ALA A N    1 
ATOM   1052 C CA   . ALA A 1 82 ? -8.670  8.002   -5.648  1.00 26.60  ? 505 ALA A CA   1 
ATOM   1053 C C    . ALA A 1 82 ? -8.763  6.575   -5.112  1.00 17.76  ? 505 ALA A C    1 
ATOM   1054 O O    . ALA A 1 82 ? -9.834  6.128   -4.702  1.00 22.32  ? 505 ALA A O    1 
ATOM   1055 C CB   . ALA A 1 82 ? -9.207  8.067   -7.067  1.00 20.55  ? 505 ALA A CB   1 
ATOM   1056 H H    . ALA A 1 82 ? -6.904  8.510   -6.367  1.00 28.42  ? 505 ALA A H    1 
ATOM   1057 H HA   . ALA A 1 82 ? -9.229  8.567   -5.091  1.00 31.92  ? 505 ALA A HA   1 
ATOM   1058 H HB1  . ALA A 1 82 ? -10.116 7.730   -7.076  1.00 24.66  ? 505 ALA A HB1  1 
ATOM   1059 H HB2  . ALA A 1 82 ? -9.194  8.989   -7.368  1.00 24.66  ? 505 ALA A HB2  1 
ATOM   1060 H HB3  . ALA A 1 82 ? -8.646  7.523   -7.641  1.00 24.66  ? 505 ALA A HB3  1 
ATOM   1061 N N    . ALA A 1 83 ? -7.642  5.862   -5.114  1.00 19.40  ? 506 ALA A N    1 
ATOM   1062 C CA   . ALA A 1 83 ? -7.617  4.490   -4.620  1.00 18.78  ? 506 ALA A CA   1 
ATOM   1063 C C    . ALA A 1 83 ? -7.844  4.467   -3.113  1.00 28.03  ? 506 ALA A C    1 
ATOM   1064 O O    . ALA A 1 83 ? -7.479  5.406   -2.406  1.00 28.75  ? 506 ALA A O    1 
ATOM   1065 C CB   . ALA A 1 83 ? -6.303  3.816   -4.973  1.00 18.42  ? 506 ALA A CB   1 
ATOM   1066 H H    . ALA A 1 83 ? -6.882  6.149   -5.397  1.00 23.27  ? 506 ALA A H    1 
ATOM   1067 H HA   . ALA A 1 83 ? -8.335  3.990   -5.041  1.00 22.54  ? 506 ALA A HA   1 
ATOM   1068 H HB1  . ALA A 1 83 ? -6.314  2.907   -4.633  1.00 22.10  ? 506 ALA A HB1  1 
ATOM   1069 H HB2  . ALA A 1 83 ? -6.201  3.808   -5.938  1.00 22.10  ? 506 ALA A HB2  1 
ATOM   1070 H HB3  . ALA A 1 83 ? -5.576  4.313   -4.567  1.00 22.10  ? 506 ALA A HB3  1 
ATOM   1071 N N    . GLN A 1 84 ? -8.455  3.389   -2.631  1.00 33.04  ? 507 GLN A N    1 
ATOM   1072 C CA   . GLN A 1 84 ? -8.746  3.235   -1.212  1.00 31.91  ? 507 GLN A CA   1 
ATOM   1073 C C    . GLN A 1 84 ? -7.592  2.525   -0.513  1.00 31.70  ? 507 GLN A C    1 
ATOM   1074 O O    . GLN A 1 84 ? -7.109  1.503   -0.995  1.00 29.28  ? 507 GLN A O    1 
ATOM   1075 C CB   . GLN A 1 84 ? -10.049 2.455   -1.023  1.00 32.26  ? 507 GLN A CB   1 
ATOM   1076 C CG   . GLN A 1 84 ? -10.709 2.648   0.330   1.00 41.25  ? 507 GLN A CG   1 
ATOM   1077 C CD   . GLN A 1 84 ? -12.083 2.008   0.397   1.00 61.72  ? 507 GLN A CD   1 
ATOM   1078 O OE1  . GLN A 1 84 ? -12.554 1.419   -0.577  1.00 64.11  ? 507 GLN A OE1  1 
ATOM   1079 N NE2  . GLN A 1 84 ? -12.734 2.122   1.549   1.00 65.67  ? 507 GLN A NE2  1 
ATOM   1080 H H    . GLN A 1 84 ? -8.714  2.726   -3.112  1.00 39.65  ? 507 GLN A H    1 
ATOM   1081 H HA   . GLN A 1 84 ? -8.854  4.111   -0.809  1.00 38.29  ? 507 GLN A HA   1 
ATOM   1082 H HB2  . GLN A 1 84 ? -10.681 2.738   -1.702  1.00 38.71  ? 507 GLN A HB2  1 
ATOM   1083 H HB3  . GLN A 1 84 ? -9.861  1.509   -1.126  1.00 38.71  ? 507 GLN A HB3  1 
ATOM   1084 H HG2  . GLN A 1 84 ? -10.154 2.243   1.014   1.00 49.50  ? 507 GLN A HG2  1 
ATOM   1085 H HG3  . GLN A 1 84 ? -10.810 3.597   0.500   1.00 49.50  ? 507 GLN A HG3  1 
ATOM   1086 H HE21 . GLN A 1 84 ? -12.373 2.541   2.207   1.00 78.80  ? 507 GLN A HE21 1 
ATOM   1087 H HE22 . GLN A 1 84 ? -13.516 1.776   1.637   1.00 78.80  ? 507 GLN A HE22 1 
ATOM   1088 N N    . VAL A 1 85 ? -7.151  3.075   0.615   1.00 22.43  ? 508 VAL A N    1 
ATOM   1089 C CA   . VAL A 1 85 ? -6.056  2.492   1.387   1.00 24.27  ? 508 VAL A CA   1 
ATOM   1090 C C    . VAL A 1 85 ? -6.497  2.211   2.820   1.00 26.26  ? 508 VAL A C    1 
ATOM   1091 O O    . VAL A 1 85 ? -7.262  2.974   3.407   1.00 34.92  ? 508 VAL A O    1 
ATOM   1092 C CB   . VAL A 1 85 ? -4.818  3.423   1.404   1.00 44.48  ? 508 VAL A CB   1 
ATOM   1093 C CG1  . VAL A 1 85 ? -3.734  2.887   2.341   1.00 50.00  ? 508 VAL A CG1  1 
ATOM   1094 C CG2  . VAL A 1 85 ? -4.259  3.582   0.009   1.00 40.12  ? 508 VAL A CG2  1 
ATOM   1095 H H    . VAL A 1 85 ? -7.473  3.795   0.959   1.00 26.91  ? 508 VAL A H    1 
ATOM   1096 H HA   . VAL A 1 85 ? -5.794  1.651   0.981   1.00 29.12  ? 508 VAL A HA   1 
ATOM   1097 H HB   . VAL A 1 85 ? -5.085  4.299   1.723   1.00 53.37  ? 508 VAL A HB   1 
ATOM   1098 H HG11 . VAL A 1 85 ? -2.976  3.492   2.327   1.00 60.00  ? 508 VAL A HG11 1 
ATOM   1099 H HG12 . VAL A 1 85 ? -4.094  2.829   3.240   1.00 60.00  ? 508 VAL A HG12 1 
ATOM   1100 H HG13 . VAL A 1 85 ? -3.460  2.007   2.036   1.00 60.00  ? 508 VAL A HG13 1 
ATOM   1101 H HG21 . VAL A 1 85 ? -3.486  4.166   0.044   1.00 48.14  ? 508 VAL A HG21 1 
ATOM   1102 H HG22 . VAL A 1 85 ? -3.999  2.710   -0.327  1.00 48.14  ? 508 VAL A HG22 1 
ATOM   1103 H HG23 . VAL A 1 85 ? -4.941  3.968   -0.562  1.00 48.14  ? 508 VAL A HG23 1 
ATOM   1104 N N    . ASP A 1 86 ? -6.003  1.107   3.373   1.00 33.40  ? 509 ASP A N    1 
ATOM   1105 C CA   . ASP A 1 86 ? -6.272  0.740   4.756   1.00 23.18  ? 509 ASP A CA   1 
ATOM   1106 C C    . ASP A 1 86 ? -5.048  0.081   5.374   1.00 22.89  ? 509 ASP A C    1 
ATOM   1107 O O    . ASP A 1 86 ? -4.450  -0.814  4.777   1.00 33.84  ? 509 ASP A O    1 
ATOM   1108 C CB   . ASP A 1 86 ? -7.474  -0.201  4.845   1.00 24.19  ? 509 ASP A CB   1 
ATOM   1109 C CG   . ASP A 1 86 ? -8.786  0.499   4.551   1.00 45.74  ? 509 ASP A CG   1 
ATOM   1110 O OD1  . ASP A 1 86 ? -9.396  1.038   5.498   1.00 48.57  ? 509 ASP A OD1  1 
ATOM   1111 O OD2  . ASP A 1 86 ? -9.207  0.509   3.374   1.00 46.92  ? 509 ASP A OD2  1 
ATOM   1112 H H    . ASP A 1 86 ? -5.501  0.547   2.958   1.00 40.08  ? 509 ASP A H    1 
ATOM   1113 H HA   . ASP A 1 86 ? -6.475  1.541   5.265   1.00 27.81  ? 509 ASP A HA   1 
ATOM   1114 H HB2  . ASP A 1 86 ? -7.364  -0.916  4.199   1.00 29.03  ? 509 ASP A HB2  1 
ATOM   1115 H HB3  . ASP A 1 86 ? -7.524  -0.567  5.741   1.00 29.03  ? 509 ASP A HB3  1 
ATOM   1116 N N    . VAL A 1 87 ? -4.681  0.534   6.569   1.00 32.67  ? 510 VAL A N    1 
ATOM   1117 C CA   . VAL A 1 87 ? -3.555  -0.032  7.302   1.00 31.87  ? 510 VAL A CA   1 
ATOM   1118 C C    . VAL A 1 87 ? -4.059  -0.950  8.414   1.00 41.87  ? 510 VAL A C    1 
ATOM   1119 O O    . VAL A 1 87 ? -4.914  -0.565  9.211   1.00 44.57  ? 510 VAL A O    1 
ATOM   1120 C CB   . VAL A 1 87 ? -2.663  1.070   7.912   1.00 36.51  ? 510 VAL A CB   1 
ATOM   1121 C CG1  . VAL A 1 87 ? -1.438  0.457   8.578   1.00 30.58  ? 510 VAL A CG1  1 
ATOM   1122 C CG2  . VAL A 1 87 ? -2.242  2.069   6.845   1.00 25.54  ? 510 VAL A CG2  1 
ATOM   1123 H H    . VAL A 1 87 ? -5.074  1.178   6.981   1.00 39.21  ? 510 VAL A H    1 
ATOM   1124 H HA   . VAL A 1 87 ? -3.012  -0.560  6.695   1.00 38.24  ? 510 VAL A HA   1 
ATOM   1125 H HB   . VAL A 1 87 ? -3.168  1.547   8.590   1.00 43.81  ? 510 VAL A HB   1 
ATOM   1126 H HG11 . VAL A 1 87 ? -0.895  1.167   8.953   1.00 36.70  ? 510 VAL A HG11 1 
ATOM   1127 H HG12 . VAL A 1 87 ? -1.730  -0.145  9.281   1.00 36.70  ? 510 VAL A HG12 1 
ATOM   1128 H HG13 . VAL A 1 87 ? -0.930  -0.034  7.913   1.00 36.70  ? 510 VAL A HG13 1 
ATOM   1129 H HG21 . VAL A 1 87 ? -1.684  2.750   7.252   1.00 30.64  ? 510 VAL A HG21 1 
ATOM   1130 H HG22 . VAL A 1 87 ? -1.745  1.602   6.155   1.00 30.64  ? 510 VAL A HG22 1 
ATOM   1131 H HG23 . VAL A 1 87 ? -3.035  2.476   6.463   1.00 30.64  ? 510 VAL A HG23 1 
ATOM   1132 N N    . GLY A 1 88 ? -3.524  -2.164  8.461   1.00 43.94  ? 511 GLY A N    1 
ATOM   1133 C CA   . GLY A 1 88 ? -3.890  -3.116  9.493   1.00 37.99  ? 511 GLY A CA   1 
ATOM   1134 C C    . GLY A 1 88 ? -3.302  -2.740  10.839  1.00 42.00  ? 511 GLY A C    1 
ATOM   1135 O O    . GLY A 1 88 ? -3.820  -3.129  11.887  1.00 49.22  ? 511 GLY A O    1 
ATOM   1136 H H    . GLY A 1 88 ? -2.941  -2.461  7.902   1.00 52.73  ? 511 GLY A H    1 
ATOM   1137 H HA2  . GLY A 1 88 ? -4.856  -3.150  9.576   1.00 45.59  ? 511 GLY A HA2  1 
ATOM   1138 H HA3  . GLY A 1 88 ? -3.569  -3.998  9.250   1.00 45.59  ? 511 GLY A HA3  1 
HETATM 1139 I I    . IOD B 2 .  ? 10.450  0.392   -2.438  0.55 52.67  ? 601 IOD A I    1 
HETATM 1140 I I    . IOD C 2 .  ? -9.371  3.991   -8.347  1.00 23.81  ? 602 IOD A I    1 
HETATM 1141 I I    . IOD D 2 .  ? 2.604   11.682  11.246  0.52 84.62  ? 603 IOD A I    1 
HETATM 1142 I I    . IOD E 2 .  ? -5.505  13.157  1.969   0.56 78.02  ? 604 IOD A I    1 
HETATM 1143 I I    . IOD F 2 .  ? 7.749   5.989   -7.031  0.25 37.74  ? 605 IOD A I    1 
HETATM 1144 I I    . IOD G 2 .  ? 12.850  -3.802  -5.526  0.32 45.50  ? 606 IOD A I    1 
HETATM 1145 I I    . IOD H 2 .  ? 5.579   -1.959  -6.977  0.31 32.34  ? 607 IOD A I    1 
HETATM 1146 I I    . IOD I 2 .  ? 8.446   -0.056  -7.807  0.30 42.77  ? 608 IOD A I    1 
HETATM 1147 I I    . IOD J 2 .  ? 11.088  -2.337  -8.423  0.33 67.94  ? 609 IOD A I    1 
HETATM 1148 S S    . SO4 K 3 .  ? -14.196 -3.917  -9.186  0.33 41.15  ? 610 SO4 A S    1 
HETATM 1149 O O1   . SO4 K 3 .  ? -13.247 -4.162  -8.102  0.33 29.65  ? 610 SO4 A O1   1 
HETATM 1150 O O2   . SO4 K 3 .  ? -13.493 -3.979  -10.466 0.33 29.63  ? 610 SO4 A O2   1 
HETATM 1151 O O3   . SO4 K 3 .  ? -15.251 -4.927  -9.152  0.33 29.06  ? 610 SO4 A O3   1 
HETATM 1152 O O4   . SO4 K 3 .  ? -14.792 -2.593  -9.031  0.33 29.42  ? 610 SO4 A O4   1 
HETATM 1153 O O    . HOH L 4 .  ? -10.829 -3.090  -9.225  1.00 26.89  ? 701 HOH A O    1 
HETATM 1154 O O    . HOH L 4 .  ? -4.503  4.154   -10.199 1.00 11.52  ? 702 HOH A O    1 
HETATM 1155 O O    . HOH L 4 .  ? -9.790  2.095   -10.915 1.00 39.05  ? 703 HOH A O    1 
HETATM 1156 O O    . HOH L 4 .  ? -0.853  4.342   -11.685 1.00 11.36  ? 704 HOH A O    1 
HETATM 1157 O O    . HOH L 4 .  ? 5.662   5.256   -13.948 1.00 23.26  ? 705 HOH A O    1 
HETATM 1158 O O    . HOH L 4 .  ? -2.742  7.548   -8.191  1.00 30.57  ? 706 HOH A O    1 
HETATM 1159 O O    . HOH L 4 .  ? -4.135  2.541   -21.145 1.00 33.83  ? 707 HOH A O    1 
HETATM 1160 O O    . HOH L 4 .  ? 7.969   4.270   -9.944  1.00 29.11  ? 708 HOH A O    1 
HETATM 1161 O O    . HOH L 4 .  ? -5.958  5.126   -8.264  1.00 18.18  ? 709 HOH A O    1 
HETATM 1162 O O    . HOH L 4 .  ? -0.975  -2.518  -10.917 1.00 15.57  ? 710 HOH A O    1 
HETATM 1163 O O    . HOH L 4 .  ? 8.179   1.623   -5.046  1.00 70.38  ? 711 HOH A O    1 
HETATM 1164 O O    . HOH L 4 .  ? 3.169   -7.492  -0.185  1.00 30.25  ? 712 HOH A O    1 
HETATM 1165 O O    . HOH L 4 .  ? -7.743  -0.503  1.546   1.00 40.90  ? 713 HOH A O    1 
HETATM 1166 O O    . HOH L 4 .  ? 13.743  4.331   15.062  1.00 61.30  ? 714 HOH A O    1 
HETATM 1167 O O    . HOH L 4 .  ? -6.517  -14.060 -2.194  1.00 35.64  ? 715 HOH A O    1 
HETATM 1168 O O    . HOH L 4 .  ? 12.118  -2.082  -0.027  1.00 46.80  ? 716 HOH A O    1 
# 
loop_
_atom_site_anisotrop.id 
_atom_site_anisotrop.type_symbol 
_atom_site_anisotrop.pdbx_label_atom_id 
_atom_site_anisotrop.pdbx_label_alt_id 
_atom_site_anisotrop.pdbx_label_comp_id 
_atom_site_anisotrop.pdbx_label_asym_id 
_atom_site_anisotrop.pdbx_label_seq_id 
_atom_site_anisotrop.pdbx_PDB_ins_code 
_atom_site_anisotrop.U[1][1] 
_atom_site_anisotrop.U[2][2] 
_atom_site_anisotrop.U[3][3] 
_atom_site_anisotrop.U[1][2] 
_atom_site_anisotrop.U[1][3] 
_atom_site_anisotrop.U[2][3] 
_atom_site_anisotrop.pdbx_auth_seq_id 
_atom_site_anisotrop.pdbx_auth_comp_id 
_atom_site_anisotrop.pdbx_auth_asym_id 
_atom_site_anisotrop.pdbx_auth_atom_id 
1    N N   . PRO A 1  ? 1.0848 0.7298 0.5675 0.0700  -0.2125 0.0778  424 PRO A N   
2    C CA  . PRO A 1  ? 1.0012 0.6747 0.5375 0.0676  -0.2012 0.0698  424 PRO A CA  
3    C C   . PRO A 1  ? 0.9361 0.6247 0.4604 0.0586  -0.1707 0.0715  424 PRO A C   
4    O O   . PRO A 1  ? 1.0057 0.6902 0.5095 0.0484  -0.1497 0.0887  424 PRO A O   
5    C CB  . PRO A 1  ? 0.9770 0.6395 0.5333 0.0653  -0.2028 0.0823  424 PRO A CB  
6    C CG  . PRO A 1  ? 1.0210 0.6541 0.5537 0.0735  -0.2270 0.0876  424 PRO A CG  
7    C CD  . PRO A 1  ? 1.1313 0.7494 0.6068 0.0723  -0.2271 0.0917  424 PRO A CD  
15   N N   . VAL A 2  ? 0.8741 0.5812 0.4120 0.0624  -0.1683 0.0537  425 VAL A N   
16   C CA  . VAL A 2  ? 0.8234 0.5450 0.3502 0.0585  -0.1403 0.0516  425 VAL A CA  
17   C C   . VAL A 2  ? 0.7805 0.5219 0.3480 0.0533  -0.1256 0.0567  425 VAL A C   
18   O O   . VAL A 2  ? 0.6986 0.4506 0.3131 0.0563  -0.1389 0.0490  425 VAL A O   
19   C CB  . VAL A 2  ? 0.8463 0.5735 0.3730 0.0654  -0.1447 0.0292  425 VAL A CB  
20   C CG1 . VAL A 2  ? 1.0206 0.7597 0.5320 0.0658  -0.1147 0.0253  425 VAL A CG1 
21   C CG2 . VAL A 2  ? 0.8295 0.5357 0.3173 0.0698  -0.1626 0.0231  425 VAL A CG2 
31   N N   . GLN A 3  ? 0.7321 0.4823 0.2834 0.0452  -0.0973 0.0693  426 GLN A N   
32   C CA  . GLN A 3  ? 0.6625 0.4314 0.2478 0.0385  -0.0821 0.0761  426 GLN A CA  
33   C C   . GLN A 3  ? 0.6285 0.4219 0.2214 0.0439  -0.0612 0.0643  426 GLN A C   
34   O O   . GLN A 3  ? 0.6152 0.4150 0.1774 0.0479  -0.0435 0.0596  426 GLN A O   
35   C CB  . GLN A 3  ? 0.6453 0.4122 0.2149 0.0226  -0.0642 0.0998  426 GLN A CB  
36   C CG  . GLN A 3  ? 0.9231 0.6600 0.4873 0.0178  -0.0838 0.1123  426 GLN A CG  
37   C CD  . GLN A 3  ? 0.9627 0.6936 0.5050 -0.0006 -0.0655 0.1361  426 GLN A CD  
38   O OE1 . GLN A 3  ? 0.9128 0.6444 0.4142 -0.0053 -0.0512 0.1451  426 GLN A OE1 
39   N NE2 . GLN A 3  ? 0.8816 0.6078 0.4518 -0.0122 -0.0653 0.1455  426 GLN A NE2 
48   N N   . VAL A 4  ? 0.5469 0.3608 0.1933 0.0446  -0.0610 0.0569  427 VAL A N   
49   C CA  . VAL A 4  ? 0.5292 0.3743 0.2041 0.0490  -0.0395 0.0446  427 VAL A CA  
50   C C   . VAL A 4  ? 0.5570 0.4316 0.2814 0.0397  -0.0249 0.0523  427 VAL A C   
51   O O   . VAL A 4  ? 0.4916 0.3648 0.2508 0.0355  -0.0390 0.0532  427 VAL A O   
52   C CB  . VAL A 4  ? 0.5689 0.4117 0.2652 0.0582  -0.0552 0.0236  427 VAL A CB  
53   C CG1 . VAL A 4  ? 0.4739 0.3401 0.1957 0.0639  -0.0349 0.0132  427 VAL A CG1 
54   C CG2 . VAL A 4  ? 0.5558 0.3692 0.2026 0.0655  -0.0721 0.0139  427 VAL A CG2 
64   N N   . LEU A 5  ? 0.4464 0.3498 0.1735 0.0379  0.0026  0.0563  428 LEU A N   
65   C CA  . LEU A 5  ? 0.5021 0.4376 0.2738 0.0275  0.0161  0.0637  428 LEU A CA  
66   C C   . LEU A 5  ? 0.4147 0.3804 0.2211 0.0392  0.0273  0.0496  428 LEU A C   
67   O O   . LEU A 5  ? 0.4663 0.4418 0.2556 0.0526  0.0413  0.0412  428 LEU A O   
68   C CB  . LEU A 5  ? 0.5267 0.4796 0.2809 0.0131  0.0380  0.0820  428 LEU A CB  
69   C CG  . LEU A 5  ? 0.5568 0.5395 0.3545 -0.0042 0.0470  0.0924  428 LEU A CG  
70   C CD1 . LEU A 5  ? 0.4582 0.4067 0.2612 -0.0183 0.0249  0.1018  428 LEU A CD1 
71   C CD2 . LEU A 5  ? 0.6161 0.6328 0.4040 -0.0180 0.0748  0.1070  428 LEU A CD2 
83   N N   . VAL A 6  ? 0.3453 0.3223 0.1966 0.0359  0.0204  0.0468  429 VAL A N   
84   C CA  . VAL A 6  ? 0.3412 0.3414 0.2229 0.0465  0.0279  0.0358  429 VAL A CA  
85   C C   . VAL A 6  ? 0.2803 0.3175 0.1985 0.0377  0.0391  0.0438  429 VAL A C   
86   O O   . VAL A 6  ? 0.2595 0.2940 0.1980 0.0243  0.0296  0.0497  429 VAL A O   
87   C CB  . VAL A 6  ? 0.3972 0.3802 0.2974 0.0505  0.0098  0.0244  429 VAL A CB  
88   C CG1 . VAL A 6  ? 0.4201 0.4154 0.3369 0.0624  0.0171  0.0145  429 VAL A CG1 
89   C CG2 . VAL A 6  ? 0.3944 0.3442 0.2652 0.0538  -0.0066 0.0176  429 VAL A CG2 
99   N N   . ARG A 7  ? 0.2676 0.3395 0.1943 0.0466  0.0578  0.0422  430 ARG A N   
100  C CA  . ARG A 7  ? 0.3920 0.5070 0.3571 0.0390  0.0671  0.0485  430 ARG A CA  
101  C C   . ARG A 7  ? 0.3185 0.4491 0.3095 0.0559  0.0659  0.0375  430 ARG A C   
102  O O   . ARG A 7  ? 0.3508 0.4726 0.3269 0.0765  0.0694  0.0271  430 ARG A O   
103  C CB  . ARG A 7  ? 0.5479 0.7034 0.5095 0.0348  0.0900  0.0575  430 ARG A CB  
104  C CG  . ARG A 7  ? 0.4830 0.6243 0.4179 0.0124  0.0929  0.0734  430 ARG A CG  
105  C CD  . ARG A 7  ? 0.5377 0.6759 0.4276 0.0218  0.1089  0.0737  430 ARG A CD  
106  N NE  . ARG A 7  ? 0.5814 0.7768 0.4827 0.0204  0.1365  0.0793  430 ARG A NE  
107  C CZ  . ARG A 7  ? 0.5931 0.7912 0.4676 0.0328  0.1505  0.0710  430 ARG A CZ  
108  N NH1 . ARG A 7  ? 0.5827 0.7400 0.4092 0.0493  0.1452  0.0619  430 ARG A NH1 
109  N NH2 . ARG A 7  ? 0.7627 1.0040 0.6585 0.0286  0.1688  0.0707  430 ARG A NH2 
123  N N   . PHE A 8  ? 0.2304 0.3787 0.2554 0.0469  0.0595  0.0401  431 PHE A N   
124  C CA  . PHE A 8  ? 0.1976 0.3604 0.2447 0.0613  0.0568  0.0328  431 PHE A CA  
125  C C   . PHE A 8  ? 0.2627 0.4811 0.3427 0.0602  0.0660  0.0376  431 PHE A C   
126  O O   . PHE A 8  ? 0.2486 0.4907 0.3426 0.0391  0.0696  0.0474  431 PHE A O   
127  C CB  . PHE A 8  ? 0.1770 0.3157 0.2337 0.0542  0.0399  0.0299  431 PHE A CB  
128  C CG  . PHE A 8  ? 0.1905 0.2857 0.2246 0.0561  0.0305  0.0239  431 PHE A CG  
129  C CD1 . PHE A 8  ? 0.2539 0.3295 0.2761 0.0707  0.0288  0.0153  431 PHE A CD1 
130  C CD2 . PHE A 8  ? 0.2172 0.2908 0.2428 0.0429  0.0216  0.0270  431 PHE A CD2 
131  C CE1 . PHE A 8  ? 0.1780 0.2198 0.1844 0.0685  0.0192  0.0097  431 PHE A CE1 
132  C CE2 . PHE A 8  ? 0.3164 0.3592 0.3276 0.0453  0.0112  0.0207  431 PHE A CE2 
133  C CZ  . PHE A 8  ? 0.1776 0.2077 0.1815 0.0562  0.0104  0.0119  431 PHE A CZ  
143  N N   . ASP A 9  ? 0.2107 0.4351 0.2971 0.0776  0.0639  0.0294  432 ASP A N   
144  C CA  . ASP A 9  ? 0.2568 0.5187 0.3672 0.0763  0.0661  0.0297  432 ASP A CA  
145  C C   . ASP A 9  ? 0.2008 0.4719 0.3359 0.0651  0.0523  0.0307  432 ASP A C   
146  O O   . ASP A 9  ? 0.2297 0.5362 0.3897 0.0558  0.0527  0.0333  432 ASP A O   
147  C CB  . ASP A 9  ? 0.4666 0.7251 0.5679 0.1014  0.0685  0.0206  432 ASP A CB  
148  C CG  . ASP A 9  ? 0.5473 0.8428 0.6547 0.1064  0.0842  0.0205  432 ASP A CG  
149  O OD1 . ASP A 9  ? 0.6636 0.9983 0.7953 0.0884  0.0904  0.0276  432 ASP A OD1 
150  O OD2 . ASP A 9  ? 0.7701 1.0543 0.8577 0.1274  0.0901  0.0129  432 ASP A OD2 
155  N N   . ALA A 10 ? 0.2300 0.4690 0.3571 0.0659  0.0404  0.0280  433 ALA A N   
156  C CA  . ALA A 10 ? 0.1940 0.4362 0.3368 0.0569  0.0270  0.0275  433 ALA A CA  
157  C C   . ALA A 10 ? 0.2277 0.4490 0.3678 0.0432  0.0190  0.0293  433 ALA A C   
158  O O   . ALA A 10 ? 0.3076 0.4995 0.4306 0.0492  0.0188  0.0275  433 ALA A O   
159  C CB  . ALA A 10 ? 0.3536 0.5801 0.4881 0.0738  0.0195  0.0219  433 ALA A CB  
165  N N   . GLY A 11 ? 0.1599 0.3959 0.3177 0.0248  0.0110  0.0320  434 GLY A N   
166  C CA  . GLY A 11 ? 0.2983 0.5112 0.4531 0.0127  0.0004  0.0317  434 GLY A CA  
167  C C   . GLY A 11 ? 0.3320 0.5158 0.4702 0.0011  0.0035  0.0357  434 GLY A C   
168  O O   . GLY A 11 ? 0.3836 0.5736 0.5143 0.0031  0.0153  0.0410  434 GLY A O   
172  N N   . GLY A 12 ? 0.2865 0.4371 0.4156 -0.0085 -0.0077 0.0326  435 GLY A N   
173  C CA  . GLY A 12 ? 0.2398 0.3573 0.3511 -0.0166 -0.0093 0.0364  435 GLY A CA  
174  C C   . GLY A 12 ? 0.2897 0.3852 0.3834 -0.0008 -0.0066 0.0320  435 GLY A C   
175  O O   . GLY A 12 ? 0.2190 0.3133 0.3135 0.0124  -0.0069 0.0242  435 GLY A O   
179  N N   . ALA A 13 ? 0.2045 0.2811 0.2800 -0.0043 -0.0052 0.0378  436 ALA A N   
180  C CA  . ALA A 13 ? 0.3623 0.4188 0.4205 0.0082  -0.0057 0.0333  436 ALA A CA  
181  C C   . ALA A 13 ? 0.1447 0.1820 0.2067 0.0145  -0.0172 0.0233  436 ALA A C   
182  O O   . ALA A 13 ? 0.2849 0.3186 0.3443 0.0243  -0.0170 0.0166  436 ALA A O   
183  C CB  . ALA A 13 ? 0.2632 0.3001 0.2969 0.0022  -0.0059 0.0420  436 ALA A CB  
189  N N   . SER A 14 ? 0.1452 0.1712 0.2132 0.0081  -0.0270 0.0213  437 SER A N   
190  C CA  . SER A 14 ? 0.1408 0.1541 0.2140 0.0163  -0.0362 0.0103  437 SER A CA  
191  C C   . SER A 14 ? 0.1318 0.1634 0.2180 0.0213  -0.0318 0.0022  437 SER A C   
192  O O   . SER A 14 ? 0.2052 0.2338 0.2968 0.0277  -0.0354 -0.0074 437 SER A O   
193  C CB  . SER A 14 ? 0.2508 0.2382 0.3197 0.0117  -0.0492 0.0094  437 SER A CB  
194  O OG  . SER A 14 ? 0.1662 0.1587 0.2419 0.0024  -0.0505 0.0083  437 SER A OG  
200  N N   . ALA A 15 ? 0.1157 0.1678 0.2058 0.0198  -0.0238 0.0061  438 ALA A N   
201  C CA  . ALA A 15 ? 0.1819 0.2470 0.2774 0.0251  -0.0208 0.0010  438 ALA A CA  
202  C C   . ALA A 15 ? 0.1498 0.2096 0.2426 0.0325  -0.0172 -0.0040 438 ALA A C   
203  O O   . ALA A 15 ? 0.1010 0.1539 0.1885 0.0346  -0.0152 -0.0023 438 ALA A O   
204  C CB  . ALA A 15 ? 0.0995 0.1865 0.1985 0.0268  -0.0150 0.0071  438 ALA A CB  
210  N N   . PRO A 16 ? 0.1761 0.2393 0.2707 0.0348  -0.0163 -0.0106 439 PRO A N   
211  C CA  . PRO A 16 ? 0.0770 0.1401 0.1718 0.0368  -0.0109 -0.0139 439 PRO A CA  
212  C C   . PRO A 16 ? 0.0965 0.1547 0.1819 0.0377  -0.0052 -0.0076 439 PRO A C   
213  O O   . PRO A 16 ? 0.0842 0.1353 0.1686 0.0355  -0.0039 -0.0089 439 PRO A O   
214  C CB  . PRO A 16 ? 0.1165 0.1878 0.2098 0.0376  -0.0075 -0.0194 439 PRO A CB  
215  C CG  . PRO A 16 ? 0.1518 0.2214 0.2456 0.0381  -0.0152 -0.0240 439 PRO A CG  
216  C CD  . PRO A 16 ? 0.1111 0.1780 0.2055 0.0339  -0.0200 -0.0158 439 PRO A CD  
224  N N   . GLU A 17 ? 0.1532 0.2146 0.2320 0.0417  -0.0036 -0.0018 440 GLU A N   
225  C CA  . GLU A 17 ? 0.1396 0.1910 0.2059 0.0476  0.0005  0.0030  440 GLU A CA  
226  C C   . GLU A 17 ? 0.1109 0.1516 0.1719 0.0497  0.0007  0.0029  440 GLU A C   
227  O O   . GLU A 17 ? 0.1273 0.1507 0.1742 0.0544  0.0027  0.0033  440 GLU A O   
228  C CB  . GLU A 17 ? 0.1539 0.2168 0.2181 0.0562  0.0002  0.0080  440 GLU A CB  
229  C CG  . GLU A 17 ? 0.2580 0.3253 0.3174 0.0562  -0.0020 0.0087  440 GLU A CG  
230  C CD  . GLU A 17 ? 0.2564 0.3394 0.3267 0.0497  -0.0073 0.0040  440 GLU A CD  
231  O OE1 . GLU A 17 ? 0.2305 0.3173 0.3127 0.0440  -0.0097 0.0015  440 GLU A OE1 
232  O OE2 . GLU A 17 ? 0.3417 0.4279 0.4040 0.0502  -0.0102 0.0030  440 GLU A OE2 
239  N N   . HIS A 18 ? 0.0970 0.1432 0.1643 0.0462  -0.0023 0.0022  441 HIS A N   
240  C CA  . HIS A 18 ? 0.2484 0.2847 0.3046 0.0483  -0.0022 0.0027  441 HIS A CA  
241  C C   . HIS A 18 ? 0.2104 0.2333 0.2652 0.0431  -0.0096 -0.0022 441 HIS A C   
242  O O   . HIS A 18 ? 0.1462 0.1564 0.1864 0.0448  -0.0120 -0.0030 441 HIS A O   
243  C CB  . HIS A 18 ? 0.1733 0.2227 0.2316 0.0464  -0.0005 0.0082  441 HIS A CB  
244  C CG  . HIS A 18 ? 0.1079 0.1785 0.1700 0.0530  0.0073  0.0125  441 HIS A CG  
245  N ND1 . HIS A 18 ? 0.1316 0.1995 0.1833 0.0668  0.0130  0.0111  441 HIS A ND1 
246  C CD2 . HIS A 18 ? 0.1014 0.1979 0.1784 0.0483  0.0089  0.0174  441 HIS A CD2 
247  C CE1 . HIS A 18 ? 0.1391 0.2352 0.2018 0.0736  0.0182  0.0146  441 HIS A CE1 
248  N NE2 . HIS A 18 ? 0.1054 0.2222 0.1856 0.0606  0.0159  0.0188  441 HIS A NE2 
256  N N   . SER A 19 ? 0.1485 0.1772 0.2184 0.0383  -0.0137 -0.0064 442 SER A N   
257  C CA  . SER A 19 ? 0.2089 0.2346 0.2854 0.0358  -0.0230 -0.0118 442 SER A CA  
258  C C   . SER A 19 ? 0.1388 0.1544 0.2092 0.0323  -0.0261 -0.0155 442 SER A C   
259  O O   . SER A 19 ? 0.1905 0.2004 0.2583 0.0318  -0.0364 -0.0187 442 SER A O   
260  C CB  . SER A 19 ? 0.1591 0.2003 0.2566 0.0350  -0.0246 -0.0176 442 SER A CB  
261  O OG  . SER A 19 ? 0.3720 0.4221 0.4738 0.0314  -0.0157 -0.0185 442 SER A OG  
267  N N   . GLN A 20 ? 0.1290 0.1385 0.1942 0.0291  -0.0193 -0.0149 443 GLN A N   
268  C CA  . GLN A 20 ? 0.1905 0.1834 0.2472 0.0221  -0.0235 -0.0185 443 GLN A CA  
269  C C   . GLN A 20 ? 0.2039 0.1730 0.2330 0.0289  -0.0274 -0.0195 443 GLN A C   
270  O O   . GLN A 20 ? 0.1926 0.1472 0.2126 0.0240  -0.0372 -0.0253 443 GLN A O   
271  C CB  . GLN A 20 ? 0.1709 0.1536 0.2219 0.0160  -0.0157 -0.0154 443 GLN A CB  
272  C CG  . GLN A 20 ? 0.3860 0.3419 0.4235 0.0052  -0.0210 -0.0183 443 GLN A CG  
273  C CD  . GLN A 20 ? 0.5297 0.5019 0.5893 -0.0090 -0.0306 -0.0250 443 GLN A CD  
274  O OE1 . GLN A 20 ? 0.3998 0.4067 0.4888 -0.0119 -0.0293 -0.0267 443 GLN A OE1 
275  N NE2 . GLN A 20 ? 0.5140 0.4628 0.5598 -0.0166 -0.0416 -0.0304 443 GLN A NE2 
284  N N   . THR A 21 ? 0.1572 0.1252 0.1734 0.0402  -0.0197 -0.0149 444 THR A N   
285  C CA  . THR A 21 ? 0.2119 0.1636 0.2009 0.0492  -0.0193 -0.0164 444 THR A CA  
286  C C   . THR A 21 ? 0.1854 0.1389 0.1695 0.0471  -0.0282 -0.0169 444 THR A C   
287  O O   . THR A 21 ? 0.2137 0.1478 0.1729 0.0490  -0.0347 -0.0216 444 THR A O   
288  C CB  . THR A 21 ? 0.2547 0.2179 0.2386 0.0617  -0.0070 -0.0109 444 THR A CB  
289  O OG1 . THR A 21 ? 0.3724 0.3314 0.3583 0.0668  -0.0021 -0.0098 444 THR A OG1 
290  C CG2 . THR A 21 ? 0.2670 0.2181 0.2214 0.0731  -0.0028 -0.0137 444 THR A CG2 
298  N N   . ILE A 22 ? 0.1811 0.1530 0.1844 0.0440  -0.0300 -0.0121 445 ILE A N   
299  C CA  . ILE A 22 ? 0.1917 0.1597 0.1885 0.0429  -0.0411 -0.0108 445 ILE A CA  
300  C C   . ILE A 22 ? 0.3227 0.2867 0.3271 0.0386  -0.0572 -0.0190 445 ILE A C   
301  O O   . ILE A 22 ? 0.3008 0.2517 0.2865 0.0401  -0.0699 -0.0207 445 ILE A O   
302  C CB  . ILE A 22 ? 0.1747 0.1552 0.1886 0.0413  -0.0417 -0.0046 445 ILE A CB  
303  C CG1 . ILE A 22 ? 0.2694 0.2574 0.2769 0.0413  -0.0282 0.0042  445 ILE A CG1 
304  C CG2 . ILE A 22 ? 0.2281 0.1966 0.2332 0.0421  -0.0571 -0.0028 445 ILE A CG2 
305  C CD1 . ILE A 22 ? 0.3222 0.3181 0.3457 0.0361  -0.0294 0.0093  445 ILE A CD1 
317  N N   . ALA A 23 ? 0.2188 0.1968 0.2503 0.0325  -0.0569 -0.0238 446 ALA A N   
318  C CA  . ALA A 23 ? 0.3118 0.2976 0.3602 0.0254  -0.0707 -0.0318 446 ALA A CA  
319  C C   . ALA A 23 ? 0.2160 0.1780 0.2406 0.0199  -0.0779 -0.0375 446 ALA A C   
320  O O   . ALA A 23 ? 0.3447 0.3060 0.3699 0.0159  -0.0953 -0.0439 446 ALA A O   
321  C CB  . ALA A 23 ? 0.2555 0.2664 0.3376 0.0177  -0.0638 -0.0343 446 ALA A CB  
327  N N   . ALA A 24 ? 0.2129 0.1537 0.2153 0.0211  -0.0665 -0.0363 447 ALA A N   
328  C CA  . ALA A 24 ? 0.2518 0.1601 0.2246 0.0180  -0.0732 -0.0435 447 ALA A CA  
329  C C   . ALA A 24 ? 0.2808 0.1712 0.2178 0.0278  -0.0812 -0.0461 447 ALA A C   
330  O O   . ALA A 24 ? 0.3161 0.1879 0.2350 0.0229  -0.0975 -0.0549 447 ALA A O   
331  C CB  . ALA A 24 ? 0.2638 0.1498 0.2189 0.0225  -0.0595 -0.0419 447 ALA A CB  
337  N N   . ILE A 25 ? 0.2731 0.1693 0.1982 0.0396  -0.0700 -0.0382 448 ILE A N   
338  C CA  . ILE A 25 ? 0.3084 0.1901 0.1957 0.0478  -0.0736 -0.0376 448 ILE A CA  
339  C C   . ILE A 25 ? 0.3124 0.1972 0.2030 0.0433  -0.0953 -0.0383 448 ILE A C   
340  O O   . ILE A 25 ? 0.4511 0.3152 0.3084 0.0451  -0.1092 -0.0437 448 ILE A O   
341  C CB  . ILE A 25 ? 0.2939 0.1887 0.1745 0.0561  -0.0553 -0.0261 448 ILE A CB  
342  C CG1 . ILE A 25 ? 0.4230 0.3180 0.2980 0.0652  -0.0364 -0.0273 448 ILE A CG1 
343  C CG2 . ILE A 25 ? 0.4128 0.2950 0.2529 0.0608  -0.0577 -0.0222 448 ILE A CG2 
344  C CD1 . ILE A 25 ? 0.2713 0.1939 0.1596 0.0691  -0.0188 -0.0161 448 ILE A CD1 
356  N N   . ARG A 26 ? 0.2818 0.1917 0.2109 0.0400  -0.0993 -0.0337 449 ARG A N   
357  C CA  . ARG A 26 ? 0.2892 0.2055 0.2277 0.0405  -0.1212 -0.0346 449 ARG A CA  
358  C C   . ARG A 26 ? 0.3212 0.2371 0.2657 0.0328  -0.1418 -0.0471 449 ARG A C   
359  O O   . ARG A 26 ? 0.3644 0.2708 0.2902 0.0357  -0.1634 -0.0501 449 ARG A O   
360  C CB  . ARG A 26 ? 0.3442 0.2879 0.3259 0.0416  -0.1198 -0.0310 449 ARG A CB  
361  C CG  . ARG A 26 ? 0.4467 0.3991 0.4424 0.0477  -0.1433 -0.0328 449 ARG A CG  
362  C CD  . ARG A 26 ? 0.5559 0.5237 0.5801 0.0546  -0.1399 -0.0287 449 ARG A CD  
363  N NE  . ARG A 26 ? 0.5595 0.5296 0.5917 0.0615  -0.1525 -0.0304 449 ARG A NE  
364  C CZ  . ARG A 26 ? 0.4729 0.4725 0.5432 0.0630  -0.1537 -0.0389 449 ARG A CZ  
365  N NH1 . ARG A 26 ? 0.3927 0.4228 0.4964 0.0555  -0.1422 -0.0454 449 ARG A NH1 
366  N NH2 . ARG A 26 ? 0.3859 0.3848 0.4584 0.0727  -0.1661 -0.0401 449 ARG A NH2 
380  N N   . HIS A 27 ? 0.4188 0.3437 0.3875 0.0214  -0.1363 -0.0536 450 HIS A N   
381  C CA  . HIS A 27 ? 0.3587 0.2858 0.3388 0.0076  -0.1548 -0.0651 450 HIS A CA  
382  C C   . HIS A 27 ? 0.4389 0.3252 0.3675 0.0072  -0.1665 -0.0729 450 HIS A C   
383  O O   . HIS A 27 ? 0.4985 0.3858 0.4277 0.0003  -0.1851 -0.0792 450 HIS A O   
384  C CB  . HIS A 27 ? 0.4530 0.3924 0.4639 -0.0081 -0.1424 -0.0669 450 HIS A CB  
385  C CG  . HIS A 27 ? 0.5620 0.4994 0.5825 -0.0286 -0.1588 -0.0772 450 HIS A CG  
386  N ND1 . HIS A 27 ? 0.6902 0.5834 0.6748 -0.0377 -0.1604 -0.0831 450 HIS A ND1 
387  C CD2 . HIS A 27 ? 0.4786 0.4544 0.5395 -0.0412 -0.1680 -0.0800 450 HIS A CD2 
388  C CE1 . HIS A 27 ? 0.6139 0.5178 0.6164 -0.0574 -0.1695 -0.0874 450 HIS A CE1 
389  N NE2 . HIS A 27 ? 0.5167 0.4737 0.5667 -0.0607 -0.1739 -0.0858 450 HIS A NE2 
397  N N   . ARG A 28 ? 0.3798 0.2355 0.2672 0.0165  -0.1496 -0.0706 451 ARG A N   
398  C CA  . ARG A 28 ? 0.4367 0.2507 0.2687 0.0204  -0.1575 -0.0802 451 ARG A CA  
399  C C   . ARG A 28 ? 0.4645 0.2722 0.2626 0.0309  -0.1692 -0.0772 451 ARG A C   
400  O O   . ARG A 28 ? 0.5088 0.2976 0.2798 0.0301  -0.1800 -0.0828 451 ARG A O   
401  C CB  . ARG A 28 ? 0.4469 0.2361 0.2483 0.0319  -0.1332 -0.0795 451 ARG A CB  
402  C CG  . ARG A 28 ? 0.5088 0.2537 0.2576 0.0369  -0.1380 -0.0920 451 ARG A CG  
403  C CD  . ARG A 28 ? 0.6483 0.3786 0.4129 0.0191  -0.1476 -0.0989 451 ARG A CD  
404  N NE  . ARG A 28 ? 0.7039 0.3956 0.4254 0.0240  -0.1502 -0.1077 451 ARG A NE  
405  C CZ  . ARG A 28 ? 0.7670 0.4473 0.4784 0.0134  -0.1697 -0.1151 451 ARG A CZ  
406  N NH1 . ARG A 28 ? 0.7733 0.4827 0.5183 -0.0025 -0.1880 -0.1143 451 ARG A NH1 
407  N NH2 . ARG A 28 ? 0.6854 0.3270 0.3544 0.0199  -0.1712 -0.1243 451 ARG A NH2 
421  N N   . ILE A 29 ? 0.4409 0.2658 0.2451 0.0396  -0.1618 -0.0642 452 ILE A N   
422  C CA  . ILE A 29 ? 0.4717 0.2876 0.2433 0.0479  -0.1721 -0.0571 452 ILE A CA  
423  C C   . ILE A 29 ? 0.5010 0.3298 0.2978 0.0424  -0.1956 -0.0604 452 ILE A C   
424  O O   . ILE A 29 ? 0.6455 0.4571 0.4093 0.0455  -0.2067 -0.0612 452 ILE A O   
425  C CB  . ILE A 29 ? 0.5165 0.3459 0.2961 0.0543  -0.1602 -0.0402 452 ILE A CB  
426  C CG1 . ILE A 29 ? 0.4416 0.2675 0.2017 0.0588  -0.1284 -0.0331 452 ILE A CG1 
427  C CG2 . ILE A 29 ? 0.4814 0.2993 0.2351 0.0592  -0.1724 -0.0305 452 ILE A CG2 
428  C CD1 . ILE A 29 ? 0.4087 0.2535 0.1917 0.0585  -0.1131 -0.0170 452 ILE A CD1 
440  N N   . ALA A 30 ? 0.4432 0.3056 0.2980 0.0349  -0.2015 -0.0626 453 ALA A N   
441  C CA  . ALA A 30 ? 0.4505 0.3358 0.3363 0.0313  -0.2207 -0.0660 453 ALA A CA  
442  C C   . ALA A 30 ? 0.4898 0.3637 0.3621 0.0203  -0.2339 -0.0776 453 ALA A C   
443  O O   . ALA A 30 ? 0.5127 0.3992 0.3952 0.0186  -0.2528 -0.0810 453 ALA A O   
444  C CB  . ALA A 30 ? 0.4023 0.3318 0.3532 0.0260  -0.2173 -0.0668 453 ALA A CB  
450  N N   . GLN A 31 ? 0.5274 0.3756 0.3755 0.0135  -0.2245 -0.0841 454 GLN A N   
451  C CA  . GLN A 31 ? 0.5475 0.3762 0.3774 0.0022  -0.2358 -0.0955 454 GLN A CA  
452  C C   . GLN A 31 ? 0.6054 0.3950 0.3707 0.0138  -0.2402 -0.0976 454 GLN A C   
453  O O   . GLN A 31 ? 0.6769 0.4480 0.4213 0.0071  -0.2532 -0.1075 454 GLN A O   
454  C CB  . GLN A 31 ? 0.5433 0.3562 0.3761 -0.0099 -0.2229 -0.1016 454 GLN A CB  
455  C CG  . GLN A 31 ? 0.6078 0.4569 0.5006 -0.0303 -0.2236 -0.1028 454 GLN A CG  
456  C CD  . GLN A 31 ? 0.6753 0.5036 0.5674 -0.0411 -0.2077 -0.1044 454 GLN A CD  
457  O OE1 . GLN A 31 ? 0.5812 0.3724 0.4334 -0.0288 -0.1947 -0.1042 454 GLN A OE1 
458  N NE2 . GLN A 31 ? 0.6250 0.4782 0.5605 -0.0634 -0.2072 -0.1053 454 GLN A NE2 
467  N N   . ALA A 32 ? 0.6060 0.3841 0.3389 0.0296  -0.2285 -0.0879 455 ALA A N   
468  C CA  . ALA A 32 ? 0.6626 0.4076 0.3323 0.0406  -0.2273 -0.0881 455 ALA A CA  
469  C C   . ALA A 32 ? 0.7922 0.5369 0.4522 0.0397  -0.2528 -0.0900 455 ALA A C   
470  O O   . ALA A 32 ? 0.6836 0.4577 0.3855 0.0361  -0.2683 -0.0870 455 ALA A O   
471  C CB  . ALA A 32 ? 0.6860 0.4279 0.3299 0.0534  -0.2075 -0.0744 455 ALA A CB  
477  N N   . PRO A 33 ? 0.8644 0.5772 0.4685 0.0447  -0.2569 -0.0957 456 PRO A N   
478  C CA  . PRO A 33 ? 0.9437 0.6530 0.5319 0.0447  -0.2827 -0.0982 456 PRO A CA  
479  C C   . PRO A 33 ? 0.9833 0.7047 0.5735 0.0537  -0.2889 -0.0831 456 PRO A C   
480  O O   . PRO A 33 ? 1.0976 0.8123 0.6680 0.0618  -0.2700 -0.0702 456 PRO A O   
481  C CB  . PRO A 33 ? 1.0689 0.7380 0.5878 0.0515  -0.2785 -0.1056 456 PRO A CB  
482  C CG  . PRO A 33 ? 1.0482 0.7059 0.5459 0.0601  -0.2464 -0.1021 456 PRO A CG  
483  C CD  . PRO A 33 ? 0.9096 0.5899 0.4631 0.0523  -0.2376 -0.1015 456 PRO A CD  
491  N N   . ASN A 34 ? 0.8288 0.5686 0.4443 0.0516  -0.3150 -0.0845 457 ASN A N   
492  C CA  . ASN A 34 ? 0.8952 0.6398 0.5085 0.0622  -0.3251 -0.0713 457 ASN A CA  
493  C C   . ASN A 34 ? 0.9005 0.6643 0.5509 0.0668  -0.3105 -0.0585 457 ASN A C   
494  O O   . ASN A 34 ? 0.8863 0.6477 0.5327 0.0759  -0.3166 -0.0467 457 ASN A O   
495  C CB  . ASN A 34 ? 1.1225 0.8286 0.6612 0.0713  -0.3220 -0.0638 457 ASN A CB  
496  C CG  . ASN A 34 ? 1.0584 0.7420 0.5542 0.0687  -0.3363 -0.0775 457 ASN A CG  
497  O OD1 . ASN A 34 ? 0.9845 0.6821 0.5066 0.0608  -0.3591 -0.0901 457 ASN A OD1 
498  N ND2 . ASN A 34 ? 1.1258 0.7767 0.5555 0.0744  -0.3222 -0.0754 457 ASN A ND2 
505  N N   . VAL A 35 ? 0.7472 0.5265 0.4309 0.0603  -0.2921 -0.0610 458 VAL A N   
506  C CA  . VAL A 35 ? 0.6641 0.4646 0.3882 0.0634  -0.2798 -0.0515 458 VAL A CA  
507  C C   . VAL A 35 ? 0.6341 0.4759 0.4233 0.0614  -0.2949 -0.0571 458 VAL A C   
508  O O   . VAL A 35 ? 0.6639 0.5266 0.4810 0.0505  -0.3040 -0.0692 458 VAL A O   
509  C CB  . VAL A 35 ? 0.7672 0.5688 0.4984 0.0581  -0.2543 -0.0521 458 VAL A CB  
510  C CG1 . VAL A 35 ? 0.5912 0.4240 0.3787 0.0579  -0.2463 -0.0478 458 VAL A CG1 
511  C CG2 . VAL A 35 ? 0.6768 0.4486 0.3512 0.0636  -0.2345 -0.0424 458 VAL A CG2 
521  N N   . VAL A 36 ? 0.6187 0.4729 0.4314 0.0715  -0.2966 -0.0486 459 VAL A N   
522  C CA  . VAL A 36 ? 0.5959 0.4928 0.4690 0.0736  -0.3085 -0.0543 459 VAL A CA  
523  C C   . VAL A 36 ? 0.7073 0.6239 0.6199 0.0786  -0.2922 -0.0496 459 VAL A C   
524  O O   . VAL A 36 ? 0.7138 0.6728 0.6818 0.0757  -0.2903 -0.0567 459 VAL A O   
525  C CB  . VAL A 36 ? 0.8620 0.7559 0.7246 0.0858  -0.3343 -0.0526 459 VAL A CB  
526  C CG1 . VAL A 36 ? 0.8298 0.6851 0.6496 0.0989  -0.3327 -0.0378 459 VAL A CG1 
527  C CG2 . VAL A 36 ? 0.7581 0.7021 0.6842 0.0901  -0.3460 -0.0596 459 VAL A CG2 
537  N N   . SER A 37 ? 1.0781 0.6103 0.6633 0.1942  -0.3174 -0.1055 460 SER A N   
538  C CA  . SER A 37 ? 0.9817 0.5294 0.6042 0.1653  -0.2965 -0.0908 460 SER A CA  
539  C C   . SER A 37 ? 0.9530 0.5446 0.5685 0.1502  -0.2669 -0.0773 460 SER A C   
540  O O   . SER A 37 ? 0.8903 0.5015 0.4538 0.1549  -0.2587 -0.0689 460 SER A O   
541  C CB  . SER A 37 ? 0.8646 0.3937 0.4657 0.1539  -0.3037 -0.0798 460 SER A CB  
542  O OG  . SER A 37 ? 1.1077 0.6380 0.6387 0.1631  -0.3082 -0.0679 460 SER A OG  
548  N N   . VAL A 38 ? 0.7346 0.3466 0.4022 0.1333  -0.2510 -0.0735 461 VAL A N   
549  C CA  . VAL A 38 ? 0.7136 0.3700 0.3827 0.1145  -0.2242 -0.0611 461 VAL A CA  
550  C C   . VAL A 38 ? 0.6636 0.3286 0.3615 0.0872  -0.2125 -0.0479 461 VAL A C   
551  O O   . VAL A 38 ? 0.5959 0.2543 0.3407 0.0836  -0.2155 -0.0496 461 VAL A O   
552  C CB  . VAL A 38 ? 0.7607 0.4402 0.4624 0.1196  -0.2169 -0.0686 461 VAL A CB  
553  C CG1 . VAL A 38 ? 0.8619 0.5904 0.5562 0.1035  -0.1922 -0.0585 461 VAL A CG1 
554  C CG2 . VAL A 38 ? 0.7988 0.4593 0.4819 0.1508  -0.2358 -0.0862 461 VAL A CG2 
564  N N   . ALA A 39 ? 0.6033 0.2872 0.2720 0.0702  -0.2002 -0.0325 462 ALA A N   
565  C CA  . ALA A 39 ? 0.6070 0.2970 0.2987 0.0449  -0.1917 -0.0213 462 ALA A CA  
566  C C   . ALA A 39 ? 0.5604 0.2896 0.2978 0.0312  -0.1737 -0.0213 462 ALA A C   
567  O O   . ALA A 39 ? 0.4815 0.2412 0.2212 0.0360  -0.1638 -0.0254 462 ALA A O   
568  C CB  . ALA A 39 ? 0.6089 0.3130 0.2577 0.0314  -0.1837 -0.0007 462 ALA A CB  
574  N N   . PRO A 40 ? 0.4969 0.2280 0.2688 0.0165  -0.1707 -0.0163 463 PRO A N   
575  C CA  . PRO A 40 ? 0.5037 0.2816 0.3087 0.0010  -0.1517 -0.0135 463 PRO A CA  
576  C C   . PRO A 40 ? 0.5073 0.3195 0.2911 -0.0162 -0.1365 -0.0071 463 PRO A C   
577  O O   . PRO A 40 ? 0.4444 0.2442 0.1888 -0.0188 -0.1398 0.0011  463 PRO A O   
578  C CB  . PRO A 40 ? 0.3789 0.1565 0.2125 -0.0069 -0.1535 -0.0095 463 PRO A CB  
579  C CG  . PRO A 40 ? 0.4223 0.1537 0.2515 0.0112  -0.1764 -0.0117 463 PRO A CG  
580  C CD  . PRO A 40 ? 0.4919 0.1881 0.2736 0.0172  -0.1859 -0.0138 463 PRO A CD  
588  N N   . PRO A 41 ? 0.3804 0.2391 0.1879 -0.0257 -0.1206 -0.0087 464 PRO A N   
589  C CA  . PRO A 41 ? 0.4160 0.3138 0.2073 -0.0361 -0.1076 -0.0032 464 PRO A CA  
590  C C   . PRO A 41 ? 0.3729 0.2596 0.1536 -0.0595 -0.1062 0.0089  464 PRO A C   
591  O O   . PRO A 41 ? 0.4020 0.2765 0.2082 -0.0736 -0.1080 0.0083  464 PRO A O   
592  C CB  . PRO A 41 ? 0.4272 0.3678 0.2544 -0.0393 -0.0960 -0.0099 464 PRO A CB  
593  C CG  . PRO A 41 ? 0.2835 0.2106 0.1431 -0.0407 -0.0983 -0.0126 464 PRO A CG  
594  C CD  . PRO A 41 ? 0.3160 0.1957 0.1636 -0.0248 -0.1144 -0.0137 464 PRO A CD  
602  N N   . ARG A 42 ? 0.4138 0.3074 0.1530 -0.0598 -0.1012 0.0241  465 ARG A N   
603  C CA  . ARG A 42 ? 0.4675 0.3269 0.1744 -0.1022 -0.1053 0.0482  465 ARG A CA  
604  C C   . ARG A 42 ? 0.4530 0.3644 0.1689 -0.1271 -0.0854 0.0576  465 ARG A C   
605  O O   . ARG A 42 ? 0.5512 0.4998 0.2501 -0.1053 -0.0674 0.0644  465 ARG A O   
606  C CB  . ARG A 42 ? 0.5879 0.4082 0.2331 -0.0965 -0.1084 0.0765  465 ARG A CB  
607  C CG  . ARG A 42 ? 0.7030 0.4462 0.3320 -0.1168 -0.1352 0.0869  465 ARG A CG  
608  C CD  . ARG A 42 ? 0.9906 0.7027 0.5703 -0.0998 -0.1335 0.1183  465 ARG A CD  
609  N NE  . ARG A 42 ? 0.9830 0.7074 0.5519 -0.0558 -0.1388 0.1020  465 ARG A NE  
610  C CZ  . ARG A 42 ? 0.9641 0.6509 0.5462 -0.0415 -0.1645 0.0800  465 ARG A CZ  
611  N NH1 . ARG A 42 ? 1.0516 0.6848 0.6543 -0.0604 -0.1894 0.0698  465 ARG A NH1 
612  N NH2 . ARG A 42 ? 0.8732 0.5776 0.4507 -0.0102 -0.1668 0.0678  465 ARG A NH2 
626  N N   . PHE A 43 ? 0.4751 0.3936 0.2202 -0.1709 -0.0879 0.0575  466 PHE A N   
627  C CA  . PHE A 43 ? 0.5129 0.4965 0.2815 -0.2016 -0.0707 0.0633  466 PHE A CA  
628  C C   . PHE A 43 ? 0.5976 0.5858 0.3515 -0.2381 -0.0586 0.0954  466 PHE A C   
629  O O   . PHE A 43 ? 0.7165 0.6562 0.4776 -0.2587 -0.0675 0.1038  466 PHE A O   
630  C CB  . PHE A 43 ? 0.4042 0.4064 0.2224 -0.1969 -0.0629 0.0470  466 PHE A CB  
631  C CG  . PHE A 43 ? 0.3901 0.4002 0.2488 -0.1437 -0.0590 0.0226  466 PHE A CG  
632  C CD1 . PHE A 43 ? 0.2816 0.3244 0.1485 -0.1281 -0.0528 0.0186  466 PHE A CD1 
633  C CD2 . PHE A 43 ? 0.2918 0.2779 0.1639 -0.1277 -0.0656 0.0120  466 PHE A CD2 
634  C CE1 . PHE A 43 ? 0.3453 0.3870 0.2282 -0.1055 -0.0550 0.0083  466 PHE A CE1 
635  C CE2 . PHE A 43 ? 0.3570 0.3508 0.2455 -0.1069 -0.0648 0.0036  466 PHE A CE2 
636  C CZ  . PHE A 43 ? 0.3234 0.3407 0.2165 -0.0978 -0.0602 0.0027  466 PHE A CZ  
646  N N   . ALA A 44 ? 0.5036 0.5476 0.2661 -0.2276 -0.0301 0.1097  467 ALA A N   
647  C CA  . ALA A 44 ? 0.5224 0.5828 0.3078 -0.2502 -0.0058 0.1384  467 ALA A CA  
648  C C   . ALA A 44 ? 0.5318 0.6041 0.3777 -0.2791 -0.0142 0.1216  467 ALA A C   
649  O O   . ALA A 44 ? 0.4362 0.5356 0.3008 -0.2718 -0.0269 0.0907  467 ALA A O   
650  C CB  . ALA A 44 ? 0.5607 0.6859 0.3489 -0.2312 0.0253  0.1501  467 ALA A CB  
656  N N   . ASP A 45 ? 0.5800 0.6263 0.4541 -0.2997 -0.0051 0.1406  468 ASP A N   
657  C CA  . ASP A 45 ? 0.6502 0.6981 0.5859 -0.3129 -0.0104 0.1198  468 ASP A CA  
658  C C   . ASP A 45 ? 0.5650 0.6851 0.5368 -0.3100 0.0009  0.1074  468 ASP A C   
659  O O   . ASP A 45 ? 0.5005 0.6284 0.5141 -0.3082 -0.0063 0.0821  468 ASP A O   
660  C CB  . ASP A 45 ? 0.8103 0.8180 0.7761 -0.3379 -0.0005 0.1459  468 ASP A CB  
661  C CG  . ASP A 45 ? 0.9542 0.8874 0.8755 -0.3368 -0.0094 0.1702  468 ASP A CG  
662  O OD1 . ASP A 45 ? 1.0171 0.8980 0.9382 -0.3287 -0.0349 0.1473  468 ASP A OD1 
663  O OD2 . ASP A 45 ? 0.9923 0.9202 0.8781 -0.3367 0.0105  0.2116  468 ASP A OD2 
668  N N   . ASP A 46 ? 0.6673 0.8380 0.6230 -0.3035 0.0193  0.1248  469 ASP A N   
669  C CA  . ASP A 46 ? 0.5792 0.8179 0.5647 -0.2960 0.0273  0.1144  469 ASP A CA  
670  C C   . ASP A 46 ? 0.5568 0.8099 0.5221 -0.2710 0.0067  0.0839  469 ASP A C   
671  O O   . ASP A 46 ? 0.5381 0.8273 0.5263 -0.2620 0.0049  0.0699  469 ASP A O   
672  C CB  . ASP A 46 ? 0.5485 0.8350 0.5267 -0.2897 0.0577  0.1422  469 ASP A CB  
673  C CG  . ASP A 46 ? 0.7561 1.1122 0.7753 -0.2852 0.0672  0.1348  469 ASP A CG  
674  O OD1 . ASP A 46 ? 0.8175 1.1789 0.8788 -0.2960 0.0556  0.1180  469 ASP A OD1 
675  O OD2 . ASP A 46 ? 0.8502 1.2529 0.8583 -0.2666 0.0868  0.1449  469 ASP A OD2 
680  N N   . ASN A 47 ? 0.4567 0.6764 0.3776 -0.2603 -0.0079 0.0771  470 ASN A N   
681  C CA  . ASN A 47 ? 0.4729 0.7005 0.3694 -0.2366 -0.0229 0.0553  470 ASN A CA  
682  C C   . ASN A 47 ? 0.3883 0.6827 0.2920 -0.2232 -0.0179 0.0561  470 ASN A C   
683  O O   . ASN A 47 ? 0.2713 0.5741 0.1742 -0.2002 -0.0216 0.0422  470 ASN A O   
684  C CB  . ASN A 47 ? 0.3781 0.5845 0.2976 -0.2201 -0.0242 0.0353  470 ASN A CB  
685  C CG  . ASN A 47 ? 0.3015 0.4732 0.2081 -0.1907 -0.0250 0.0242  470 ASN A CG  
686  O OD1 . ASN A 47 ? 0.2559 0.4098 0.1449 -0.1822 -0.0239 0.0299  470 ASN A OD1 
687  N ND2 . ASN A 47 ? 0.2643 0.4383 0.1811 -0.1878 -0.0240 0.0131  470 ASN A ND2 
694  N N   . GLY A 48 ? 0.3862 0.7074 0.2982 -0.2217 0.0062  0.0780  471 GLY A N   
695  C CA  . GLY A 48 ? 0.3956 0.7711 0.3131 -0.1945 0.0203  0.0792  471 GLY A CA  
696  C C   . GLY A 48 ? 0.5811 0.9268 0.4602 -0.1576 0.0185  0.0714  471 GLY A C   
697  O O   . GLY A 48 ? 0.6037 0.9776 0.4869 -0.1271 0.0185  0.0595  471 GLY A O   
701  N N   . SER A 49 ? 0.4498 0.4345 0.3146 -0.1188 -0.0153 0.0203  472 SER A N   
702  C CA  . SER A 49 ? 0.3900 0.3688 0.2494 -0.1021 -0.0123 0.0253  472 SER A CA  
703  C C   . SER A 49 ? 0.3670 0.3330 0.2223 -0.0938 -0.0125 0.0259  472 SER A C   
704  O O   . SER A 49 ? 0.2356 0.1911 0.0851 -0.0972 -0.0126 0.0242  472 SER A O   
705  C CB  . SER A 49 ? 0.3361 0.2913 0.1533 -0.0857 -0.0025 0.0345  472 SER A CB  
706  O OG  . SER A 49 ? 0.3751 0.3009 0.1566 -0.0837 0.0028  0.0387  472 SER A OG  
712  N N   . ALA A 50 ? 0.3248 0.2912 0.1800 -0.0814 -0.0124 0.0291  473 ALA A N   
713  C CA  . ALA A 50 ? 0.3862 0.3434 0.2336 -0.0702 -0.0127 0.0316  473 ALA A CA  
714  C C   . ALA A 50 ? 0.4081 0.3412 0.2192 -0.0499 -0.0104 0.0373  473 ALA A C   
715  O O   . ALA A 50 ? 0.3907 0.3281 0.2013 -0.0447 -0.0115 0.0384  473 ALA A O   
716  C CB  . ALA A 50 ? 0.3008 0.2946 0.1927 -0.0793 -0.0188 0.0293  473 ALA A CB  
722  N N   . LEU A 51 ? 0.4428 0.3505 0.2224 -0.0391 -0.0090 0.0404  474 LEU A N   
723  C CA  . LEU A 51 ? 0.4315 0.3149 0.1763 -0.0232 -0.0111 0.0438  474 LEU A CA  
724  C C   . LEU A 51 ? 0.4301 0.3211 0.1818 -0.0152 -0.0179 0.0439  474 LEU A C   
725  O O   . LEU A 51 ? 0.4754 0.3744 0.2356 -0.0148 -0.0185 0.0445  474 LEU A O   
726  C CB  . LEU A 51 ? 0.4343 0.2764 0.1357 -0.0179 -0.0078 0.0453  474 LEU A CB  
727  C CG  . LEU A 51 ? 0.6489 0.4538 0.3069 0.0000  -0.0105 0.0464  474 LEU A CG  
728  C CD1 . LEU A 51 ? 0.7669 0.5728 0.4119 0.0030  -0.0069 0.0497  474 LEU A CD1 
729  C CD2 . LEU A 51 ? 0.7464 0.5053 0.3622 0.0078  -0.0089 0.0464  474 LEU A CD2 
741  N N   . LEU A 52 ? 0.5221 0.4113 0.2679 -0.0082 -0.0237 0.0440  475 LEU A N   
742  C CA  . LEU A 52 ? 0.4585 0.3496 0.2031 -0.0007 -0.0329 0.0445  475 LEU A CA  
743  C C   . LEU A 52 ? 0.5568 0.3983 0.2531 0.0176  -0.0402 0.0412  475 LEU A C   
744  O O   . LEU A 52 ? 0.4592 0.2797 0.1349 0.0251  -0.0419 0.0389  475 LEU A O   
745  C CB  . LEU A 52 ? 0.5205 0.4399 0.2942 -0.0072 -0.0372 0.0451  475 LEU A CB  
746  C CG  . LEU A 52 ? 0.4704 0.4232 0.2881 -0.0226 -0.0319 0.0445  475 LEU A CG  
747  C CD1 . LEU A 52 ? 0.3168 0.2811 0.1576 -0.0361 -0.0361 0.0435  475 LEU A CD1 
748  C CD2 . LEU A 52 ? 0.5488 0.5184 0.3785 -0.0208 -0.0328 0.0474  475 LEU A CD2 
760  N N   . SER A 53 ? 0.5236 0.3445 0.1998 0.0287  -0.0447 0.0400  476 SER A N   
761  C CA  . SER A 53 ? 0.6678 0.4359 0.2952 0.0516  -0.0524 0.0344  476 SER A CA  
762  C C   . SER A 53 ? 0.6449 0.4127 0.2703 0.0619  -0.0683 0.0316  476 SER A C   
763  O O   . SER A 53 ? 0.6963 0.4902 0.3402 0.0584  -0.0716 0.0350  476 SER A O   
764  C CB  . SER A 53 ? 0.6713 0.4047 0.2674 0.0606  -0.0468 0.0335  476 SER A CB  
765  O OG  . SER A 53 ? 0.8085 0.5561 0.4164 0.0610  -0.0495 0.0343  476 SER A OG  
771  N N   . ALA A 54 ? 0.6427 0.3818 0.2444 0.0758  -0.0797 0.0256  477 ALA A N   
772  C CA  . ALA A 54 ? 0.6360 0.3698 0.2333 0.0852  -0.0997 0.0215  477 ALA A CA  
773  C C   . ALA A 54 ? 0.7505 0.4274 0.2967 0.1155  -0.1107 0.0109  477 ALA A C   
774  O O   . ALA A 54 ? 0.8282 0.4627 0.3369 0.1326  -0.1087 0.0050  477 ALA A O   
775  C CB  . ALA A 54 ? 0.5891 0.3283 0.1972 0.0792  -0.1099 0.0203  477 ALA A CB  
781  N N   . VAL A 55 ? 0.9192 0.5982 0.4635 0.1235  -0.1225 0.0091  478 VAL A N   
782  C CA  . VAL A 55 ? 1.0265 0.6531 0.5238 0.1540  -0.1364 -0.0027 478 VAL A CA  
783  C C   . VAL A 55 ? 1.0857 0.6969 0.5754 0.1642  -0.1621 -0.0115 478 VAL A C   
784  O O   . VAL A 55 ? 1.0111 0.6610 0.5380 0.1464  -0.1739 -0.0058 478 VAL A O   
785  C CB  . VAL A 55 ? 0.9126 0.5460 0.4081 0.1618  -0.1392 -0.0025 478 VAL A CB  
786  C CG1 . VAL A 55 ? 1.0322 0.6098 0.4777 0.1953  -0.1552 -0.0165 478 VAL A CG1 
787  C CG2 . VAL A 55 ? 0.8626 0.5004 0.3599 0.1540  -0.1173 0.0041  478 VAL A CG2 
788  N N   . LEU A 56 ? 1.1082 0.6607 0.5484 0.1934  -0.1716 -0.0248 479 LEU A N   
789  C CA  . LEU A 56 ? 1.1603 0.6846 0.5848 0.2083  -0.1988 -0.0370 479 LEU A CA  
790  C C   . LEU A 56 ? 1.2272 0.7202 0.6232 0.2342  -0.2207 -0.0494 479 LEU A C   
791  O O   . LEU A 56 ? 1.2669 0.7194 0.6198 0.2589  -0.2144 -0.0563 479 LEU A O   
792  C CB  . LEU A 56 ? 1.0764 0.5573 0.4637 0.2265  -0.1948 -0.0447 479 LEU A CB  
793  C CG  . LEU A 56 ? 1.0923 0.6040 0.5085 0.2036  -0.1798 -0.0350 479 LEU A CG  
794  C CD1 . LEU A 56 ? 1.1071 0.5814 0.4837 0.2258  -0.1719 -0.0402 479 LEU A CD1 
795  C CD2 . LEU A 56 ? 1.0230 0.5579 0.4740 0.1853  -0.2002 -0.0345 479 LEU A CD2 
796  N N   . ALA A 65 ? 1.5889 0.8807 0.7592 0.3707  -0.1832 -0.0777 488 ALA A N   
797  C CA  . ALA A 65 ? 1.5144 0.8585 0.7459 0.3286  -0.1798 -0.0683 488 ALA A CA  
798  C C   . ALA A 65 ? 1.5066 0.8629 0.7466 0.3281  -0.1777 -0.0678 488 ALA A C   
799  O O   . ALA A 65 ? 1.4257 0.8276 0.7126 0.2949  -0.1684 -0.0574 488 ALA A O   
800  C CB  . ALA A 65 ? 1.4458 0.8351 0.7106 0.2968  -0.1529 -0.0490 488 ALA A CB  
801  N N   . ARG A 66 ? 1.4671 1.0111 0.6282 -0.1120 -0.1714 -0.0291 489 ARG A N   
802  C CA  . ARG A 66 ? 1.4188 0.9813 0.5728 -0.1038 -0.1589 -0.0391 489 ARG A CA  
803  C C   . ARG A 66 ? 1.3980 0.9619 0.5744 -0.0930 -0.1581 -0.0427 489 ARG A C   
804  O O   . ARG A 66 ? 1.3814 0.9701 0.5802 -0.0828 -0.1464 -0.0451 489 ARG A O   
805  C CB  . ARG A 66 ? 1.4194 0.9683 0.5232 -0.1084 -0.1595 -0.0488 489 ARG A CB  
806  N N   . ASP A 67 ? 1.3575 0.8957 0.5265 -0.0956 -0.1709 -0.0428 490 ASP A N   
807  C CA  . ASP A 67 ? 1.2931 0.8269 0.4765 -0.0876 -0.1717 -0.0463 490 ASP A CA  
808  C C   . ASP A 67 ? 1.2644 0.8176 0.4999 -0.0792 -0.1675 -0.0390 490 ASP A C   
809  O O   . ASP A 67 ? 1.1791 0.7377 0.4310 -0.0699 -0.1627 -0.0424 490 ASP A O   
810  C CB  . ASP A 67 ? 1.3605 0.8647 0.5258 -0.0953 -0.1881 -0.0462 490 ASP A CB  
811  C CG  . ASP A 67 ? 1.5385 1.0205 0.6576 -0.0980 -0.1894 -0.0580 490 ASP A CG  
812  O OD1 . ASP A 67 ? 1.5102 0.9959 0.6016 -0.0966 -0.1798 -0.0658 490 ASP A OD1 
813  O OD2 . ASP A 67 ? 1.6331 1.0938 0.7421 -0.1019 -0.1999 -0.0596 490 ASP A OD2 
818  N N   . THR A 68 ? 1.2717 0.8328 0.5308 -0.0824 -0.1691 -0.0293 491 THR A N   
819  C CA  . THR A 68 ? 1.2264 0.8037 0.5338 -0.0752 -0.1651 -0.0225 491 THR A CA  
820  C C   . THR A 68 ? 1.1280 0.7364 0.4543 -0.0677 -0.1489 -0.0245 491 THR A C   
821  O O   . THR A 68 ? 1.0899 0.7125 0.4470 -0.0577 -0.1427 -0.0249 491 THR A O   
822  C CB  . THR A 68 ? 1.2419 0.8135 0.5647 -0.0809 -0.1721 -0.0124 491 THR A CB  
823  O OG1 . THR A 68 ? 1.4785 1.0518 0.7806 -0.0889 -0.1689 -0.0109 491 THR A OG1 
824  C CG2 . THR A 68 ? 1.1709 0.7195 0.4813 -0.0860 -0.1882 -0.0101 491 THR A CG2 
832  N N   . ILE A 69 ? 1.0696 0.6904 0.3772 -0.0728 -0.1423 -0.0256 492 ILE A N   
833  C CA  . ILE A 69 ? 1.0841 0.7409 0.4082 -0.0672 -0.1274 -0.0269 492 ILE A CA  
834  C C   . ILE A 69 ? 1.0177 0.6891 0.3378 -0.0550 -0.1184 -0.0369 492 ILE A C   
835  O O   . ILE A 69 ? 0.9303 0.6284 0.2815 -0.0454 -0.1089 -0.0367 492 ILE A O   
836  C CB  . ILE A 69 ? 1.0297 0.6971 0.3275 -0.0763 -0.1229 -0.0264 492 ILE A CB  
837  C CG1 . ILE A 69 ? 0.9878 0.6499 0.3012 -0.0864 -0.1268 -0.0154 492 ILE A CG1 
838  C CG2 . ILE A 69 ? 0.9685 0.6776 0.2695 -0.0688 -0.1073 -0.0315 492 ILE A CG2 
839  C CD1 . ILE A 69 ? 1.0410 0.6672 0.3524 -0.0923 -0.1415 -0.0096 492 ILE A CD1 
851  N N   . THR A 70 ? 1.0049 0.6570 0.2851 -0.0555 -0.1214 -0.0458 493 THR A N   
852  C CA  . THR A 70 ? 1.0572 0.7152 0.3255 -0.0439 -0.1130 -0.0565 493 THR A CA  
853  C C   . THR A 70 ? 0.9828 0.6298 0.2792 -0.0359 -0.1163 -0.0553 493 THR A C   
854  O O   . THR A 70 ? 0.9670 0.6292 0.2750 -0.0239 -0.1064 -0.0600 493 THR A O   
855  C CB  . THR A 70 ? 1.2310 0.8620 0.4456 -0.0473 -0.1165 -0.0669 493 THR A CB  
856  O OG1 . THR A 70 ? 1.2571 0.8899 0.4573 -0.0350 -0.1069 -0.0778 493 THR A OG1 
857  C CG2 . THR A 70 ? 1.2461 0.8355 0.4470 -0.0565 -0.1336 -0.0645 493 THR A CG2 
865  N N   . TRP A 71 ? 0.9763 0.5980 0.2830 -0.0422 -0.1299 -0.0485 494 TRP A N   
866  C CA  . TRP A 71 ? 0.9431 0.5550 0.2775 -0.0359 -0.1344 -0.0459 494 TRP A CA  
867  C C   . TRP A 71 ? 0.9759 0.6184 0.3602 -0.0273 -0.1251 -0.0400 494 TRP A C   
868  O O   . TRP A 71 ? 1.0552 0.7040 0.4582 -0.0162 -0.1196 -0.0423 494 TRP A O   
869  C CB  . TRP A 71 ? 0.9518 0.5377 0.2875 -0.0455 -0.1509 -0.0391 494 TRP A CB  
870  C CG  . TRP A 71 ? 0.9239 0.5003 0.2846 -0.0406 -0.1567 -0.0363 494 TRP A CG  
871  C CD1 . TRP A 71 ? 0.9588 0.5096 0.2983 -0.0423 -0.1652 -0.0406 494 TRP A CD1 
872  C CD2 . TRP A 71 ? 0.9280 0.5193 0.3382 -0.0342 -0.1546 -0.0286 494 TRP A CD2 
873  N NE1 . TRP A 71 ? 0.9181 0.4691 0.2916 -0.0376 -0.1689 -0.0354 494 TRP A NE1 
874  C CE2 . TRP A 71 ? 0.8551 0.4308 0.2727 -0.0316 -0.1620 -0.0284 494 TRP A CE2 
875  C CE3 . TRP A 71 ? 0.9056 0.5204 0.3527 -0.0310 -0.1471 -0.0222 494 TRP A CE3 
876  C CZ2 . TRP A 71 ? 0.7985 0.3829 0.2603 -0.0251 -0.1614 -0.0223 494 TRP A CZ2 
877  C CZ3 . TRP A 71 ? 0.7491 0.3703 0.2392 -0.0244 -0.1462 -0.0170 494 TRP A CZ3 
878  C CH2 . TRP A 71 ? 0.7456 0.3524 0.2435 -0.0209 -0.1530 -0.0171 494 TRP A CH2 
889  N N   . MET A 72 ? 0.9889 0.6480 0.3924 -0.0327 -0.1234 -0.0325 495 MET A N   
890  C CA  . MET A 72 ? 0.8442 0.5309 0.2935 -0.0267 -0.1149 -0.0268 495 MET A CA  
891  C C   . MET A 72 ? 0.8378 0.5604 0.2927 -0.0175 -0.0997 -0.0323 495 MET A C   
892  O O   . MET A 72 ? 0.7298 0.4697 0.2179 -0.0075 -0.0930 -0.0315 495 MET A O   
893  C CB  . MET A 72 ? 0.8120 0.5030 0.2717 -0.0366 -0.1167 -0.0185 495 MET A CB  
894  C CG  . MET A 72 ? 0.9031 0.5646 0.3679 -0.0428 -0.1301 -0.0120 495 MET A CG  
895  S SD  . MET A 72 ? 1.0342 0.6947 0.5076 -0.0531 -0.1316 -0.0030 495 MET A SD  
896  C CE  . MET A 72 ? 0.8347 0.4599 0.3012 -0.0576 -0.1487 0.0013  495 MET A CE  
906  N N   . ARG A 73 ? 0.9570 0.6925 0.3788 -0.0204 -0.0942 -0.0379 496 ARG A N   
907  C CA  . ARG A 73 ? 0.9001 0.6753 0.3229 -0.0118 -0.0794 -0.0433 496 ARG A CA  
908  C C   . ARG A 73 ? 0.8646 0.6321 0.2829 0.0013  -0.0747 -0.0513 496 ARG A C   
909  O O   . ARG A 73 ? 0.8281 0.6268 0.2558 0.0104  -0.0621 -0.0545 496 ARG A O   
910  C CB  . ARG A 73 ? 0.8714 0.6597 0.2546 -0.0172 -0.0749 -0.0482 496 ARG A CB  
911  C CG  . ARG A 73 ? 0.9093 0.7141 0.2987 -0.0279 -0.0754 -0.0398 496 ARG A CG  
912  C CD  . ARG A 73 ? 0.9333 0.7426 0.2791 -0.0338 -0.0734 -0.0441 496 ARG A CD  
913  N NE  . ARG A 73 ? 1.0286 0.8509 0.3782 -0.0441 -0.0733 -0.0355 496 ARG A NE  
914  C CZ  . ARG A 73 ? 1.0134 0.8291 0.3276 -0.0537 -0.0749 -0.0356 496 ARG A CZ  
915  N NH1 . ARG A 73 ? 1.0155 0.8150 0.2888 -0.0535 -0.0765 -0.0444 496 ARG A NH1 
916  N NH2 . ARG A 73 ? 0.9714 0.7929 0.2892 -0.0649 -0.0750 -0.0269 496 ARG A NH2 
930  N N   . THR A 74 ? 0.8284 0.5527 0.2304 0.0014  -0.0854 -0.0539 497 THR A N   
931  C CA  . THR A 74 ? 0.9043 0.6098 0.2957 0.0132  -0.0833 -0.0612 497 THR A CA  
932  C C   . THR A 74 ? 0.8730 0.5733 0.3069 0.0205  -0.0866 -0.0549 497 THR A C   
933  O O   . THR A 74 ? 1.0263 0.7278 0.4678 0.0338  -0.0801 -0.0582 497 THR A O   
934  C CB  . THR A 74 ? 1.0246 0.6843 0.3682 0.0081  -0.0937 -0.0681 497 THR A CB  
935  O OG1 . THR A 74 ? 1.1187 0.7818 0.4218 0.0024  -0.0900 -0.0747 497 THR A OG1 
936  C CG2 . THR A 74 ? 0.9396 0.5740 0.2665 0.0199  -0.0915 -0.0758 497 THR A CG2 
944  N N   . GLN A 75 ? 0.8079 0.5013 0.2677 0.0127  -0.0964 -0.0457 498 GLN A N   
945  C CA  . GLN A 75 ? 0.7661 0.4485 0.2613 0.0182  -0.1017 -0.0401 498 GLN A CA  
946  C C   . GLN A 75 ? 0.6650 0.3786 0.2121 0.0232  -0.0940 -0.0331 498 GLN A C   
947  O O   . GLN A 75 ? 0.7014 0.4164 0.2793 0.0338  -0.0919 -0.0313 498 GLN A O   
948  C CB  . GLN A 75 ? 0.8465 0.4980 0.3347 0.0072  -0.1176 -0.0354 498 GLN A CB  
949  C CG  . GLN A 75 ? 0.8802 0.4980 0.3194 0.0011  -0.1270 -0.0419 498 GLN A CG  
950  C CD  . GLN A 75 ? 1.0365 0.6359 0.4648 0.0105  -0.1265 -0.0477 498 GLN A CD  
951  O OE1 . GLN A 75 ? 0.8363 0.4380 0.2972 0.0185  -0.1265 -0.0435 498 GLN A OE1 
952  N NE2 . GLN A 75 ? 1.0462 0.6249 0.4262 0.0100  -0.1257 -0.0576 498 GLN A NE2 
961  N N   . LEU A 76 ? 0.6273 0.3640 0.1825 0.0150  -0.0902 -0.0292 499 LEU A N   
962  C CA  . LEU A 76 ? 0.6615 0.4238 0.2624 0.0165  -0.0840 -0.0226 499 LEU A CA  
963  C C   . LEU A 76 ? 0.5264 0.3262 0.1506 0.0272  -0.0702 -0.0244 499 LEU A C   
964  O O   . LEU A 76 ? 0.5122 0.3258 0.1780 0.0328  -0.0657 -0.0205 499 LEU A O   
965  C CB  . LEU A 76 ? 0.6583 0.4292 0.2553 0.0030  -0.0852 -0.0175 499 LEU A CB  
966  C CG  . LEU A 76 ? 0.6545 0.3892 0.2325 -0.0077 -0.0988 -0.0140 499 LEU A CG  
967  C CD1 . LEU A 76 ? 0.6027 0.3431 0.1793 -0.0195 -0.0990 -0.0083 499 LEU A CD1 
968  C CD2 . LEU A 76 ? 0.5765 0.2879 0.1784 -0.0040 -0.1064 -0.0108 499 LEU A CD2 
980  N N   . PRO A 77 ? 0.5592 0.3759 0.1562 0.0301  -0.0629 -0.0306 500 PRO A N   
981  C CA  . PRO A 77 ? 0.5888 0.4401 0.2071 0.0405  -0.0501 -0.0314 500 PRO A CA  
982  C C   . PRO A 77 ? 0.4957 0.3325 0.1405 0.0582  -0.0499 -0.0315 500 PRO A C   
983  O O   . PRO A 77 ? 0.4451 0.3081 0.1276 0.0669  -0.0424 -0.0281 500 PRO A O   
984  C CB  . PRO A 77 ? 0.5844 0.4437 0.1591 0.0416  -0.0430 -0.0394 500 PRO A CB  
985  C CG  . PRO A 77 ? 0.6291 0.4784 0.1700 0.0274  -0.0498 -0.0407 500 PRO A CG  
986  C CD  . PRO A 77 ? 0.6252 0.4343 0.1724 0.0234  -0.0641 -0.0369 500 PRO A CD  
994  N N   . ARG A 78 ? 0.6224 0.4189 0.2476 0.0631  -0.0588 -0.0349 501 ARG A N   
995  C CA  . ARG A 78 ? 0.5361 0.3170 0.1845 0.0789  -0.0605 -0.0338 501 ARG A CA  
996  C C   . ARG A 78 ? 0.4791 0.2709 0.1801 0.0800  -0.0606 -0.0271 501 ARG A C   
997  O O   . ARG A 78 ? 0.5366 0.3423 0.2738 0.0952  -0.0550 -0.0255 501 ARG A O   
998  C CB  . ARG A 78 ? 0.7031 0.4377 0.3212 0.0775  -0.0729 -0.0365 501 ARG A CB  
999  C CG  . ARG A 78 ? 1.0122 0.7248 0.5723 0.0700  -0.0760 -0.0442 501 ARG A CG  
1000 C CD  . ARG A 78 ? 1.0574 0.7247 0.5930 0.0682  -0.0888 -0.0460 501 ARG A CD  
1001 N NE  . ARG A 78 ? 1.0590 0.6994 0.5426 0.0559  -0.0956 -0.0523 501 ARG A NE  
1002 C CZ  . ARG A 78 ? 1.0353 0.6671 0.4745 0.0589  -0.0891 -0.0622 501 ARG A CZ  
1003 N NH1 . ARG A 78 ? 1.0034 0.6530 0.4430 0.0743  -0.0748 -0.0663 501 ARG A NH1 
1004 N NH2 . ARG A 78 ? 1.3171 0.9223 0.7108 0.0473  -0.0961 -0.0679 501 ARG A NH2 
1018 N N   . VAL A 79 ? 0.4756 0.2591 0.1784 0.0649  -0.0667 -0.0238 502 VAL A N   
1019 C CA  . VAL A 79 ? 0.5104 0.2936 0.2540 0.0638  -0.0667 -0.0196 502 VAL A CA  
1020 C C   . VAL A 79 ? 0.4238 0.2462 0.2009 0.0632  -0.0549 -0.0176 502 VAL A C   
1021 O O   . VAL A 79 ? 0.4740 0.3028 0.2906 0.0691  -0.0494 -0.0174 502 VAL A O   
1022 C CB  . VAL A 79 ? 0.4734 0.2308 0.2014 0.0480  -0.0777 -0.0165 502 VAL A CB  
1023 C CG1 . VAL A 79 ? 0.5221 0.2762 0.2870 0.0464  -0.0762 -0.0139 502 VAL A CG1 
1024 C CG2 . VAL A 79 ? 0.5488 0.2703 0.2448 0.0464  -0.0904 -0.0179 502 VAL A CG2 
1034 N N   . ALA A 80 ? 0.4976 0.3471 0.2569 0.0549  -0.0505 -0.0168 503 ALA A N   
1035 C CA  . ALA A 80 ? 0.4314 0.3196 0.2164 0.0485  -0.0419 -0.0130 503 ALA A CA  
1036 C C   . ALA A 80 ? 0.3066 0.2257 0.1230 0.0647  -0.0314 -0.0139 503 ALA A C   
1037 O O   . ALA A 80 ? 0.3295 0.2749 0.1826 0.0647  -0.0245 -0.0114 503 ALA A O   
1038 C CB  . ALA A 80 ? 0.3577 0.2658 0.1108 0.0319  -0.0419 -0.0111 503 ALA A CB  
1044 N N   . GLY A 81 ? 0.4127 0.2955 0.1920 0.1100  0.0600  0.0396  504 GLY A N   
1045 C CA  . GLY A 81 ? 0.3985 0.2808 0.1819 0.1186  0.0656  0.0511  504 GLY A CA  
1046 C C   . GLY A 81 ? 0.3797 0.2807 0.1696 0.1360  0.0774  0.0452  504 GLY A C   
1047 O O   . GLY A 81 ? 0.3919 0.2760 0.1720 0.1446  0.0756  0.0360  504 GLY A O   
1051 N N   . ALA A 82 ? 0.3768 0.3219 0.2012 0.1304  0.0787  0.0523  505 ALA A N   
1052 C CA  . ALA A 82 ? 0.3993 0.3695 0.2420 0.1321  0.0779  0.0521  505 ALA A CA  
1053 C C   . ALA A 82 ? 0.2805 0.2635 0.1307 0.1160  0.0702  0.0422  505 ALA A C   
1054 O O   . ALA A 82 ? 0.3320 0.3312 0.1849 0.1129  0.0696  0.0422  505 ALA A O   
1055 C CB  . ALA A 82 ? 0.3034 0.3069 0.1706 0.1283  0.0793  0.0625  505 ALA A CB  
1061 N N   . ALA A 83 ? 0.3039 0.2810 0.1521 0.1070  0.0644  0.0353  506 ALA A N   
1062 C CA  . ALA A 83 ? 0.2985 0.2741 0.1411 0.0960  0.0565  0.0265  506 ALA A CA  
1063 C C   . ALA A 83 ? 0.4262 0.3840 0.2547 0.0967  0.0559  0.0208  506 ALA A C   
1064 O O   . ALA A 83 ? 0.4457 0.3825 0.2642 0.1070  0.0589  0.0193  506 ALA A O   
1065 C CB  . ALA A 83 ? 0.2958 0.2689 0.1351 0.0957  0.0494  0.0205  506 ALA A CB  
1071 N N   . GLN A 84 ? 0.4902 0.4538 0.3115 0.0839  0.0512  0.0183  507 GLN A N   
1072 C CA  . GLN A 84 ? 0.4822 0.4389 0.2913 0.0813  0.0503  0.0141  507 GLN A CA  
1073 C C   . GLN A 84 ? 0.4930 0.4219 0.2896 0.0781  0.0414  0.0046  507 GLN A C   
1074 O O   . GLN A 84 ? 0.4672 0.3882 0.2572 0.0723  0.0327  0.0020  507 GLN A O   
1075 C CB  . GLN A 84 ? 0.4796 0.4639 0.2822 0.0622  0.0488  0.0205  507 GLN A CB  
1076 C CG  . GLN A 84 ? 0.5920 0.5889 0.3863 0.0621  0.0518  0.0207  507 GLN A CG  
1077 C CD  . GLN A 84 ? 0.8445 0.8720 0.6286 0.0394  0.0504  0.0320  507 GLN A CD  
1078 O OE1 . GLN A 84 ? 0.8761 0.9057 0.6543 0.0237  0.0464  0.0401  507 GLN A OE1 
1079 N NE2 . GLN A 84 ? 0.8909 0.9370 0.6671 0.0408  0.0535  0.0343  507 GLN A NE2 
1088 N N   . VAL A 85 ? 0.3829 0.2952 0.1740 0.0845  0.0420  -0.0004 508 VAL A N   
1089 C CA  . VAL A 85 ? 0.4165 0.3065 0.1991 0.0813  0.0332  -0.0082 508 VAL A CA  
1090 C C   . VAL A 85 ? 0.4466 0.3331 0.2183 0.0754  0.0318  -0.0116 508 VAL A C   
1091 O O   . VAL A 85 ? 0.5532 0.4500 0.3236 0.0813  0.0389  -0.0103 508 VAL A O   
1092 C CB  . VAL A 85 ? 0.6767 0.5528 0.4604 0.0890  0.0332  -0.0108 508 VAL A CB  
1093 C CG1 . VAL A 85 ? 0.7530 0.6160 0.5309 0.0852  0.0245  -0.0178 508 VAL A CG1 
1094 C CG2 . VAL A 85 ? 0.6139 0.5041 0.4062 0.0932  0.0345  -0.0071 508 VAL A CG2 
1104 N N   . ASP A 86 ? 0.5448 0.4179 0.3065 0.0666  0.0216  -0.0155 509 ASP A N   
1105 C CA  . ASP A 86 ? 0.4197 0.2909 0.1699 0.0587  0.0187  -0.0181 509 ASP A CA  
1106 C C   . ASP A 86 ? 0.4263 0.2713 0.1720 0.0583  0.0081  -0.0236 509 ASP A C   
1107 O O   . ASP A 86 ? 0.5710 0.4022 0.3124 0.0594  -0.0011 -0.0236 509 ASP A O   
1108 C CB  . ASP A 86 ? 0.4289 0.3244 0.1660 0.0399  0.0148  -0.0106 509 ASP A CB  
1109 C CG  . ASP A 86 ? 0.6852 0.6241 0.4287 0.0373  0.0259  -0.0017 509 ASP A CG  
1110 O OD1 . ASP A 86 ? 0.7153 0.6745 0.4556 0.0391  0.0326  -0.0013 509 ASP A OD1 
1111 O OD2 . ASP A 86 ? 0.6937 0.6449 0.4441 0.0347  0.0276  0.0047  509 ASP A OD2 
1116 N N   . VAL A 87 ? 0.5521 0.3919 0.2974 0.0593  0.0091  -0.0278 510 VAL A N   
1117 C CA  . VAL A 87 ? 0.5483 0.3716 0.2912 0.0582  -0.0001 -0.0313 510 VAL A CA  
1118 C C   . VAL A 87 ? 0.6831 0.4991 0.4086 0.0470  -0.0063 -0.0314 510 VAL A C   
1119 O O   . VAL A 87 ? 0.7125 0.5468 0.4343 0.0418  -0.0004 -0.0320 510 VAL A O   
1120 C CB  . VAL A 87 ? 0.6052 0.4262 0.3557 0.0627  0.0028  -0.0355 510 VAL A CB  
1121 C CG1 . VAL A 87 ? 0.5354 0.3453 0.2812 0.0628  -0.0064 -0.0382 510 VAL A CG1 
1122 C CG2 . VAL A 87 ? 0.4628 0.2871 0.2203 0.0696  0.0073  -0.0344 510 VAL A CG2 
1132 N N   . GLY A 88 ? 0.7235 0.5125 0.4337 0.0453  -0.0193 -0.0300 511 GLY A N   
1133 C CA  . GLY A 88 ? 0.6602 0.4342 0.3492 0.0317  -0.0286 -0.0283 511 GLY A CA  
1134 C C   . GLY A 88 ? 0.7100 0.4842 0.4017 0.0329  -0.0271 -0.0326 511 GLY A C   
1135 O O   . GLY A 88 ? 0.8044 0.5823 0.4836 0.0202  -0.0302 -0.0317 511 GLY A O   
# 
